data_7ZJI
#
_entry.id   7ZJI
#
_cell.length_a   1.00
_cell.length_b   1.00
_cell.length_c   1.00
_cell.angle_alpha   90.00
_cell.angle_beta   90.00
_cell.angle_gamma   90.00
#
_symmetry.space_group_name_H-M   'P 1'
#
_entity_poly.entity_id   1
_entity_poly.type   'polypeptide(L)'
_entity_poly.pdbx_seq_one_letter_code
;MTSASSPPAFRLETSDGDEEGNAEVNKGKQEPPPMESPFQREDRNSSPQIKVNLNFIKRPPKNTSAPSQQEPDRFDRDRL
FSVVSRGVPEELTGLLEYLRWNSKYLTDSAYTEGSTGKTCLMKAVLNLQDGVNACIMPLLQIDKDSGNPKPLVNAQCIDE
FYQGHSALHIAIEKRSLQCVKLLVENGADVHLRACGRFFQKHQGTCFYFGELPLSLAACTKQWDVVTYLLENPHQPASLE
ATDSLGNTVLHALVMIADNSPENSALVIHMYDGLLQMGARLCPTVQLEEISNHQGLTPLKLAAKEGKIEIFRHILQREFS
GPYQPLSRKFTEWCYGPVRVSLYDLSSVDSWEKNSVLEIIAFHCKSPNRHRMVVLEPLNKLLQEKWDRLVSRFFFNFACY
LVYMFIFTVVAYHQPSLDQPAIPSSKATFGESMLLLGHILILLGGIYLLLGQLWYFWRRRLFIWISFMDSYFEILFLLQA
LLTVLSQVLRFMETEWYLPLLVLSLVLGWLNLLYYTRGFQHTGIYSVMIQKVILRDLLRFLLVYLVFLFGFAVALVSLSR
EARSPKAPEDSSSTVTEQPTVGQEEEPAPYRSILDASLELFKFTIGMGELAFQEQLRFRGVVLLLLLAYVLLTYVLLLNM
LIALMSETVNHVADNSWSIWKLQKAISVLEMENGYWWCRRKKHREGRLLKVGTRGDGTPDERWCFRVEEVNWAAWEKTLP
TLSEDPSGPGITGNKKNPTSKPGKNSASEEDHLPLQVLQSPAAAGLVPRGSVAAAVSKGEELFTGVVPILVELDGDVNGH
KFSVSGEGEGDATYGKLTLKFICTTGKLPVPWPTLVTTLTYGVQCFSRYPDHMKQHDFFKSAMPEGYVQERTIFFKDDGN
YKTRAEVKFEGDTLVNRIELKGIDFKEDGNILGHKLEYNYNSHNVYIMADKQKNGIKVNFKIRHNIEDGSVQLADHYQQN
TPIGDGPVLLPDNHYLSTQSKLSKDPNEKRDHMVLLEFVTAAGITLGMDELYKSGLRSHHHHHHHH
;
_entity_poly.pdbx_strand_id   B,A,C,D
#
# COMPACT_ATOMS: atom_id res chain seq x y z
N PHE A 75 -25.62 -3.91 -78.22
CA PHE A 75 -24.38 -4.57 -77.84
C PHE A 75 -23.87 -4.04 -76.50
N ASP A 76 -23.13 -2.93 -76.56
CA ASP A 76 -22.56 -2.31 -75.37
C ASP A 76 -23.52 -1.24 -74.85
N ARG A 77 -24.53 -1.69 -74.13
CA ARG A 77 -25.51 -0.80 -73.54
C ARG A 77 -24.87 0.05 -72.44
N ASP A 78 -25.19 1.34 -72.43
CA ASP A 78 -24.65 2.23 -71.41
C ASP A 78 -25.20 1.95 -70.02
N ARG A 79 -26.30 1.20 -69.91
CA ARG A 79 -26.83 0.86 -68.60
C ARG A 79 -25.92 -0.09 -67.83
N LEU A 80 -25.10 -0.86 -68.55
CA LEU A 80 -24.17 -1.80 -67.92
C LEU A 80 -22.95 -1.03 -67.43
N PHE A 81 -22.88 -0.82 -66.11
CA PHE A 81 -21.77 -0.06 -65.53
C PHE A 81 -21.08 -0.87 -64.44
N SER A 82 -21.85 -1.65 -63.69
CA SER A 82 -21.32 -2.45 -62.58
C SER A 82 -20.97 -3.87 -63.00
N VAL A 83 -21.09 -4.19 -64.29
CA VAL A 83 -20.83 -5.55 -64.77
C VAL A 83 -19.69 -5.61 -65.78
N VAL A 84 -19.40 -4.53 -66.50
CA VAL A 84 -18.40 -4.58 -67.56
C VAL A 84 -17.03 -4.93 -66.99
N SER A 85 -16.59 -4.20 -65.97
CA SER A 85 -15.29 -4.45 -65.36
C SER A 85 -15.27 -4.32 -63.85
N ARG A 86 -16.41 -4.05 -63.21
CA ARG A 86 -16.43 -3.85 -61.76
C ARG A 86 -16.52 -5.15 -60.98
N GLY A 87 -16.64 -6.29 -61.65
CA GLY A 87 -16.72 -7.57 -60.98
C GLY A 87 -15.45 -8.39 -61.08
N VAL A 88 -14.83 -8.38 -62.26
CA VAL A 88 -13.63 -9.16 -62.54
C VAL A 88 -12.54 -8.19 -62.95
N PRO A 89 -11.34 -8.27 -62.35
CA PRO A 89 -10.25 -7.36 -62.75
C PRO A 89 -9.68 -7.73 -64.11
N GLU A 90 -10.01 -6.93 -65.14
CA GLU A 90 -9.51 -7.16 -66.48
C GLU A 90 -9.73 -5.89 -67.29
N GLU A 91 -9.14 -5.87 -68.49
CA GLU A 91 -9.23 -4.74 -69.40
C GLU A 91 -9.93 -5.18 -70.67
N LEU A 92 -10.92 -4.40 -71.11
CA LEU A 92 -11.65 -4.71 -72.33
C LEU A 92 -12.02 -3.41 -73.03
N THR A 93 -12.13 -3.50 -74.35
CA THR A 93 -12.53 -2.37 -75.17
C THR A 93 -14.04 -2.39 -75.40
N GLY A 94 -14.52 -1.56 -76.31
CA GLY A 94 -15.94 -1.52 -76.63
C GLY A 94 -16.81 -0.82 -75.62
N LEU A 95 -16.24 0.01 -74.76
CA LEU A 95 -16.98 0.74 -73.74
C LEU A 95 -17.02 2.23 -74.07
N LEU A 96 -17.87 2.95 -73.34
CA LEU A 96 -18.07 4.38 -73.54
C LEU A 96 -18.55 4.69 -74.96
N GLU A 97 -17.62 5.01 -75.86
CA GLU A 97 -17.93 5.53 -77.18
C GLU A 97 -18.11 4.42 -78.22
N TYR A 98 -18.51 3.23 -77.81
CA TYR A 98 -18.77 2.16 -78.78
C TYR A 98 -19.92 2.53 -79.71
N LEU A 99 -21.02 3.04 -79.15
CA LEU A 99 -22.19 3.39 -79.93
C LEU A 99 -22.72 4.74 -79.47
N ARG A 100 -23.30 5.50 -80.41
CA ARG A 100 -23.83 6.83 -80.15
C ARG A 100 -22.77 7.73 -79.52
N TRP A 101 -21.64 7.88 -80.23
CA TRP A 101 -20.55 8.70 -79.73
C TRP A 101 -20.93 10.16 -79.63
N ASN A 102 -21.81 10.64 -80.51
CA ASN A 102 -22.22 12.04 -80.47
C ASN A 102 -22.96 12.36 -79.17
N SER A 103 -23.87 11.49 -78.76
CA SER A 103 -24.60 11.72 -77.51
C SER A 103 -23.67 11.68 -76.31
N LYS A 104 -22.72 10.75 -76.30
CA LYS A 104 -21.77 10.65 -75.20
C LYS A 104 -20.90 11.91 -75.14
N TYR A 105 -20.46 12.41 -76.30
CA TYR A 105 -19.67 13.63 -76.30
C TYR A 105 -20.49 14.83 -75.85
N LEU A 106 -21.78 14.85 -76.20
CA LEU A 106 -22.63 15.98 -75.85
C LEU A 106 -22.93 16.02 -74.36
N THR A 107 -23.30 14.87 -73.78
CA THR A 107 -23.81 14.84 -72.42
C THR A 107 -23.16 13.81 -71.50
N ASP A 108 -22.52 12.78 -72.02
CA ASP A 108 -21.98 11.69 -71.22
C ASP A 108 -20.46 11.69 -71.22
N SER A 109 -19.86 12.87 -71.16
CA SER A 109 -18.40 13.00 -71.17
C SER A 109 -17.89 12.78 -69.76
N ALA A 110 -17.67 11.50 -69.41
CA ALA A 110 -17.17 11.11 -68.10
C ALA A 110 -18.07 11.58 -66.96
N TYR A 111 -19.37 11.76 -67.25
CA TYR A 111 -20.33 12.21 -66.26
C TYR A 111 -21.35 11.16 -65.87
N THR A 112 -21.72 10.27 -66.80
CA THR A 112 -22.65 9.18 -66.52
C THR A 112 -21.96 7.93 -66.01
N GLU A 113 -20.63 7.94 -65.90
CA GLU A 113 -19.92 6.78 -65.39
C GLU A 113 -20.31 6.51 -63.94
N GLY A 114 -20.58 5.23 -63.65
CA GLY A 114 -21.05 4.87 -62.32
C GLY A 114 -22.38 5.48 -61.96
N SER A 115 -23.27 5.66 -62.94
CA SER A 115 -24.59 6.27 -62.73
C SER A 115 -24.46 7.64 -62.07
N THR A 116 -23.56 8.46 -62.62
CA THR A 116 -23.30 9.81 -62.12
C THR A 116 -22.91 9.77 -60.63
N GLY A 117 -21.78 9.14 -60.37
CA GLY A 117 -21.27 8.92 -59.04
C GLY A 117 -20.60 7.56 -58.97
N LYS A 118 -20.38 7.10 -57.74
CA LYS A 118 -19.77 5.80 -57.48
C LYS A 118 -18.47 5.63 -58.29
N THR A 119 -17.49 6.47 -57.94
CA THR A 119 -16.26 6.55 -58.72
C THR A 119 -15.56 5.20 -58.76
N CYS A 120 -15.18 4.77 -59.97
CA CYS A 120 -14.58 3.45 -60.13
C CYS A 120 -13.15 3.41 -59.62
N LEU A 121 -12.40 4.50 -59.81
CA LEU A 121 -11.00 4.52 -59.38
C LEU A 121 -10.88 4.39 -57.87
N MET A 122 -11.73 5.10 -57.12
CA MET A 122 -11.66 5.04 -55.66
C MET A 122 -11.96 3.64 -55.16
N LYS A 123 -12.98 2.99 -55.73
CA LYS A 123 -13.39 1.66 -55.30
C LYS A 123 -12.55 0.55 -55.90
N ALA A 124 -11.67 0.86 -56.85
CA ALA A 124 -10.79 -0.13 -57.46
C ALA A 124 -9.43 -0.21 -56.79
N VAL A 125 -9.18 0.62 -55.78
CA VAL A 125 -7.89 0.59 -55.08
C VAL A 125 -7.97 -0.23 -53.79
N LEU A 126 -9.16 -0.44 -53.25
CA LEU A 126 -9.31 -1.17 -51.99
C LEU A 126 -8.79 -2.60 -52.08
N ASN A 127 -8.65 -3.15 -53.28
CA ASN A 127 -8.15 -4.50 -53.44
C ASN A 127 -6.65 -4.57 -53.13
N LEU A 128 -6.09 -5.75 -53.28
CA LEU A 128 -4.69 -6.02 -52.93
C LEU A 128 -3.91 -6.43 -54.17
N GLN A 129 -2.60 -6.65 -53.95
CA GLN A 129 -1.66 -7.15 -54.95
C GLN A 129 -1.33 -6.11 -56.03
N ASP A 130 -2.04 -4.99 -56.01
CA ASP A 130 -1.79 -3.87 -56.93
C ASP A 130 -1.77 -4.35 -58.38
N GLY A 131 -2.69 -5.24 -58.72
CA GLY A 131 -2.75 -5.83 -60.04
C GLY A 131 -3.76 -5.23 -60.99
N VAL A 132 -4.46 -4.18 -60.59
CA VAL A 132 -5.48 -3.55 -61.41
C VAL A 132 -5.05 -2.17 -61.87
N ASN A 133 -4.39 -1.40 -61.01
CA ASN A 133 -4.00 -0.04 -61.35
C ASN A 133 -3.04 -0.01 -62.53
N ALA A 134 -2.25 -1.07 -62.71
CA ALA A 134 -1.35 -1.13 -63.87
C ALA A 134 -2.11 -1.28 -65.18
N CYS A 135 -3.38 -1.70 -65.13
CA CYS A 135 -4.18 -1.92 -66.32
C CYS A 135 -5.25 -0.86 -66.53
N ILE A 136 -5.22 0.23 -65.75
CA ILE A 136 -6.21 1.28 -65.88
C ILE A 136 -5.68 2.36 -66.83
N MET A 137 -4.63 2.04 -67.57
CA MET A 137 -4.15 2.97 -68.59
C MET A 137 -5.23 3.32 -69.61
N PRO A 138 -5.99 2.37 -70.18
CA PRO A 138 -7.17 2.77 -70.96
C PRO A 138 -8.21 3.52 -70.14
N LEU A 139 -8.32 3.22 -68.85
CA LEU A 139 -9.26 3.96 -68.00
C LEU A 139 -8.87 5.42 -67.92
N LEU A 140 -7.57 5.71 -67.74
CA LEU A 140 -7.11 7.10 -67.77
C LEU A 140 -7.18 7.68 -69.17
N GLN A 141 -6.71 6.94 -70.17
CA GLN A 141 -6.67 7.46 -71.52
C GLN A 141 -8.09 7.56 -72.09
N ILE A 142 -8.22 8.36 -73.16
CA ILE A 142 -9.48 8.63 -73.83
C ILE A 142 -10.44 9.34 -72.87
N ASP A 143 -10.62 8.78 -71.68
CA ASP A 143 -11.42 9.45 -70.66
C ASP A 143 -10.85 10.81 -70.29
N LYS A 144 -9.53 10.89 -70.12
CA LYS A 144 -8.89 12.16 -69.82
C LYS A 144 -8.70 12.98 -71.09
N ASP A 145 -8.60 14.29 -70.91
CA ASP A 145 -8.33 15.25 -71.98
C ASP A 145 -9.40 15.24 -73.07
N SER A 146 -10.60 14.75 -72.77
CA SER A 146 -11.68 14.68 -73.76
C SER A 146 -12.96 15.22 -73.11
N GLY A 147 -13.15 16.53 -73.20
CA GLY A 147 -14.38 17.14 -72.73
C GLY A 147 -14.64 17.00 -71.25
N ASN A 148 -13.60 17.00 -70.41
CA ASN A 148 -13.74 16.86 -68.97
C ASN A 148 -12.92 17.96 -68.27
N PRO A 149 -13.41 19.19 -68.28
CA PRO A 149 -12.73 20.25 -67.52
C PRO A 149 -12.69 19.99 -66.03
N LYS A 150 -13.62 19.19 -65.51
CA LYS A 150 -13.67 18.78 -64.11
C LYS A 150 -12.48 17.91 -63.79
N PRO A 151 -12.24 17.54 -62.52
CA PRO A 151 -11.18 16.59 -62.22
C PRO A 151 -11.33 15.31 -63.03
N LEU A 152 -10.23 14.83 -63.57
CA LEU A 152 -10.25 13.76 -64.57
C LEU A 152 -10.87 12.49 -64.02
N VAL A 153 -10.21 11.86 -63.05
CA VAL A 153 -10.74 10.67 -62.39
C VAL A 153 -10.57 10.82 -60.89
N ASN A 154 -9.83 11.85 -60.48
CA ASN A 154 -9.50 12.02 -59.07
C ASN A 154 -10.74 12.27 -58.22
N ALA A 155 -11.63 13.15 -58.69
CA ALA A 155 -12.84 13.51 -57.99
C ALA A 155 -12.55 14.00 -56.58
N GLN A 156 -13.58 14.14 -55.75
CA GLN A 156 -13.38 14.55 -54.36
C GLN A 156 -14.21 13.77 -53.36
N CYS A 157 -15.23 13.03 -53.78
CA CYS A 157 -16.10 12.27 -52.87
C CYS A 157 -16.70 13.18 -51.80
N ILE A 158 -17.51 14.13 -52.30
CA ILE A 158 -18.09 15.17 -51.46
C ILE A 158 -19.41 14.62 -50.89
N ASP A 159 -19.37 14.19 -49.63
CA ASP A 159 -20.55 13.71 -48.92
C ASP A 159 -20.22 13.74 -47.43
N GLU A 160 -21.08 13.11 -46.62
CA GLU A 160 -20.85 13.07 -45.17
C GLU A 160 -19.95 11.89 -44.79
N PHE A 161 -20.38 10.67 -45.09
CA PHE A 161 -19.53 9.51 -44.88
C PHE A 161 -18.41 9.51 -45.92
N TYR A 162 -17.19 9.25 -45.46
CA TYR A 162 -15.99 9.41 -46.30
C TYR A 162 -15.94 10.81 -46.89
N GLN A 163 -16.15 11.82 -46.03
CA GLN A 163 -16.09 13.21 -46.47
C GLN A 163 -14.72 13.52 -47.04
N GLY A 164 -14.69 14.17 -48.19
CA GLY A 164 -13.44 14.42 -48.86
C GLY A 164 -12.83 13.11 -49.35
N HIS A 165 -11.55 12.91 -49.05
CA HIS A 165 -10.80 11.74 -49.49
C HIS A 165 -10.66 11.69 -51.01
N SER A 166 -9.78 10.82 -51.49
CA SER A 166 -9.51 10.64 -52.91
C SER A 166 -8.70 9.36 -53.05
N ALA A 167 -8.25 9.08 -54.28
CA ALA A 167 -7.43 7.90 -54.49
C ALA A 167 -6.08 8.01 -53.79
N LEU A 168 -5.52 9.21 -53.71
CA LEU A 168 -4.23 9.40 -53.06
C LEU A 168 -4.29 9.02 -51.59
N HIS A 169 -5.34 9.45 -50.89
CA HIS A 169 -5.45 9.16 -49.45
C HIS A 169 -5.63 7.68 -49.20
N ILE A 170 -6.45 7.01 -50.02
CA ILE A 170 -6.62 5.57 -49.87
C ILE A 170 -5.31 4.85 -50.14
N ALA A 171 -4.58 5.27 -51.18
CA ALA A 171 -3.31 4.63 -51.50
C ALA A 171 -2.30 4.81 -50.37
N ILE A 172 -2.24 6.01 -49.80
CA ILE A 172 -1.28 6.27 -48.71
C ILE A 172 -1.68 5.53 -47.45
N GLU A 173 -2.98 5.39 -47.18
CA GLU A 173 -3.42 4.66 -46.00
C GLU A 173 -2.91 3.23 -46.01
N LYS A 174 -3.06 2.54 -47.14
CA LYS A 174 -2.54 1.19 -47.27
C LYS A 174 -1.03 1.23 -47.47
N ARG A 175 -0.36 0.18 -47.01
CA ARG A 175 1.09 0.08 -47.12
C ARG A 175 1.47 -0.25 -48.55
N SER A 176 1.21 0.71 -49.44
CA SER A 176 1.43 0.55 -50.86
C SER A 176 2.11 1.80 -51.40
N LEU A 177 3.15 1.61 -52.20
CA LEU A 177 3.90 2.72 -52.78
C LEU A 177 3.86 2.75 -54.30
N GLN A 178 3.79 1.60 -54.95
CA GLN A 178 3.75 1.57 -56.42
C GLN A 178 2.50 2.27 -56.94
N CYS A 179 1.35 2.03 -56.31
CA CYS A 179 0.13 2.74 -56.69
C CYS A 179 0.26 4.22 -56.43
N VAL A 180 0.94 4.61 -55.34
CA VAL A 180 1.17 6.02 -55.07
C VAL A 180 2.02 6.64 -56.17
N LYS A 181 3.08 5.93 -56.58
CA LYS A 181 3.91 6.40 -57.68
C LYS A 181 3.09 6.59 -58.94
N LEU A 182 2.27 5.60 -59.28
CA LEU A 182 1.48 5.67 -60.50
C LEU A 182 0.50 6.84 -60.44
N LEU A 183 -0.15 7.03 -59.29
CA LEU A 183 -1.08 8.14 -59.13
C LEU A 183 -0.38 9.49 -59.26
N VAL A 184 0.78 9.65 -58.63
CA VAL A 184 1.48 10.93 -58.68
C VAL A 184 2.02 11.19 -60.09
N GLU A 185 2.39 10.14 -60.82
CA GLU A 185 3.04 10.34 -62.12
C GLU A 185 2.16 11.10 -63.09
N ASN A 186 0.87 10.75 -63.17
CA ASN A 186 -0.05 11.36 -64.12
C ASN A 186 -1.42 11.60 -63.48
N GLY A 187 -1.42 12.17 -62.27
CA GLY A 187 -2.68 12.33 -61.57
C GLY A 187 -2.85 13.60 -60.77
N ALA A 188 -3.51 13.49 -59.63
CA ALA A 188 -3.94 14.64 -58.86
C ALA A 188 -2.76 15.37 -58.23
N ASP A 189 -2.99 16.65 -57.94
CA ASP A 189 -2.01 17.44 -57.21
C ASP A 189 -1.92 16.96 -55.76
N VAL A 190 -0.80 17.31 -55.12
CA VAL A 190 -0.56 16.86 -53.76
C VAL A 190 -1.20 17.76 -52.72
N HIS A 191 -1.46 19.03 -53.06
CA HIS A 191 -2.09 19.96 -52.13
C HIS A 191 -3.61 19.85 -52.23
N LEU A 192 -4.11 18.72 -51.75
CA LEU A 192 -5.53 18.39 -51.79
C LEU A 192 -6.00 18.08 -50.38
N ARG A 193 -6.74 19.02 -49.77
CA ARG A 193 -7.21 18.84 -48.41
C ARG A 193 -8.08 17.59 -48.30
N ALA A 194 -7.86 16.83 -47.23
CA ALA A 194 -8.55 15.55 -47.09
C ALA A 194 -9.99 15.73 -46.66
N CYS A 195 -10.21 16.31 -45.47
CA CYS A 195 -11.58 16.58 -45.03
C CYS A 195 -12.15 17.78 -45.78
N GLY A 196 -11.36 18.82 -45.96
CA GLY A 196 -11.75 19.95 -46.78
C GLY A 196 -12.99 20.63 -46.24
N ARG A 197 -13.82 21.12 -47.17
CA ARG A 197 -15.09 21.77 -46.87
C ARG A 197 -14.88 23.00 -46.00
N PHE A 198 -15.97 23.59 -45.49
CA PHE A 198 -15.90 24.75 -44.63
C PHE A 198 -16.43 24.48 -43.23
N PHE A 199 -17.14 23.38 -43.02
CA PHE A 199 -17.69 23.02 -41.73
C PHE A 199 -16.83 21.91 -41.14
N GLN A 200 -15.94 22.28 -40.23
CA GLN A 200 -14.94 21.33 -39.71
C GLN A 200 -15.56 20.24 -38.85
N LYS A 201 -16.72 20.50 -38.23
CA LYS A 201 -17.34 19.52 -37.35
C LYS A 201 -17.93 18.34 -38.11
N HIS A 202 -18.01 18.40 -39.43
CA HIS A 202 -18.53 17.31 -40.25
C HIS A 202 -17.37 16.73 -41.07
N GLN A 203 -16.86 15.58 -40.63
CA GLN A 203 -15.82 14.87 -41.36
C GLN A 203 -16.17 13.39 -41.40
N GLY A 204 -15.66 12.70 -42.42
CA GLY A 204 -16.02 11.31 -42.65
C GLY A 204 -15.54 10.36 -41.59
N THR A 205 -14.50 10.72 -40.85
CA THR A 205 -13.95 9.86 -39.81
C THR A 205 -13.30 10.74 -38.74
N CYS A 206 -13.41 10.30 -37.49
CA CYS A 206 -12.88 11.05 -36.35
C CYS A 206 -11.36 10.97 -36.23
N PHE A 207 -10.65 10.45 -37.23
CA PHE A 207 -9.19 10.40 -37.20
C PHE A 207 -8.64 11.69 -37.79
N TYR A 208 -8.10 12.55 -36.93
CA TYR A 208 -7.52 13.81 -37.37
C TYR A 208 -6.03 13.61 -37.60
N PHE A 209 -5.58 13.79 -38.85
CA PHE A 209 -4.19 13.61 -39.20
C PHE A 209 -3.54 14.85 -39.80
N GLY A 210 -4.32 15.82 -40.30
CA GLY A 210 -3.73 17.02 -40.85
C GLY A 210 -4.39 17.46 -42.13
N GLU A 211 -5.30 16.64 -42.66
CA GLU A 211 -6.07 16.96 -43.86
C GLU A 211 -5.16 17.24 -45.06
N LEU A 212 -4.13 16.43 -45.22
CA LEU A 212 -3.22 16.58 -46.35
C LEU A 212 -2.55 15.24 -46.63
N PRO A 213 -2.21 14.95 -47.88
CA PRO A 213 -1.50 13.69 -48.16
C PRO A 213 -0.14 13.61 -47.51
N LEU A 214 0.62 14.71 -47.55
CA LEU A 214 1.94 14.72 -46.92
C LEU A 214 1.84 14.51 -45.42
N SER A 215 0.88 15.18 -44.77
CA SER A 215 0.69 15.00 -43.35
C SER A 215 0.21 13.60 -43.03
N LEU A 216 -0.65 13.03 -43.88
CA LEU A 216 -1.12 11.66 -43.65
C LEU A 216 0.04 10.67 -43.76
N ALA A 217 0.92 10.85 -44.74
CA ALA A 217 2.07 9.98 -44.87
C ALA A 217 3.01 10.13 -43.67
N ALA A 218 3.24 11.36 -43.22
CA ALA A 218 4.12 11.58 -42.08
C ALA A 218 3.55 10.98 -40.81
N CYS A 219 2.25 11.11 -40.59
CA CYS A 219 1.64 10.65 -39.33
C CYS A 219 1.64 9.13 -39.24
N THR A 220 1.68 8.43 -40.36
CA THR A 220 1.56 6.98 -40.39
C THR A 220 2.92 6.29 -40.54
N LYS A 221 4.02 7.02 -40.40
CA LYS A 221 5.38 6.46 -40.42
C LYS A 221 5.64 5.82 -41.78
N GLN A 222 5.30 6.55 -42.84
CA GLN A 222 5.60 6.15 -44.21
C GLN A 222 6.81 6.95 -44.70
N TRP A 223 8.00 6.55 -44.24
CA TRP A 223 9.20 7.30 -44.55
C TRP A 223 9.49 7.30 -46.04
N ASP A 224 9.31 6.15 -46.70
CA ASP A 224 9.53 6.08 -48.14
C ASP A 224 8.52 6.94 -48.89
N VAL A 225 7.25 6.95 -48.45
CA VAL A 225 6.23 7.73 -49.13
C VAL A 225 6.52 9.22 -49.02
N VAL A 226 6.88 9.70 -47.81
CA VAL A 226 7.17 11.12 -47.65
C VAL A 226 8.44 11.49 -48.40
N THR A 227 9.44 10.60 -48.41
CA THR A 227 10.65 10.86 -49.17
C THR A 227 10.34 11.01 -50.65
N TYR A 228 9.48 10.14 -51.19
CA TYR A 228 9.09 10.27 -52.59
C TYR A 228 8.30 11.55 -52.84
N LEU A 229 7.40 11.89 -51.91
CA LEU A 229 6.56 13.07 -52.10
C LEU A 229 7.38 14.35 -52.13
N LEU A 230 8.38 14.47 -51.25
CA LEU A 230 9.18 15.69 -51.22
C LEU A 230 9.97 15.88 -52.51
N GLU A 231 10.58 14.81 -53.02
CA GLU A 231 11.39 14.89 -54.25
C GLU A 231 10.81 13.96 -55.31
N ASN A 232 10.21 14.57 -56.34
CA ASN A 232 9.70 13.86 -57.51
C ASN A 232 9.51 14.87 -58.64
N PRO A 233 10.05 14.60 -59.83
CA PRO A 233 10.00 15.62 -60.88
C PRO A 233 8.67 15.66 -61.63
N HIS A 234 7.57 15.57 -60.91
CA HIS A 234 6.26 15.77 -61.50
C HIS A 234 5.40 16.76 -60.71
N GLN A 235 5.46 16.71 -59.38
CA GLN A 235 4.69 17.61 -58.52
C GLN A 235 5.30 17.64 -57.13
N PRO A 236 6.28 18.50 -56.88
CA PRO A 236 6.84 18.59 -55.53
C PRO A 236 5.82 19.07 -54.52
N ALA A 237 5.93 18.56 -53.30
CA ALA A 237 5.03 18.92 -52.21
C ALA A 237 5.74 19.91 -51.29
N SER A 238 5.20 21.11 -51.19
CA SER A 238 5.76 22.12 -50.31
C SER A 238 5.56 21.69 -48.86
N LEU A 239 6.66 21.66 -48.09
CA LEU A 239 6.58 21.21 -46.71
C LEU A 239 5.91 22.26 -45.82
N GLU A 240 5.87 23.50 -46.25
CA GLU A 240 5.22 24.58 -45.51
C GLU A 240 3.78 24.79 -45.93
N ALA A 241 3.21 23.88 -46.71
CA ALA A 241 1.81 24.00 -47.10
C ALA A 241 0.92 23.93 -45.88
N THR A 242 -0.06 24.83 -45.83
CA THR A 242 -0.90 25.00 -44.66
C THR A 242 -2.11 24.08 -44.73
N ASP A 243 -3.04 24.26 -43.80
CA ASP A 243 -4.23 23.42 -43.66
C ASP A 243 -5.43 24.34 -43.51
N SER A 244 -6.63 23.77 -43.72
CA SER A 244 -7.85 24.54 -43.59
C SER A 244 -7.96 25.19 -42.20
N LEU A 245 -7.51 24.48 -41.17
CA LEU A 245 -7.49 25.03 -39.82
C LEU A 245 -6.32 25.98 -39.59
N GLY A 246 -5.35 25.99 -40.49
CA GLY A 246 -4.16 26.82 -40.36
C GLY A 246 -2.91 26.07 -39.97
N ASN A 247 -3.03 24.79 -39.61
CA ASN A 247 -1.90 24.00 -39.18
C ASN A 247 -1.01 23.66 -40.37
N THR A 248 0.12 23.01 -40.08
CA THR A 248 1.02 22.50 -41.09
C THR A 248 1.48 21.11 -40.63
N VAL A 249 2.52 20.59 -41.27
CA VAL A 249 2.97 19.22 -40.98
C VAL A 249 3.45 19.12 -39.54
N LEU A 250 4.25 20.08 -39.10
CA LEU A 250 4.76 20.05 -37.73
C LEU A 250 3.62 20.23 -36.72
N HIS A 251 2.68 21.13 -37.02
CA HIS A 251 1.51 21.26 -36.16
C HIS A 251 0.73 19.96 -36.09
N ALA A 252 0.54 19.30 -37.24
CA ALA A 252 -0.20 18.05 -37.26
C ALA A 252 0.49 16.97 -36.43
N LEU A 253 1.82 16.89 -36.53
CA LEU A 253 2.55 15.97 -35.66
C LEU A 253 2.38 16.33 -34.19
N VAL A 254 2.28 17.63 -33.89
CA VAL A 254 2.12 18.04 -32.50
C VAL A 254 0.75 17.61 -31.97
N MET A 255 -0.31 17.83 -32.76
CA MET A 255 -1.66 17.57 -32.26
C MET A 255 -1.89 16.08 -32.01
N ILE A 256 -1.52 15.23 -32.97
CA ILE A 256 -1.75 13.80 -32.81
C ILE A 256 -0.83 13.17 -31.78
N ALA A 257 0.12 13.93 -31.24
CA ALA A 257 1.08 13.38 -30.31
C ALA A 257 0.38 12.95 -29.03
N ASP A 258 1.15 12.30 -28.15
CA ASP A 258 0.63 11.80 -26.88
C ASP A 258 1.79 11.61 -25.93
N ASN A 259 1.47 11.50 -24.65
CA ASN A 259 2.47 11.26 -23.63
C ASN A 259 2.81 9.78 -23.48
N SER A 260 2.15 8.91 -24.22
CA SER A 260 2.51 7.50 -24.20
C SER A 260 3.86 7.30 -24.88
N PRO A 261 4.79 6.56 -24.27
CA PRO A 261 6.12 6.40 -24.86
C PRO A 261 6.12 5.68 -26.20
N GLU A 262 5.04 4.95 -26.53
CA GLU A 262 5.02 4.18 -27.76
C GLU A 262 5.09 5.08 -28.99
N ASN A 263 4.22 6.08 -29.07
CA ASN A 263 4.20 6.97 -30.23
C ASN A 263 5.06 8.21 -30.05
N SER A 264 5.60 8.44 -28.85
CA SER A 264 6.47 9.59 -28.64
C SER A 264 7.73 9.49 -29.50
N ALA A 265 8.32 8.30 -29.58
CA ALA A 265 9.49 8.11 -30.43
C ALA A 265 9.15 8.33 -31.90
N LEU A 266 7.98 7.83 -32.33
CA LEU A 266 7.54 8.05 -33.70
C LEU A 266 7.42 9.54 -34.00
N VAL A 267 6.74 10.27 -33.12
CA VAL A 267 6.53 11.70 -33.36
C VAL A 267 7.84 12.45 -33.37
N ILE A 268 8.74 12.14 -32.43
CA ILE A 268 9.99 12.87 -32.33
C ILE A 268 10.89 12.57 -33.54
N HIS A 269 10.93 11.32 -33.98
CA HIS A 269 11.75 10.98 -35.15
C HIS A 269 11.20 11.62 -36.41
N MET A 270 9.87 11.60 -36.59
CA MET A 270 9.28 12.25 -37.75
C MET A 270 9.56 13.74 -37.73
N TYR A 271 9.45 14.36 -36.56
CA TYR A 271 9.71 15.80 -36.43
C TYR A 271 11.15 16.13 -36.83
N ASP A 272 12.11 15.38 -36.29
CA ASP A 272 13.51 15.64 -36.61
C ASP A 272 13.79 15.43 -38.09
N GLY A 273 13.27 14.35 -38.66
CA GLY A 273 13.50 14.10 -40.08
C GLY A 273 12.91 15.17 -40.97
N LEU A 274 11.69 15.60 -40.68
CA LEU A 274 11.06 16.65 -41.47
C LEU A 274 11.82 17.97 -41.34
N LEU A 275 12.28 18.28 -40.12
CA LEU A 275 13.04 19.51 -39.93
C LEU A 275 14.35 19.49 -40.72
N GLN A 276 15.05 18.35 -40.70
CA GLN A 276 16.30 18.24 -41.45
C GLN A 276 16.05 18.32 -42.95
N MET A 277 15.00 17.67 -43.45
CA MET A 277 14.67 17.79 -44.87
C MET A 277 14.32 19.21 -45.25
N GLY A 278 13.55 19.90 -44.41
CA GLY A 278 13.23 21.29 -44.70
C GLY A 278 14.48 22.16 -44.75
N ALA A 279 15.43 21.89 -43.86
CA ALA A 279 16.71 22.60 -43.92
C ALA A 279 17.44 22.30 -45.22
N ARG A 280 17.45 21.03 -45.63
CA ARG A 280 18.24 20.64 -46.81
C ARG A 280 17.66 21.19 -48.10
N LEU A 281 16.35 21.07 -48.30
CA LEU A 281 15.73 21.52 -49.55
C LEU A 281 15.65 23.05 -49.62
N CYS A 282 14.95 23.66 -48.66
CA CYS A 282 14.72 25.10 -48.67
C CYS A 282 15.23 25.69 -47.36
N PRO A 283 16.51 26.06 -47.30
CA PRO A 283 17.08 26.60 -46.07
C PRO A 283 16.76 28.06 -45.81
N THR A 284 16.00 28.71 -46.69
CA THR A 284 15.68 30.13 -46.54
C THR A 284 14.38 30.37 -45.79
N VAL A 285 13.71 29.33 -45.30
CA VAL A 285 12.43 29.46 -44.63
C VAL A 285 12.55 28.91 -43.22
N GLN A 286 11.97 29.61 -42.26
CA GLN A 286 11.95 29.19 -40.86
C GLN A 286 10.68 28.40 -40.62
N LEU A 287 10.79 27.06 -40.65
CA LEU A 287 9.61 26.22 -40.47
C LEU A 287 9.02 26.38 -39.08
N GLU A 288 9.88 26.51 -38.07
CA GLU A 288 9.39 26.60 -36.70
C GLU A 288 8.55 27.85 -36.47
N GLU A 289 8.89 28.96 -37.12
CA GLU A 289 8.19 30.23 -36.93
C GLU A 289 7.05 30.40 -37.94
N ILE A 290 6.16 29.41 -38.01
CA ILE A 290 4.98 29.47 -38.87
C ILE A 290 3.76 29.54 -37.96
N SER A 291 2.97 30.60 -38.11
CA SER A 291 1.89 30.89 -37.19
C SER A 291 0.61 30.17 -37.59
N ASN A 292 -0.13 29.71 -36.58
CA ASN A 292 -1.46 29.14 -36.76
C ASN A 292 -2.46 30.27 -37.02
N HIS A 293 -3.74 29.91 -37.12
CA HIS A 293 -4.79 30.92 -37.15
C HIS A 293 -5.06 31.51 -35.77
N GLN A 294 -4.56 30.89 -34.71
CA GLN A 294 -4.63 31.46 -33.37
C GLN A 294 -3.30 32.12 -32.98
N GLY A 295 -2.43 32.38 -33.94
CA GLY A 295 -1.13 32.95 -33.66
C GLY A 295 -0.22 32.04 -32.87
N LEU A 296 -0.23 30.74 -33.16
CA LEU A 296 0.55 29.76 -32.42
C LEU A 296 1.55 29.07 -33.35
N THR A 297 2.69 28.73 -32.77
CA THR A 297 3.74 27.96 -33.40
C THR A 297 3.71 26.53 -32.88
N PRO A 298 4.47 25.61 -33.48
CA PRO A 298 4.49 24.24 -32.94
C PRO A 298 4.87 24.17 -31.48
N LEU A 299 5.82 25.02 -31.04
CA LEU A 299 6.21 25.02 -29.62
C LEU A 299 5.07 25.55 -28.76
N LYS A 300 4.49 26.69 -29.14
CA LYS A 300 3.38 27.24 -28.36
C LYS A 300 2.17 26.32 -28.39
N LEU A 301 1.90 25.70 -29.54
CA LEU A 301 0.79 24.77 -29.63
C LEU A 301 1.01 23.56 -28.73
N ALA A 302 2.23 23.04 -28.68
CA ALA A 302 2.53 21.93 -27.80
C ALA A 302 2.39 22.34 -26.34
N ALA A 303 2.79 23.57 -26.01
CA ALA A 303 2.63 24.06 -24.65
C ALA A 303 1.16 24.20 -24.27
N LYS A 304 0.34 24.68 -25.21
CA LYS A 304 -1.07 24.93 -24.90
C LYS A 304 -1.86 23.63 -24.81
N GLU A 305 -1.63 22.69 -25.72
CA GLU A 305 -2.41 21.46 -25.73
C GLU A 305 -2.02 20.49 -24.62
N GLY A 306 -0.93 20.75 -23.91
CA GLY A 306 -0.54 19.89 -22.81
C GLY A 306 0.40 18.76 -23.18
N LYS A 307 0.81 18.65 -24.43
CA LYS A 307 1.78 17.63 -24.82
C LYS A 307 3.15 18.03 -24.30
N ILE A 308 3.74 17.19 -23.44
CA ILE A 308 4.97 17.53 -22.75
C ILE A 308 6.16 16.80 -23.36
N GLU A 309 5.91 15.59 -23.88
CA GLU A 309 7.01 14.79 -24.42
C GLU A 309 7.67 15.47 -25.61
N ILE A 310 6.88 16.02 -26.53
CA ILE A 310 7.45 16.72 -27.67
C ILE A 310 7.85 18.15 -27.29
N PHE A 311 7.13 18.75 -26.33
CA PHE A 311 7.47 20.09 -25.88
C PHE A 311 8.87 20.14 -25.27
N ARG A 312 9.20 19.17 -24.42
CA ARG A 312 10.53 19.14 -23.82
C ARG A 312 11.61 18.96 -24.87
N HIS A 313 11.38 18.08 -25.85
CA HIS A 313 12.38 17.87 -26.89
C HIS A 313 12.60 19.13 -27.72
N ILE A 314 11.51 19.81 -28.09
CA ILE A 314 11.66 21.05 -28.84
C ILE A 314 12.41 22.08 -28.01
N LEU A 315 12.17 22.09 -26.69
CA LEU A 315 12.83 23.05 -25.82
C LEU A 315 14.33 22.80 -25.73
N GLN A 316 14.75 21.53 -25.78
CA GLN A 316 16.15 21.13 -25.63
C GLN A 316 16.57 20.33 -26.85
N ARG A 317 17.03 21.03 -27.90
CA ARG A 317 17.42 20.40 -29.15
C ARG A 317 18.84 20.79 -29.49
N GLU A 318 19.70 19.81 -29.70
CA GLU A 318 21.14 20.05 -29.82
C GLU A 318 21.68 19.77 -31.22
N PHE A 319 21.49 18.56 -31.75
CA PHE A 319 22.04 18.14 -33.04
C PHE A 319 23.56 18.26 -33.07
N SER A 320 24.16 17.95 -34.22
CA SER A 320 25.61 18.02 -34.39
C SER A 320 25.94 17.91 -35.87
N GLY A 321 27.02 18.58 -36.26
CA GLY A 321 27.48 18.53 -37.63
C GLY A 321 26.98 19.72 -38.45
N PRO A 322 26.57 19.46 -39.68
CA PRO A 322 26.04 20.55 -40.53
C PRO A 322 24.75 21.15 -40.01
N TYR A 323 24.04 20.45 -39.13
CA TYR A 323 22.75 20.90 -38.61
C TYR A 323 22.89 21.70 -37.32
N GLN A 324 24.01 22.40 -37.14
CA GLN A 324 24.18 23.25 -35.96
C GLN A 324 23.11 24.32 -35.84
N PRO A 325 22.79 25.11 -36.88
CA PRO A 325 21.80 26.18 -36.70
C PRO A 325 20.42 25.69 -36.31
N LEU A 326 20.08 24.43 -36.57
CA LEU A 326 18.78 23.90 -36.16
C LEU A 326 18.83 23.45 -34.70
N SER A 327 19.26 24.33 -33.80
CA SER A 327 19.42 23.95 -32.41
C SER A 327 19.03 25.10 -31.51
N ARG A 328 18.68 24.77 -30.27
CA ARG A 328 18.31 25.76 -29.27
C ARG A 328 19.16 25.69 -28.01
N LYS A 329 20.06 24.70 -27.91
CA LYS A 329 20.87 24.50 -26.71
C LYS A 329 22.30 24.24 -27.15
N PHE A 330 23.20 25.16 -26.84
CA PHE A 330 24.61 25.05 -27.24
C PHE A 330 25.47 24.93 -25.99
N THR A 331 26.25 23.85 -25.89
CA THR A 331 27.12 23.67 -24.74
C THR A 331 28.34 24.57 -24.86
N GLU A 332 28.63 25.31 -23.79
CA GLU A 332 29.77 26.21 -23.79
C GLU A 332 31.07 25.46 -23.51
N TRP A 333 31.17 24.85 -22.33
CA TRP A 333 32.29 24.00 -22.01
C TRP A 333 31.85 22.93 -21.03
N CYS A 334 32.62 21.84 -20.98
CA CYS A 334 32.33 20.71 -20.10
C CYS A 334 33.57 20.41 -19.27
N TYR A 335 33.36 20.16 -17.97
CA TYR A 335 34.46 19.82 -17.06
C TYR A 335 33.89 18.91 -15.98
N GLY A 336 34.14 17.61 -16.11
CA GLY A 336 33.55 16.65 -15.23
C GLY A 336 32.04 16.67 -15.32
N PRO A 337 31.36 16.55 -14.18
CA PRO A 337 29.89 16.61 -14.18
C PRO A 337 29.35 17.94 -14.69
N VAL A 338 30.09 19.04 -14.51
CA VAL A 338 29.59 20.36 -14.87
C VAL A 338 29.45 20.46 -16.39
N ARG A 339 28.30 20.95 -16.84
CA ARG A 339 27.95 20.99 -18.25
C ARG A 339 27.36 22.34 -18.63
N VAL A 340 28.06 23.41 -18.27
CA VAL A 340 27.58 24.78 -18.51
C VAL A 340 27.15 24.93 -19.96
N SER A 341 25.92 25.38 -20.17
CA SER A 341 25.33 25.47 -21.51
C SER A 341 24.57 26.78 -21.66
N LEU A 342 24.10 27.03 -22.88
CA LEU A 342 23.35 28.22 -23.23
C LEU A 342 22.06 27.79 -23.92
N TYR A 343 20.92 28.27 -23.42
CA TYR A 343 19.64 27.98 -24.01
C TYR A 343 19.15 29.19 -24.80
N ASP A 344 18.23 28.94 -25.73
CA ASP A 344 17.59 29.98 -26.51
C ASP A 344 16.32 30.43 -25.82
N LEU A 345 16.02 31.72 -25.94
CA LEU A 345 14.88 32.33 -25.25
C LEU A 345 13.94 32.96 -26.28
N SER A 346 13.06 32.14 -26.83
CA SER A 346 11.85 32.63 -27.48
C SER A 346 10.62 32.36 -26.61
N SER A 347 10.84 31.98 -25.36
CA SER A 347 9.80 31.66 -24.38
C SER A 347 9.91 32.58 -23.18
N VAL A 348 10.10 33.87 -23.42
CA VAL A 348 10.21 34.87 -22.36
C VAL A 348 9.10 35.89 -22.55
N ASP A 349 8.44 36.26 -21.46
CA ASP A 349 7.31 37.18 -21.55
C ASP A 349 7.75 38.59 -21.92
N SER A 350 8.94 39.00 -21.49
CA SER A 350 9.41 40.36 -21.74
C SER A 350 9.54 40.63 -23.22
N TRP A 351 9.01 41.79 -23.65
CA TRP A 351 9.06 42.23 -25.05
C TRP A 351 8.44 41.23 -26.00
N GLU A 352 7.57 40.34 -25.50
CA GLU A 352 6.95 39.33 -26.36
C GLU A 352 5.58 39.01 -25.77
N LYS A 353 4.54 39.60 -26.35
CA LYS A 353 3.18 39.24 -25.97
C LYS A 353 2.86 37.83 -26.44
N ASN A 354 2.02 37.14 -25.67
CA ASN A 354 1.62 35.76 -25.97
C ASN A 354 2.84 34.84 -26.05
N SER A 355 3.58 34.79 -24.94
CA SER A 355 4.76 33.95 -24.85
C SER A 355 4.38 32.57 -24.32
N VAL A 356 5.38 31.71 -24.18
CA VAL A 356 5.13 30.35 -23.71
C VAL A 356 4.75 30.35 -22.24
N LEU A 357 5.37 31.23 -21.44
CA LEU A 357 5.09 31.24 -20.01
C LEU A 357 3.64 31.65 -19.73
N GLU A 358 3.14 32.67 -20.42
CA GLU A 358 1.74 33.05 -20.24
C GLU A 358 0.81 31.94 -20.67
N ILE A 359 1.12 31.27 -21.79
CA ILE A 359 0.27 30.21 -22.30
C ILE A 359 0.19 29.06 -21.31
N ILE A 360 1.34 28.68 -20.74
CA ILE A 360 1.34 27.62 -19.73
C ILE A 360 0.56 28.06 -18.50
N ALA A 361 0.77 29.29 -18.03
CA ALA A 361 0.19 29.73 -16.78
C ALA A 361 -1.30 30.01 -16.91
N PHE A 362 -1.71 30.67 -17.98
CA PHE A 362 -3.07 31.23 -18.08
C PHE A 362 -3.95 30.50 -19.08
N HIS A 363 -3.47 30.28 -20.30
CA HIS A 363 -4.31 29.76 -21.37
C HIS A 363 -4.33 28.23 -21.44
N CYS A 364 -3.74 27.54 -20.48
CA CYS A 364 -3.67 26.09 -20.49
C CYS A 364 -4.70 25.51 -19.52
N LYS A 365 -5.32 24.41 -19.92
CA LYS A 365 -6.32 23.73 -19.11
C LYS A 365 -5.97 22.29 -18.77
N SER A 366 -4.86 21.76 -19.28
CA SER A 366 -4.50 20.38 -19.03
C SER A 366 -4.08 20.19 -17.57
N PRO A 367 -4.24 18.98 -17.03
CA PRO A 367 -3.79 18.72 -15.65
C PRO A 367 -2.28 18.63 -15.51
N ASN A 368 -1.54 18.62 -16.61
CA ASN A 368 -0.08 18.49 -16.59
C ASN A 368 0.63 19.83 -16.58
N ARG A 369 -0.11 20.93 -16.47
CA ARG A 369 0.50 22.27 -16.56
C ARG A 369 1.53 22.50 -15.47
N HIS A 370 1.46 21.80 -14.35
CA HIS A 370 2.43 21.99 -13.29
C HIS A 370 3.72 21.22 -13.53
N ARG A 371 3.73 20.27 -14.47
CA ARG A 371 4.93 19.52 -14.80
C ARG A 371 5.79 20.20 -15.86
N MET A 372 5.28 21.26 -16.49
CA MET A 372 5.99 21.96 -17.55
C MET A 372 6.73 23.19 -17.05
N VAL A 373 6.72 23.44 -15.75
CA VAL A 373 7.47 24.55 -15.15
C VAL A 373 8.69 24.05 -14.39
N VAL A 374 9.05 22.77 -14.55
CA VAL A 374 10.22 22.20 -13.90
C VAL A 374 11.34 21.89 -14.89
N LEU A 375 11.10 22.06 -16.19
CA LEU A 375 12.15 21.87 -17.17
C LEU A 375 13.24 22.93 -16.99
N GLU A 376 14.45 22.58 -17.41
CA GLU A 376 15.64 23.36 -17.02
C GLU A 376 15.55 24.83 -17.41
N PRO A 377 15.29 25.22 -18.66
CA PRO A 377 15.29 26.65 -18.97
C PRO A 377 14.18 27.40 -18.27
N LEU A 378 12.96 26.87 -18.28
CA LEU A 378 11.84 27.54 -17.62
C LEU A 378 12.06 27.63 -16.12
N ASN A 379 12.50 26.55 -15.49
CA ASN A 379 12.70 26.56 -14.04
C ASN A 379 13.77 27.57 -13.64
N LYS A 380 14.91 27.54 -14.34
CA LYS A 380 15.97 28.51 -14.06
C LYS A 380 15.50 29.94 -14.28
N LEU A 381 14.78 30.19 -15.38
CA LEU A 381 14.31 31.54 -15.65
C LEU A 381 13.34 32.02 -14.59
N LEU A 382 12.41 31.14 -14.17
CA LEU A 382 11.44 31.52 -13.15
C LEU A 382 12.12 31.80 -11.82
N GLN A 383 13.11 30.99 -11.44
CA GLN A 383 13.82 31.23 -10.19
C GLN A 383 14.56 32.55 -10.23
N GLU A 384 15.28 32.81 -11.33
CA GLU A 384 16.04 34.06 -11.44
C GLU A 384 15.12 35.26 -11.46
N LYS A 385 13.92 35.11 -12.03
CA LYS A 385 12.97 36.21 -12.09
C LYS A 385 12.28 36.44 -10.74
N TRP A 386 12.02 35.36 -9.99
CA TRP A 386 11.38 35.49 -8.70
C TRP A 386 12.31 36.09 -7.67
N ASP A 387 13.60 35.74 -7.73
CA ASP A 387 14.56 36.29 -6.77
C ASP A 387 14.73 37.80 -6.91
N ARG A 388 14.25 38.40 -8.00
CA ARG A 388 14.35 39.83 -8.21
C ARG A 388 13.15 40.60 -7.67
N LEU A 389 12.07 39.91 -7.28
CA LEU A 389 10.83 40.60 -6.93
C LEU A 389 10.30 40.19 -5.55
N VAL A 390 11.14 39.63 -4.68
CA VAL A 390 10.69 39.29 -3.34
C VAL A 390 10.42 40.55 -2.53
N SER A 391 11.23 41.59 -2.73
CA SER A 391 11.06 42.83 -1.98
C SER A 391 9.70 43.45 -2.22
N ARG A 392 9.26 43.49 -3.48
CA ARG A 392 7.94 44.04 -3.78
C ARG A 392 6.84 43.21 -3.15
N PHE A 393 7.00 41.88 -3.17
CA PHE A 393 6.02 40.99 -2.55
C PHE A 393 5.86 41.30 -1.06
N PHE A 394 6.99 41.42 -0.35
CA PHE A 394 6.89 41.65 1.08
C PHE A 394 6.47 43.08 1.40
N PHE A 395 6.78 44.04 0.52
CA PHE A 395 6.27 45.40 0.70
C PHE A 395 4.75 45.43 0.59
N ASN A 396 4.20 44.70 -0.40
CA ASN A 396 2.74 44.59 -0.50
C ASN A 396 2.16 43.90 0.73
N PHE A 397 2.83 42.85 1.21
CA PHE A 397 2.41 42.18 2.44
C PHE A 397 2.32 43.16 3.60
N ALA A 398 3.36 43.97 3.79
CA ALA A 398 3.38 44.92 4.88
C ALA A 398 2.28 45.97 4.73
N CYS A 399 2.08 46.47 3.53
CA CYS A 399 1.03 47.48 3.31
C CYS A 399 -0.34 46.91 3.64
N TYR A 400 -0.63 45.69 3.20
CA TYR A 400 -1.91 45.07 3.51
C TYR A 400 -2.06 44.84 5.01
N LEU A 401 -0.97 44.43 5.67
CA LEU A 401 -1.03 44.19 7.11
C LEU A 401 -1.35 45.48 7.88
N VAL A 402 -0.70 46.58 7.52
CA VAL A 402 -0.98 47.82 8.24
C VAL A 402 -2.39 48.32 7.91
N TYR A 403 -2.85 48.11 6.68
CA TYR A 403 -4.22 48.49 6.35
C TYR A 403 -5.22 47.72 7.21
N MET A 404 -5.01 46.42 7.37
CA MET A 404 -5.92 45.64 8.21
C MET A 404 -5.81 46.01 9.69
N PHE A 405 -4.60 46.36 10.16
CA PHE A 405 -4.50 46.80 11.55
C PHE A 405 -5.30 48.07 11.78
N ILE A 406 -5.20 49.03 10.85
CA ILE A 406 -5.99 50.25 10.95
C ILE A 406 -7.48 49.93 10.90
N PHE A 407 -7.86 49.00 10.02
CA PHE A 407 -9.27 48.63 9.91
C PHE A 407 -9.80 48.03 11.21
N THR A 408 -9.02 47.14 11.82
CA THR A 408 -9.45 46.51 13.07
C THR A 408 -9.56 47.55 14.19
N VAL A 409 -8.57 48.43 14.30
CA VAL A 409 -8.62 49.47 15.34
C VAL A 409 -9.84 50.36 15.15
N VAL A 410 -10.13 50.76 13.90
CA VAL A 410 -11.29 51.61 13.66
C VAL A 410 -12.58 50.87 13.98
N ALA A 411 -12.66 49.59 13.60
CA ALA A 411 -13.89 48.84 13.82
C ALA A 411 -14.16 48.62 15.30
N TYR A 412 -13.12 48.32 16.09
CA TYR A 412 -13.33 48.05 17.50
C TYR A 412 -13.83 49.28 18.24
N HIS A 413 -13.26 50.45 17.97
CA HIS A 413 -13.65 51.67 18.65
C HIS A 413 -14.84 52.34 17.97
N GLN A 414 -15.93 51.59 17.79
CA GLN A 414 -17.12 52.13 17.13
C GLN A 414 -18.01 52.79 18.17
N PRO A 415 -18.28 54.10 18.06
CA PRO A 415 -19.17 54.74 19.04
C PRO A 415 -20.59 54.16 19.03
N SER A 416 -21.08 53.75 17.87
CA SER A 416 -22.44 53.20 17.74
C SER A 416 -23.50 54.14 18.29
N PHE A 429 -9.31 64.47 21.00
CA PHE A 429 -9.68 64.63 19.61
C PHE A 429 -9.93 63.29 18.94
N GLY A 430 -10.67 62.42 19.63
CA GLY A 430 -10.98 61.11 19.09
C GLY A 430 -11.86 61.17 17.85
N GLU A 431 -12.76 62.14 17.78
CA GLU A 431 -13.67 62.23 16.64
C GLU A 431 -12.90 62.46 15.34
N SER A 432 -11.87 63.31 15.37
CA SER A 432 -11.05 63.52 14.18
C SER A 432 -10.29 62.25 13.82
N MET A 433 -9.78 61.54 14.81
CA MET A 433 -9.06 60.29 14.54
C MET A 433 -9.96 59.28 13.86
N LEU A 434 -11.19 59.11 14.36
CA LEU A 434 -12.11 58.16 13.73
C LEU A 434 -12.57 58.64 12.36
N LEU A 435 -12.72 59.95 12.17
CA LEU A 435 -13.08 60.47 10.84
C LEU A 435 -11.99 60.15 9.82
N LEU A 436 -10.73 60.43 10.17
CA LEU A 436 -9.63 60.10 9.26
C LEU A 436 -9.51 58.59 9.06
N GLY A 437 -9.79 57.81 10.11
CA GLY A 437 -9.77 56.36 9.95
C GLY A 437 -10.81 55.87 8.96
N HIS A 438 -12.03 56.39 9.06
CA HIS A 438 -13.07 56.02 8.10
C HIS A 438 -12.69 56.45 6.69
N ILE A 439 -12.10 57.64 6.56
CA ILE A 439 -11.66 58.11 5.25
C ILE A 439 -10.64 57.16 4.66
N LEU A 440 -9.65 56.77 5.48
CA LEU A 440 -8.61 55.85 5.00
C LEU A 440 -9.20 54.50 4.62
N ILE A 441 -10.15 54.00 5.41
CA ILE A 441 -10.75 52.70 5.11
C ILE A 441 -11.51 52.76 3.80
N LEU A 442 -12.29 53.81 3.58
CA LEU A 442 -13.02 53.90 2.32
C LEU A 442 -12.08 54.05 1.13
N LEU A 443 -11.00 54.83 1.30
CA LEU A 443 -10.02 54.95 0.23
C LEU A 443 -9.37 53.61 -0.09
N GLY A 444 -9.00 52.84 0.94
CA GLY A 444 -8.41 51.54 0.70
C GLY A 444 -9.38 50.58 0.03
N GLY A 445 -10.65 50.61 0.45
CA GLY A 445 -11.64 49.78 -0.21
C GLY A 445 -11.80 50.13 -1.67
N ILE A 446 -11.82 51.42 -1.99
CA ILE A 446 -11.92 51.85 -3.39
C ILE A 446 -10.70 51.39 -4.17
N TYR A 447 -9.52 51.51 -3.56
CA TYR A 447 -8.29 51.10 -4.23
C TYR A 447 -8.30 49.61 -4.57
N LEU A 448 -8.67 48.77 -3.59
CA LEU A 448 -8.72 47.34 -3.84
C LEU A 448 -9.79 47.00 -4.86
N LEU A 449 -10.94 47.67 -4.80
CA LEU A 449 -12.00 47.44 -5.78
C LEU A 449 -11.51 47.74 -7.18
N LEU A 450 -10.84 48.88 -7.36
CA LEU A 450 -10.33 49.24 -8.68
C LEU A 450 -9.26 48.25 -9.15
N GLY A 451 -8.38 47.83 -8.25
CA GLY A 451 -7.36 46.87 -8.64
C GLY A 451 -7.95 45.55 -9.11
N GLN A 452 -8.92 45.03 -8.34
CA GLN A 452 -9.54 43.76 -8.74
C GLN A 452 -10.34 43.92 -10.02
N LEU A 453 -11.00 45.06 -10.21
CA LEU A 453 -11.72 45.30 -11.45
C LEU A 453 -10.78 45.32 -12.63
N TRP A 454 -9.62 45.97 -12.49
CA TRP A 454 -8.64 45.97 -13.55
C TRP A 454 -8.12 44.57 -13.84
N TYR A 455 -7.86 43.79 -12.79
CA TYR A 455 -7.38 42.42 -13.00
C TYR A 455 -8.40 41.59 -13.76
N PHE A 456 -9.68 41.71 -13.40
CA PHE A 456 -10.70 40.91 -14.07
C PHE A 456 -10.96 41.42 -15.49
N TRP A 457 -10.82 42.72 -15.72
CA TRP A 457 -10.97 43.25 -17.08
C TRP A 457 -9.82 42.79 -17.97
N ARG A 458 -8.61 42.71 -17.42
CA ARG A 458 -7.46 42.29 -18.22
C ARG A 458 -7.58 40.82 -18.60
N ARG A 459 -7.95 39.96 -17.66
CA ARG A 459 -8.07 38.53 -17.92
C ARG A 459 -9.53 38.17 -18.22
N ARG A 460 -10.05 38.77 -19.29
CA ARG A 460 -11.45 38.56 -19.65
C ARG A 460 -11.70 37.13 -20.11
N LEU A 461 -10.73 36.51 -20.78
CA LEU A 461 -10.88 35.15 -21.28
C LEU A 461 -10.70 34.10 -20.19
N PHE A 462 -10.19 34.49 -19.02
CA PHE A 462 -9.98 33.59 -17.90
C PHE A 462 -9.02 32.46 -18.27
N ILE A 463 -9.07 31.35 -17.52
CA ILE A 463 -8.25 30.18 -17.82
C ILE A 463 -9.14 29.16 -18.49
N TRP A 464 -10.13 28.65 -17.74
CA TRP A 464 -11.28 27.97 -18.30
C TRP A 464 -12.55 28.73 -17.95
N ILE A 465 -12.80 28.95 -16.65
CA ILE A 465 -13.79 29.89 -16.16
C ILE A 465 -13.20 30.79 -15.08
N SER A 466 -11.96 30.54 -14.66
CA SER A 466 -11.30 31.22 -13.55
C SER A 466 -12.06 30.96 -12.24
N PHE A 467 -12.16 29.67 -11.91
CA PHE A 467 -12.90 29.24 -10.73
C PHE A 467 -12.03 28.46 -9.74
N MET A 468 -11.28 27.46 -10.23
CA MET A 468 -10.56 26.57 -9.33
C MET A 468 -9.16 27.05 -8.97
N ASP A 469 -8.67 28.10 -9.62
CA ASP A 469 -7.32 28.58 -9.37
C ASP A 469 -7.23 30.07 -9.09
N SER A 470 -8.32 30.82 -9.20
CA SER A 470 -8.30 32.27 -9.04
C SER A 470 -9.43 32.73 -8.12
N TYR A 471 -9.70 31.96 -7.06
CA TYR A 471 -10.76 32.35 -6.15
C TYR A 471 -10.32 33.42 -5.15
N PHE A 472 -9.02 33.58 -4.95
CA PHE A 472 -8.55 34.61 -4.02
C PHE A 472 -8.81 36.01 -4.56
N GLU A 473 -8.72 36.20 -5.88
CA GLU A 473 -9.10 37.48 -6.46
C GLU A 473 -10.59 37.75 -6.27
N ILE A 474 -11.42 36.70 -6.38
CA ILE A 474 -12.84 36.84 -6.12
C ILE A 474 -13.09 37.26 -4.67
N LEU A 475 -12.37 36.62 -3.72
CA LEU A 475 -12.53 36.98 -2.32
C LEU A 475 -12.09 38.42 -2.07
N PHE A 476 -10.99 38.84 -2.68
CA PHE A 476 -10.54 40.22 -2.51
C PHE A 476 -11.57 41.20 -3.06
N LEU A 477 -12.13 40.91 -4.23
CA LEU A 477 -13.14 41.78 -4.81
C LEU A 477 -14.37 41.84 -3.92
N LEU A 478 -14.81 40.70 -3.39
CA LEU A 478 -15.98 40.67 -2.52
C LEU A 478 -15.73 41.48 -1.26
N GLN A 479 -14.56 41.31 -0.64
CA GLN A 479 -14.25 42.07 0.58
C GLN A 479 -14.22 43.57 0.31
N ALA A 480 -13.60 43.98 -0.80
CA ALA A 480 -13.55 45.40 -1.12
C ALA A 480 -14.94 45.96 -1.37
N LEU A 481 -15.77 45.22 -2.11
CA LEU A 481 -17.13 45.67 -2.38
C LEU A 481 -17.93 45.81 -1.08
N LEU A 482 -17.84 44.81 -0.20
CA LEU A 482 -18.58 44.86 1.05
C LEU A 482 -18.12 46.04 1.92
N THR A 483 -16.81 46.24 2.04
CA THR A 483 -16.35 47.31 2.92
C THR A 483 -16.72 48.68 2.36
N VAL A 484 -16.61 48.88 1.04
CA VAL A 484 -16.96 50.18 0.48
C VAL A 484 -18.46 50.42 0.57
N LEU A 485 -19.27 49.37 0.35
CA LEU A 485 -20.71 49.54 0.43
C LEU A 485 -21.14 49.85 1.87
N SER A 486 -20.55 49.16 2.85
CA SER A 486 -20.88 49.44 4.24
C SER A 486 -20.45 50.84 4.64
N GLN A 487 -19.27 51.27 4.20
CA GLN A 487 -18.79 52.60 4.56
C GLN A 487 -19.66 53.69 3.92
N VAL A 488 -20.16 53.47 2.70
CA VAL A 488 -21.02 54.48 2.10
C VAL A 488 -22.42 54.41 2.69
N LEU A 489 -22.84 53.24 3.17
CA LEU A 489 -24.15 53.12 3.80
C LEU A 489 -24.17 53.76 5.18
N ARG A 490 -23.04 53.73 5.89
CA ARG A 490 -22.97 54.36 7.20
C ARG A 490 -23.20 55.86 7.13
N PHE A 491 -22.97 56.48 5.98
CA PHE A 491 -23.20 57.91 5.83
C PHE A 491 -24.69 58.23 6.01
N MET A 492 -25.56 57.36 5.49
CA MET A 492 -26.99 57.56 5.56
C MET A 492 -27.56 57.34 6.96
N GLU A 493 -26.74 56.93 7.92
CA GLU A 493 -27.16 56.67 9.29
C GLU A 493 -28.23 55.58 9.35
N THR A 494 -27.85 54.41 8.84
CA THR A 494 -28.71 53.24 8.84
C THR A 494 -28.13 52.19 9.77
N GLU A 495 -29.01 51.46 10.47
CA GLU A 495 -28.56 50.45 11.41
C GLU A 495 -27.88 49.27 10.75
N TRP A 496 -27.98 49.14 9.42
CA TRP A 496 -27.48 47.95 8.73
C TRP A 496 -25.99 48.00 8.43
N TYR A 497 -25.29 49.10 8.72
CA TYR A 497 -23.87 49.14 8.35
C TYR A 497 -23.03 48.27 9.27
N LEU A 498 -23.44 48.16 10.54
CA LEU A 498 -22.63 47.41 11.51
C LEU A 498 -22.41 45.95 11.13
N PRO A 499 -23.43 45.18 10.71
CA PRO A 499 -23.15 43.79 10.31
C PRO A 499 -22.24 43.71 9.09
N LEU A 500 -22.64 44.34 7.98
CA LEU A 500 -21.86 44.24 6.76
C LEU A 500 -20.41 44.61 7.00
N LEU A 501 -20.18 45.79 7.60
CA LEU A 501 -18.84 46.21 7.97
C LEU A 501 -18.08 45.09 8.65
N VAL A 502 -18.64 44.56 9.74
CA VAL A 502 -17.88 43.60 10.52
C VAL A 502 -17.65 42.34 9.71
N LEU A 503 -18.60 41.98 8.85
CA LEU A 503 -18.38 40.86 7.95
C LEU A 503 -17.10 41.06 7.15
N SER A 504 -16.96 42.23 6.53
CA SER A 504 -15.75 42.54 5.78
C SER A 504 -14.52 42.23 6.63
N LEU A 505 -14.56 42.65 7.90
CA LEU A 505 -13.40 42.46 8.77
C LEU A 505 -12.96 41.01 8.77
N VAL A 506 -13.86 40.08 9.06
CA VAL A 506 -13.43 38.69 9.15
C VAL A 506 -12.95 38.21 7.79
N LEU A 507 -13.66 38.60 6.72
CA LEU A 507 -13.22 38.22 5.38
C LEU A 507 -11.80 38.69 5.13
N GLY A 508 -11.49 39.91 5.56
CA GLY A 508 -10.14 40.41 5.36
C GLY A 508 -9.10 39.52 6.00
N TRP A 509 -9.37 39.05 7.23
CA TRP A 509 -8.39 38.23 7.91
C TRP A 509 -8.25 36.86 7.27
N LEU A 510 -9.23 36.45 6.47
CA LEU A 510 -9.04 35.25 5.65
C LEU A 510 -8.16 35.56 4.43
N ASN A 511 -8.34 36.74 3.85
CA ASN A 511 -7.63 37.07 2.62
C ASN A 511 -6.14 37.26 2.85
N LEU A 512 -5.74 37.59 4.08
CA LEU A 512 -4.33 37.65 4.42
C LEU A 512 -3.67 36.28 4.29
N LEU A 513 -4.45 35.21 4.26
CA LEU A 513 -3.88 33.87 4.13
C LEU A 513 -3.22 33.65 2.78
N TYR A 514 -3.48 34.52 1.80
CA TYR A 514 -2.88 34.36 0.48
C TYR A 514 -1.41 34.75 0.48
N TYR A 515 -1.06 35.85 1.17
CA TYR A 515 0.31 36.32 1.16
C TYR A 515 1.25 35.28 1.78
N THR A 516 0.92 34.80 2.96
CA THR A 516 1.64 33.66 3.51
C THR A 516 1.17 32.39 2.80
N ARG A 517 1.75 31.27 3.22
CA ARG A 517 1.45 29.93 2.70
C ARG A 517 1.90 29.76 1.25
N GLY A 518 2.39 30.80 0.60
CA GLY A 518 2.89 30.71 -0.76
C GLY A 518 4.11 31.58 -0.98
N PHE A 519 4.85 31.88 0.08
CA PHE A 519 5.97 32.79 0.01
C PHE A 519 7.33 32.08 0.05
N GLN A 520 7.48 31.04 0.87
CA GLN A 520 8.75 30.33 0.95
C GLN A 520 8.54 28.96 1.55
N HIS A 521 8.88 27.91 0.79
CA HIS A 521 8.86 26.50 1.20
C HIS A 521 7.64 26.12 2.02
N THR A 522 6.47 26.69 1.71
CA THR A 522 5.28 26.39 2.49
C THR A 522 4.03 26.29 1.63
N GLY A 523 4.17 26.08 0.31
CA GLY A 523 3.02 25.99 -0.55
C GLY A 523 2.31 24.65 -0.56
N ILE A 524 2.95 23.60 -0.06
CA ILE A 524 2.35 22.27 -0.04
C ILE A 524 1.08 22.29 0.82
N TYR A 525 1.17 22.88 2.00
CA TYR A 525 0.01 22.95 2.87
C TYR A 525 -1.09 23.79 2.21
N SER A 526 -0.70 24.83 1.47
CA SER A 526 -1.68 25.61 0.72
C SER A 526 -2.38 24.76 -0.34
N VAL A 527 -1.65 23.87 -1.01
CA VAL A 527 -2.30 23.08 -2.05
C VAL A 527 -3.24 22.06 -1.43
N MET A 528 -2.90 21.49 -0.27
CA MET A 528 -3.92 20.67 0.41
C MET A 528 -5.13 21.51 0.82
N ILE A 529 -4.91 22.74 1.28
CA ILE A 529 -6.04 23.62 1.63
C ILE A 529 -6.96 23.80 0.42
N GLN A 530 -6.37 24.11 -0.74
CA GLN A 530 -7.17 24.30 -1.95
C GLN A 530 -7.90 23.03 -2.34
N LYS A 531 -7.21 21.88 -2.28
CA LYS A 531 -7.82 20.63 -2.69
C LYS A 531 -9.02 20.28 -1.81
N VAL A 532 -8.88 20.48 -0.49
CA VAL A 532 -9.98 20.14 0.40
C VAL A 532 -11.10 21.16 0.30
N ILE A 533 -10.76 22.44 0.08
CA ILE A 533 -11.81 23.45 0.00
C ILE A 533 -12.60 23.32 -1.30
N LEU A 534 -12.00 22.74 -2.34
CA LEU A 534 -12.74 22.52 -3.59
C LEU A 534 -14.00 21.69 -3.36
N ARG A 535 -13.95 20.75 -2.41
CA ARG A 535 -15.14 19.99 -2.03
C ARG A 535 -15.83 20.53 -0.78
N ASP A 536 -15.10 21.28 0.06
CA ASP A 536 -15.75 21.94 1.20
C ASP A 536 -16.75 22.98 0.74
N LEU A 537 -16.55 23.56 -0.45
CA LEU A 537 -17.52 24.50 -0.99
C LEU A 537 -18.89 23.83 -1.16
N LEU A 538 -18.91 22.61 -1.69
CA LEU A 538 -20.17 21.88 -1.80
C LEU A 538 -20.62 21.31 -0.45
N ARG A 539 -19.66 20.96 0.41
CA ARG A 539 -20.00 20.43 1.72
C ARG A 539 -20.78 21.46 2.55
N PHE A 540 -20.33 22.72 2.52
CA PHE A 540 -21.04 23.76 3.26
C PHE A 540 -22.46 23.94 2.75
N LEU A 541 -22.65 23.90 1.43
CA LEU A 541 -23.94 24.12 0.82
C LEU A 541 -24.88 22.92 0.93
N LEU A 542 -24.36 21.72 1.16
CA LEU A 542 -25.22 20.54 1.22
C LEU A 542 -25.39 19.97 2.62
N VAL A 543 -24.49 20.28 3.55
CA VAL A 543 -24.57 19.66 4.87
C VAL A 543 -25.29 20.57 5.85
N TYR A 544 -24.73 21.77 6.10
CA TYR A 544 -25.24 22.66 7.13
C TYR A 544 -26.17 23.74 6.56
N LEU A 545 -26.52 23.63 5.29
CA LEU A 545 -27.43 24.58 4.66
C LEU A 545 -28.87 24.05 4.57
N VAL A 546 -29.06 22.74 4.66
CA VAL A 546 -30.40 22.17 4.63
C VAL A 546 -30.79 21.51 5.95
N PHE A 547 -29.85 20.87 6.65
CA PHE A 547 -30.20 20.16 7.87
C PHE A 547 -30.41 21.09 9.07
N LEU A 548 -29.92 22.32 8.99
CA LEU A 548 -30.10 23.26 10.09
C LEU A 548 -31.41 24.02 9.98
N PHE A 549 -31.65 24.69 8.84
CA PHE A 549 -32.91 25.39 8.64
C PHE A 549 -34.08 24.42 8.52
N GLY A 550 -33.86 23.23 7.97
CA GLY A 550 -34.91 22.22 7.96
C GLY A 550 -35.35 21.84 9.36
N PHE A 551 -34.39 21.60 10.25
CA PHE A 551 -34.74 21.27 11.63
C PHE A 551 -35.32 22.49 12.37
N ALA A 552 -34.86 23.70 12.02
CA ALA A 552 -35.41 24.90 12.63
C ALA A 552 -36.90 25.05 12.30
N VAL A 553 -37.25 24.91 11.02
CA VAL A 553 -38.66 24.98 10.66
C VAL A 553 -39.42 23.77 11.21
N ALA A 554 -38.73 22.63 11.36
CA ALA A 554 -39.36 21.47 11.98
C ALA A 554 -39.80 21.77 13.40
N LEU A 555 -38.93 22.38 14.20
CA LEU A 555 -39.27 22.72 15.58
C LEU A 555 -40.25 23.89 15.64
N VAL A 556 -40.15 24.83 14.69
CA VAL A 556 -41.12 25.92 14.65
C VAL A 556 -42.52 25.39 14.41
N SER A 557 -42.65 24.40 13.52
CA SER A 557 -43.94 23.77 13.27
C SER A 557 -44.50 23.08 14.51
N LEU A 558 -43.64 22.69 15.45
CA LEU A 558 -44.11 22.02 16.66
C LEU A 558 -44.76 22.99 17.63
N SER A 559 -44.38 24.27 17.61
CA SER A 559 -44.94 25.28 18.50
C SER A 559 -44.78 24.90 19.97
N ALA A 588 -47.06 32.44 20.90
CA ALA A 588 -45.98 31.84 20.11
C ALA A 588 -44.69 32.61 20.28
N PRO A 589 -43.90 32.24 21.29
CA PRO A 589 -42.61 32.93 21.50
C PRO A 589 -41.66 32.81 20.33
N TYR A 590 -41.69 31.69 19.60
CA TYR A 590 -40.80 31.48 18.46
C TYR A 590 -41.39 32.12 17.20
N ARG A 591 -41.45 33.45 17.22
CA ARG A 591 -42.00 34.19 16.09
C ARG A 591 -41.12 34.05 14.85
N SER A 592 -39.80 34.09 15.04
CA SER A 592 -38.86 34.09 13.93
C SER A 592 -38.24 32.69 13.77
N ILE A 593 -37.29 32.62 12.83
CA ILE A 593 -36.56 31.38 12.56
C ILE A 593 -35.23 31.33 13.29
N LEU A 594 -34.56 32.48 13.48
CA LEU A 594 -33.21 32.49 14.02
C LEU A 594 -33.16 31.92 15.43
N ASP A 595 -34.16 32.21 16.25
CA ASP A 595 -34.14 31.75 17.64
C ASP A 595 -34.19 30.22 17.70
N ALA A 596 -35.08 29.62 16.91
CA ALA A 596 -35.20 28.17 16.91
C ALA A 596 -33.92 27.52 16.41
N SER A 597 -33.34 28.08 15.33
CA SER A 597 -32.11 27.52 14.79
C SER A 597 -30.97 27.60 15.78
N LEU A 598 -30.82 28.74 16.45
CA LEU A 598 -29.75 28.91 17.44
C LEU A 598 -29.96 27.95 18.61
N GLU A 599 -31.19 27.83 19.10
CA GLU A 599 -31.46 26.94 20.22
C GLU A 599 -31.20 25.50 19.84
N LEU A 600 -31.60 25.10 18.62
CA LEU A 600 -31.36 23.73 18.18
C LEU A 600 -29.87 23.46 18.01
N PHE A 601 -29.11 24.42 17.47
CA PHE A 601 -27.68 24.22 17.34
C PHE A 601 -27.02 24.09 18.70
N LYS A 602 -27.48 24.87 19.68
CA LYS A 602 -26.93 24.73 21.02
C LYS A 602 -27.33 23.42 21.68
N PHE A 603 -28.52 22.91 21.38
CA PHE A 603 -28.86 21.54 21.77
C PHE A 603 -27.92 20.52 21.13
N THR A 604 -27.54 20.74 19.87
CA THR A 604 -26.59 19.86 19.23
C THR A 604 -25.22 19.94 19.88
N ILE A 605 -24.89 21.11 20.43
CA ILE A 605 -23.70 21.20 21.29
C ILE A 605 -23.88 20.31 22.52
N GLY A 606 -25.12 20.15 22.97
CA GLY A 606 -25.43 19.14 23.96
C GLY A 606 -26.45 19.55 25.00
N MET A 607 -26.40 20.80 25.46
CA MET A 607 -27.21 21.29 26.56
C MET A 607 -28.20 22.35 26.09
N GLY A 608 -29.25 22.52 26.87
CA GLY A 608 -30.28 23.50 26.56
C GLY A 608 -31.40 23.40 27.56
N GLU A 609 -32.57 23.87 27.14
CA GLU A 609 -33.77 23.83 27.97
C GLU A 609 -34.44 22.46 27.86
N LEU A 610 -34.54 21.76 28.99
CA LEU A 610 -35.21 20.47 29.04
C LEU A 610 -36.39 20.47 30.01
N ALA A 611 -36.98 21.63 30.25
CA ALA A 611 -38.11 21.72 31.15
C ALA A 611 -39.34 21.04 30.54
N PHE A 612 -40.15 20.42 31.40
CA PHE A 612 -41.36 19.71 30.97
C PHE A 612 -42.48 20.73 30.84
N GLN A 613 -42.42 21.51 29.76
CA GLN A 613 -43.44 22.52 29.51
C GLN A 613 -44.74 21.86 29.03
N GLU A 614 -45.85 22.55 29.28
CA GLU A 614 -47.15 22.07 28.84
C GLU A 614 -47.39 22.47 27.38
N GLN A 615 -48.49 21.97 26.83
CA GLN A 615 -48.88 22.22 25.43
C GLN A 615 -47.76 21.79 24.48
N LEU A 616 -47.12 20.66 24.79
CA LEU A 616 -46.03 20.14 23.99
C LEU A 616 -46.21 18.65 23.80
N ARG A 617 -45.63 18.13 22.72
CA ARG A 617 -45.67 16.71 22.38
C ARG A 617 -44.25 16.18 22.51
N PHE A 618 -43.99 15.45 23.60
CA PHE A 618 -42.65 14.95 23.86
C PHE A 618 -42.21 13.92 22.82
N ARG A 619 -43.16 13.28 22.16
CA ARG A 619 -42.80 12.30 21.13
C ARG A 619 -42.12 12.97 19.93
N GLY A 620 -42.59 14.15 19.55
CA GLY A 620 -42.00 14.87 18.44
C GLY A 620 -40.79 15.71 18.76
N VAL A 621 -40.36 15.74 20.02
CA VAL A 621 -39.22 16.56 20.42
C VAL A 621 -38.14 15.68 21.02
N VAL A 622 -38.50 14.93 22.08
CA VAL A 622 -37.53 14.09 22.76
C VAL A 622 -37.04 12.97 21.84
N LEU A 623 -37.94 12.42 21.02
CA LEU A 623 -37.62 11.30 20.17
C LEU A 623 -37.18 11.70 18.77
N LEU A 624 -37.07 12.99 18.48
CA LEU A 624 -36.62 13.45 17.18
C LEU A 624 -35.30 14.21 17.25
N LEU A 625 -35.21 15.24 18.09
CA LEU A 625 -33.97 15.99 18.23
C LEU A 625 -32.85 15.11 18.78
N LEU A 626 -33.18 14.27 19.75
CA LEU A 626 -32.19 13.47 20.46
C LEU A 626 -31.82 12.20 19.70
N LEU A 627 -32.47 11.92 18.58
CA LEU A 627 -32.26 10.68 17.84
C LEU A 627 -31.89 10.90 16.39
N ALA A 628 -32.46 11.91 15.73
CA ALA A 628 -32.28 12.10 14.29
C ALA A 628 -31.06 12.93 13.94
N TYR A 629 -30.89 14.09 14.57
CA TYR A 629 -29.80 14.98 14.18
C TYR A 629 -28.44 14.35 14.46
N VAL A 630 -28.23 13.88 15.69
CA VAL A 630 -26.89 13.46 16.10
C VAL A 630 -26.40 12.29 15.26
N LEU A 631 -27.24 11.26 15.09
CA LEU A 631 -26.81 10.09 14.33
C LEU A 631 -26.51 10.45 12.88
N LEU A 632 -27.43 11.16 12.22
CA LEU A 632 -27.25 11.48 10.81
C LEU A 632 -26.04 12.38 10.59
N THR A 633 -25.87 13.41 11.43
CA THR A 633 -24.74 14.31 11.25
C THR A 633 -23.42 13.62 11.56
N TYR A 634 -23.38 12.79 12.60
CA TYR A 634 -22.14 12.05 12.87
C TYR A 634 -21.80 11.11 11.74
N VAL A 635 -22.79 10.40 11.20
CA VAL A 635 -22.53 9.48 10.08
C VAL A 635 -22.02 10.27 8.87
N LEU A 636 -22.66 11.39 8.56
CA LEU A 636 -22.25 12.18 7.40
C LEU A 636 -20.84 12.74 7.59
N LEU A 637 -20.53 13.24 8.79
CA LEU A 637 -19.20 13.78 9.04
C LEU A 637 -18.13 12.70 8.94
N LEU A 638 -18.40 11.52 9.53
CA LEU A 638 -17.44 10.43 9.43
C LEU A 638 -17.24 9.99 7.99
N ASN A 639 -18.34 9.93 7.22
CA ASN A 639 -18.23 9.50 5.84
C ASN A 639 -17.47 10.52 5.00
N MET A 640 -17.67 11.80 5.25
CA MET A 640 -16.91 12.81 4.53
C MET A 640 -15.44 12.78 4.92
N LEU A 641 -15.15 12.49 6.19
CA LEU A 641 -13.76 12.21 6.60
C LEU A 641 -13.18 11.09 5.77
N ILE A 642 -13.90 9.98 5.67
CA ILE A 642 -13.39 8.81 4.96
C ILE A 642 -13.19 9.11 3.49
N ALA A 643 -14.11 9.89 2.89
CA ALA A 643 -13.94 10.31 1.52
C ALA A 643 -12.70 11.19 1.36
N LEU A 644 -12.44 12.06 2.34
CA LEU A 644 -11.26 12.92 2.26
C LEU A 644 -9.97 12.11 2.32
N MET A 645 -9.91 11.14 3.24
CA MET A 645 -8.73 10.27 3.26
C MET A 645 -8.63 9.44 1.98
N SER A 646 -9.75 8.97 1.44
CA SER A 646 -9.72 8.24 0.18
C SER A 646 -9.16 9.09 -0.94
N GLU A 647 -9.48 10.38 -0.95
CA GLU A 647 -8.93 11.28 -1.95
C GLU A 647 -7.44 11.55 -1.72
N THR A 648 -7.02 11.63 -0.45
CA THR A 648 -5.66 12.04 -0.15
C THR A 648 -4.65 10.90 -0.12
N VAL A 649 -5.09 9.64 -0.04
CA VAL A 649 -4.13 8.54 -0.05
C VAL A 649 -3.46 8.42 -1.41
N ASN A 650 -4.20 8.68 -2.48
CA ASN A 650 -3.70 8.62 -3.84
C ASN A 650 -3.71 10.02 -4.46
N HIS A 651 -3.18 10.11 -5.67
CA HIS A 651 -3.13 11.36 -6.44
C HIS A 651 -2.43 12.47 -5.66
N VAL A 652 -1.34 12.11 -4.96
CA VAL A 652 -0.56 13.10 -4.22
C VAL A 652 0.88 13.10 -4.71
N ALA A 653 1.56 11.96 -4.61
CA ALA A 653 2.94 11.81 -5.04
C ALA A 653 3.82 12.95 -4.50
N ASP A 654 4.69 13.49 -5.35
CA ASP A 654 5.49 14.66 -5.02
C ASP A 654 5.14 15.85 -5.92
N ASN A 655 3.90 15.90 -6.39
CA ASN A 655 3.45 16.98 -7.27
C ASN A 655 3.33 18.31 -6.55
N SER A 656 3.40 18.31 -5.22
CA SER A 656 3.20 19.55 -4.46
C SER A 656 4.29 20.56 -4.77
N TRP A 657 5.53 20.11 -4.95
CA TRP A 657 6.61 21.01 -5.32
C TRP A 657 6.32 21.69 -6.65
N SER A 658 5.85 20.92 -7.62
CA SER A 658 5.52 21.49 -8.92
C SER A 658 4.35 22.47 -8.82
N ILE A 659 3.34 22.15 -8.02
CA ILE A 659 2.19 23.04 -7.90
C ILE A 659 2.60 24.35 -7.22
N TRP A 660 3.46 24.27 -6.20
CA TRP A 660 3.97 25.48 -5.57
C TRP A 660 4.78 26.31 -6.54
N LYS A 661 5.58 25.65 -7.38
CA LYS A 661 6.33 26.37 -8.40
C LYS A 661 5.40 27.06 -9.38
N LEU A 662 4.30 26.41 -9.74
CA LEU A 662 3.32 27.02 -10.64
C LEU A 662 2.68 28.25 -9.99
N GLN A 663 2.35 28.16 -8.70
CA GLN A 663 1.80 29.32 -7.99
C GLN A 663 2.80 30.47 -7.98
N LYS A 664 4.07 30.16 -7.72
CA LYS A 664 5.10 31.19 -7.76
C LYS A 664 5.20 31.82 -9.14
N ALA A 665 5.09 31.01 -10.19
CA ALA A 665 5.15 31.53 -11.56
C ALA A 665 3.99 32.48 -11.83
N ILE A 666 2.78 32.11 -11.40
CA ILE A 666 1.62 32.98 -11.60
C ILE A 666 1.83 34.30 -10.87
N SER A 667 2.29 34.23 -9.61
CA SER A 667 2.53 35.46 -8.85
C SER A 667 3.59 36.33 -9.51
N VAL A 668 4.65 35.71 -10.02
CA VAL A 668 5.73 36.45 -10.66
C VAL A 668 5.21 37.17 -11.90
N LEU A 669 4.42 36.47 -12.72
CA LEU A 669 3.85 37.09 -13.91
C LEU A 669 2.97 38.28 -13.54
N GLU A 670 2.10 38.09 -12.54
CA GLU A 670 1.20 39.17 -12.15
C GLU A 670 1.98 40.39 -11.62
N MET A 671 2.98 40.15 -10.77
CA MET A 671 3.76 41.28 -10.26
C MET A 671 4.53 41.97 -11.37
N GLU A 672 5.10 41.20 -12.29
CA GLU A 672 5.83 41.80 -13.42
C GLU A 672 4.92 42.64 -14.29
N ASN A 673 3.64 42.28 -14.38
CA ASN A 673 2.71 43.07 -15.19
C ASN A 673 2.65 44.52 -14.73
N GLY A 674 2.71 44.74 -13.42
CA GLY A 674 2.77 46.09 -12.86
C GLY A 674 1.46 46.49 -12.19
N TYR A 675 1.52 47.62 -11.51
CA TYR A 675 0.36 48.16 -10.84
C TYR A 675 -0.62 48.76 -11.85
N TRP A 676 -1.85 49.00 -11.39
CA TRP A 676 -2.87 49.52 -12.30
C TRP A 676 -2.66 51.01 -12.59
N TRP A 677 -2.24 51.78 -11.59
CA TRP A 677 -2.16 53.23 -11.77
C TRP A 677 -0.93 53.62 -12.58
N CYS A 678 0.18 52.92 -12.38
CA CYS A 678 1.41 53.19 -13.12
C CYS A 678 1.86 51.94 -13.85
N ARG A 679 2.38 52.11 -15.05
CA ARG A 679 2.82 50.99 -15.89
C ARG A 679 4.33 50.85 -15.78
N ARG A 680 4.79 49.67 -15.38
CA ARG A 680 6.21 49.42 -15.23
C ARG A 680 6.83 49.09 -16.58
N LYS A 681 8.17 49.14 -16.61
CA LYS A 681 8.92 48.78 -17.80
C LYS A 681 9.17 47.27 -17.80
N LYS A 682 10.01 46.80 -18.71
CA LYS A 682 10.32 45.39 -18.83
C LYS A 682 11.84 45.20 -18.80
N HIS A 683 12.26 43.99 -18.43
CA HIS A 683 13.68 43.67 -18.31
C HIS A 683 13.92 42.36 -19.05
N ARG A 684 14.70 42.43 -20.13
CA ARG A 684 15.01 41.24 -20.92
C ARG A 684 16.13 40.45 -20.27
N GLU A 685 15.96 39.13 -20.21
CA GLU A 685 17.02 38.25 -19.71
C GLU A 685 17.90 37.81 -20.86
N GLY A 686 19.21 37.77 -20.60
CA GLY A 686 20.17 37.32 -21.59
C GLY A 686 20.70 38.47 -22.44
N ARG A 687 21.71 38.14 -23.25
CA ARG A 687 22.33 39.10 -24.15
C ARG A 687 22.53 38.46 -25.52
N LEU A 688 22.75 39.31 -26.52
CA LEU A 688 22.80 38.84 -27.91
C LEU A 688 24.09 38.09 -28.19
N LEU A 689 24.20 36.88 -27.65
CA LEU A 689 25.38 36.04 -27.86
C LEU A 689 25.24 35.32 -29.20
N LYS A 690 25.90 35.83 -30.23
CA LYS A 690 25.82 35.24 -31.56
C LYS A 690 26.66 33.97 -31.61
N VAL A 691 26.03 32.86 -31.98
CA VAL A 691 26.72 31.57 -32.02
C VAL A 691 26.63 30.97 -33.42
N GLY A 692 26.56 31.81 -34.43
CA GLY A 692 26.51 31.33 -35.80
C GLY A 692 26.14 32.45 -36.75
N THR A 693 25.86 32.05 -37.98
CA THR A 693 25.49 32.98 -39.04
C THR A 693 24.14 33.63 -38.76
N ARG A 702 20.90 36.37 -31.72
CA ARG A 702 20.18 35.28 -31.06
C ARG A 702 20.21 35.47 -29.54
N TRP A 703 19.03 35.68 -28.96
CA TRP A 703 18.90 35.93 -27.53
C TRP A 703 19.07 34.63 -26.76
N CYS A 704 20.17 34.52 -26.02
CA CYS A 704 20.52 33.29 -25.33
C CYS A 704 20.79 33.58 -23.87
N PHE A 705 20.48 32.61 -23.02
CA PHE A 705 20.64 32.76 -21.58
C PHE A 705 21.34 31.52 -21.05
N ARG A 706 22.36 31.72 -20.20
CA ARG A 706 23.25 30.65 -19.80
C ARG A 706 22.80 29.99 -18.50
N VAL A 707 23.14 28.71 -18.36
CA VAL A 707 22.80 27.96 -17.15
C VAL A 707 23.88 26.93 -16.90
N GLU A 708 24.19 26.70 -15.63
CA GLU A 708 25.15 25.70 -15.19
C GLU A 708 24.40 24.47 -14.72
N GLU A 709 24.84 23.30 -15.17
CA GLU A 709 24.17 22.04 -14.86
C GLU A 709 25.18 21.08 -14.25
N VAL A 710 24.73 20.33 -13.23
CA VAL A 710 25.54 19.31 -12.58
C VAL A 710 24.73 18.02 -12.54
N ASN A 711 25.33 16.93 -12.99
CA ASN A 711 24.65 15.63 -12.98
C ASN A 711 25.73 14.56 -12.88
N TRP A 712 25.93 14.02 -11.68
CA TRP A 712 26.95 13.00 -11.47
C TRP A 712 26.62 11.71 -12.22
N ALA A 713 25.34 11.31 -12.21
CA ALA A 713 24.94 10.06 -12.84
C ALA A 713 24.85 10.14 -14.35
N ALA A 714 24.87 11.35 -14.93
CA ALA A 714 24.75 11.48 -16.37
C ALA A 714 25.93 10.86 -17.10
N TRP A 715 27.14 11.08 -16.60
CA TRP A 715 28.35 10.60 -17.23
C TRP A 715 28.87 9.38 -16.48
N GLU A 716 29.23 8.33 -17.23
CA GLU A 716 29.74 7.11 -16.64
C GLU A 716 30.58 6.34 -17.66
N PHE B 75 59.42 44.16 -37.57
CA PHE B 75 59.30 42.75 -37.91
C PHE B 75 58.54 42.00 -36.83
N ASP B 76 59.26 41.56 -35.79
CA ASP B 76 58.66 40.79 -34.70
C ASP B 76 58.42 41.72 -33.52
N ARG B 77 57.26 42.37 -33.53
CA ARG B 77 56.86 43.25 -32.45
C ARG B 77 56.48 42.43 -31.22
N ASP B 78 56.95 42.88 -30.05
CA ASP B 78 56.62 42.22 -28.80
C ASP B 78 55.13 42.33 -28.45
N ARG B 79 54.42 43.32 -29.00
CA ARG B 79 52.99 43.43 -28.75
C ARG B 79 52.23 42.28 -29.39
N LEU B 80 52.77 41.70 -30.47
CA LEU B 80 52.13 40.57 -31.13
C LEU B 80 52.24 39.35 -30.23
N PHE B 81 51.13 39.03 -29.54
CA PHE B 81 51.14 37.92 -28.59
C PHE B 81 50.03 36.93 -28.91
N SER B 82 48.89 37.42 -29.39
CA SER B 82 47.75 36.57 -29.72
C SER B 82 47.71 36.17 -31.18
N VAL B 83 48.75 36.52 -31.95
CA VAL B 83 48.77 36.23 -33.38
C VAL B 83 49.93 35.34 -33.79
N VAL B 84 51.05 35.36 -33.05
CA VAL B 84 52.25 34.63 -33.48
C VAL B 84 51.98 33.14 -33.55
N SER B 85 51.44 32.56 -32.48
CA SER B 85 51.14 31.13 -32.46
C SER B 85 49.85 30.78 -31.75
N ARG B 86 49.08 31.75 -31.26
CA ARG B 86 47.86 31.43 -30.53
C ARG B 86 46.66 31.18 -31.43
N GLY B 87 46.82 31.35 -32.74
CA GLY B 87 45.72 31.12 -33.67
C GLY B 87 45.83 29.80 -34.40
N VAL B 88 47.04 29.42 -34.79
CA VAL B 88 47.29 28.20 -35.54
C VAL B 88 48.33 27.40 -34.77
N PRO B 89 48.10 26.11 -34.49
CA PRO B 89 49.12 25.31 -33.81
C PRO B 89 50.30 24.97 -34.70
N GLU B 90 51.44 25.63 -34.46
CA GLU B 90 52.66 25.37 -35.21
C GLU B 90 53.83 25.97 -34.45
N GLU B 91 55.04 25.65 -34.90
CA GLU B 91 56.26 26.11 -34.26
C GLU B 91 56.97 27.11 -35.18
N LEU B 92 57.28 28.28 -34.63
CA LEU B 92 57.96 29.32 -35.39
C LEU B 92 58.91 30.07 -34.48
N THR B 93 60.05 30.47 -35.03
CA THR B 93 61.08 31.18 -34.29
C THR B 93 60.87 32.68 -34.43
N GLY B 94 61.87 33.46 -34.00
CA GLY B 94 61.81 34.90 -34.12
C GLY B 94 60.99 35.60 -33.07
N LEU B 95 60.68 34.94 -31.96
CA LEU B 95 59.90 35.52 -30.88
C LEU B 95 60.77 35.77 -29.67
N LEU B 96 60.24 36.56 -28.74
CA LEU B 96 60.95 36.96 -27.53
C LEU B 96 62.24 37.71 -27.85
N GLU B 97 63.36 37.00 -27.90
CA GLU B 97 64.68 37.62 -27.98
C GLU B 97 65.11 37.93 -29.41
N TYR B 98 64.16 38.11 -30.33
CA TYR B 98 64.51 38.50 -31.69
C TYR B 98 65.19 39.87 -31.72
N LEU B 99 64.63 40.85 -31.00
CA LEU B 99 65.16 42.20 -30.99
C LEU B 99 65.11 42.73 -29.57
N ARG B 100 66.04 43.64 -29.26
CA ARG B 100 66.16 44.24 -27.92
C ARG B 100 66.29 43.16 -26.84
N TRP B 101 67.25 42.26 -27.05
CA TRP B 101 67.44 41.15 -26.12
C TRP B 101 67.86 41.62 -24.74
N ASN B 102 68.58 42.74 -24.65
CA ASN B 102 68.98 43.26 -23.35
C ASN B 102 67.76 43.69 -22.53
N SER B 103 66.84 44.43 -23.15
CA SER B 103 65.63 44.83 -22.45
C SER B 103 64.76 43.63 -22.11
N LYS B 104 64.72 42.63 -23.00
CA LYS B 104 63.97 41.42 -22.72
C LYS B 104 64.53 40.68 -21.50
N TYR B 105 65.85 40.58 -21.41
CA TYR B 105 66.46 39.95 -20.23
C TYR B 105 66.23 40.80 -18.98
N LEU B 106 66.22 42.12 -19.13
CA LEU B 106 66.05 43.00 -17.98
C LEU B 106 64.64 42.90 -17.40
N THR B 107 63.62 42.99 -18.26
CA THR B 107 62.24 43.10 -17.79
C THR B 107 61.25 42.18 -18.48
N ASP B 108 61.55 41.65 -19.67
CA ASP B 108 60.54 40.83 -20.40
C ASP B 108 60.93 39.35 -20.37
N SER B 109 61.49 38.87 -19.26
CA SER B 109 61.89 37.47 -19.11
C SER B 109 60.64 36.65 -18.80
N ALA B 110 59.81 36.46 -19.83
CA ALA B 110 58.55 35.73 -19.72
C ALA B 110 57.63 36.32 -18.66
N TYR B 111 57.65 37.65 -18.52
CA TYR B 111 56.75 38.35 -17.59
C TYR B 111 55.53 38.94 -18.26
N THR B 112 55.68 39.53 -19.44
CA THR B 112 54.57 40.12 -20.16
C THR B 112 53.97 39.19 -21.21
N GLU B 113 54.40 37.93 -21.23
CA GLU B 113 53.81 36.96 -22.16
C GLU B 113 52.31 36.83 -21.89
N GLY B 114 51.53 36.86 -22.97
CA GLY B 114 50.09 36.90 -22.81
C GLY B 114 49.60 38.16 -22.14
N SER B 115 50.27 39.28 -22.36
CA SER B 115 49.94 40.56 -21.73
C SER B 115 49.95 40.44 -20.21
N THR B 116 51.03 39.85 -19.69
CA THR B 116 51.22 39.64 -18.25
C THR B 116 50.04 38.85 -17.66
N GLY B 117 49.92 37.61 -18.13
CA GLY B 117 48.84 36.73 -17.76
C GLY B 117 48.41 35.91 -18.95
N LYS B 118 47.23 35.31 -18.82
CA LYS B 118 46.62 34.51 -19.90
C LYS B 118 47.60 33.45 -20.41
N THR B 119 47.92 32.51 -19.51
CA THR B 119 48.93 31.51 -19.81
C THR B 119 48.57 30.69 -21.03
N CYS B 120 49.54 30.53 -21.94
CA CYS B 120 49.27 29.86 -23.20
C CYS B 120 49.20 28.35 -23.05
N LEU B 121 49.97 27.79 -22.11
CA LEU B 121 49.99 26.33 -21.94
C LEU B 121 48.64 25.81 -21.50
N MET B 122 47.98 26.51 -20.58
CA MET B 122 46.69 26.04 -20.06
C MET B 122 45.66 25.98 -21.18
N LYS B 123 45.62 27.00 -22.04
CA LYS B 123 44.67 27.05 -23.14
C LYS B 123 45.16 26.31 -24.38
N ALA B 124 46.38 25.76 -24.35
CA ALA B 124 46.90 24.96 -25.44
C ALA B 124 46.64 23.48 -25.27
N VAL B 125 46.12 23.06 -24.11
CA VAL B 125 45.84 21.64 -23.88
C VAL B 125 44.37 21.32 -24.13
N LEU B 126 43.48 22.31 -24.11
CA LEU B 126 42.07 22.08 -24.36
C LEU B 126 41.81 21.46 -25.73
N ASN B 127 42.72 21.62 -26.68
CA ASN B 127 42.55 21.04 -28.01
C ASN B 127 42.71 19.52 -27.95
N LEU B 128 42.52 18.88 -29.09
CA LEU B 128 42.53 17.43 -29.19
C LEU B 128 43.71 16.95 -30.03
N GLN B 129 43.76 15.64 -30.24
CA GLN B 129 44.73 14.96 -31.10
C GLN B 129 46.13 14.93 -30.49
N ASP B 130 46.31 15.65 -29.38
CA ASP B 130 47.58 15.66 -28.64
C ASP B 130 48.77 16.00 -29.54
N GLY B 131 48.53 16.87 -30.52
CA GLY B 131 49.53 17.21 -31.51
C GLY B 131 50.22 18.53 -31.33
N VAL B 132 50.02 19.20 -30.20
CA VAL B 132 50.59 20.52 -29.97
C VAL B 132 51.68 20.50 -28.90
N ASN B 133 51.51 19.65 -27.88
CA ASN B 133 52.47 19.62 -26.78
C ASN B 133 53.84 19.13 -27.23
N ALA B 134 53.88 18.26 -28.23
CA ALA B 134 55.16 17.79 -28.75
C ALA B 134 55.93 18.90 -29.47
N CYS B 135 55.26 19.97 -29.85
CA CYS B 135 55.86 21.06 -30.61
C CYS B 135 56.17 22.28 -29.75
N ILE B 136 55.95 22.21 -28.44
CA ILE B 136 56.19 23.36 -27.57
C ILE B 136 57.57 23.24 -26.95
N MET B 137 58.43 22.41 -27.54
CA MET B 137 59.81 22.34 -27.08
C MET B 137 60.51 23.70 -27.14
N PRO B 138 60.44 24.46 -28.25
CA PRO B 138 60.96 25.84 -28.19
C PRO B 138 60.22 26.70 -27.18
N LEU B 139 58.93 26.43 -26.95
CA LEU B 139 58.19 27.15 -25.92
C LEU B 139 58.76 26.85 -24.53
N LEU B 140 59.25 25.63 -24.33
CA LEU B 140 59.79 25.26 -23.03
C LEU B 140 61.23 25.74 -22.88
N GLN B 141 62.14 25.21 -23.69
CA GLN B 141 63.55 25.56 -23.57
C GLN B 141 63.81 26.95 -24.13
N ILE B 142 64.98 27.50 -23.79
CA ILE B 142 65.30 28.93 -23.91
C ILE B 142 64.40 29.74 -22.98
N ASP B 143 63.09 29.58 -23.11
CA ASP B 143 62.16 30.28 -22.25
C ASP B 143 62.35 29.87 -20.79
N LYS B 144 62.54 28.56 -20.56
CA LYS B 144 62.83 28.09 -19.21
C LYS B 144 64.29 28.31 -18.87
N ASP B 145 64.58 28.33 -17.57
CA ASP B 145 65.93 28.45 -17.01
C ASP B 145 66.63 29.73 -17.46
N SER B 146 65.88 30.77 -17.83
CA SER B 146 66.45 32.03 -18.29
C SER B 146 65.75 33.18 -17.57
N GLY B 147 66.25 33.55 -16.40
CA GLY B 147 65.71 34.68 -15.67
C GLY B 147 64.27 34.54 -15.24
N ASN B 148 63.85 33.35 -14.81
CA ASN B 148 62.47 33.10 -14.36
C ASN B 148 62.50 32.40 -13.01
N PRO B 149 62.76 33.13 -11.93
CA PRO B 149 62.70 32.52 -10.59
C PRO B 149 61.31 32.03 -10.24
N LYS B 150 60.28 32.58 -10.86
CA LYS B 150 58.89 32.14 -10.71
C LYS B 150 58.77 30.71 -11.26
N PRO B 151 57.65 30.02 -11.04
CA PRO B 151 57.47 28.72 -11.69
C PRO B 151 57.57 28.86 -13.20
N LEU B 152 58.21 27.87 -13.84
CA LEU B 152 58.73 28.02 -15.20
C LEU B 152 57.62 28.35 -16.20
N VAL B 153 56.71 27.41 -16.44
CA VAL B 153 55.60 27.62 -17.35
C VAL B 153 54.32 27.11 -16.71
N ASN B 154 54.46 26.44 -15.57
CA ASN B 154 53.32 25.80 -14.93
C ASN B 154 52.29 26.83 -14.46
N ALA B 155 52.76 27.92 -13.86
CA ALA B 155 51.90 28.98 -13.34
C ALA B 155 50.91 28.44 -12.31
N GLN B 156 49.97 29.28 -11.88
CA GLN B 156 48.98 28.87 -10.90
C GLN B 156 47.55 29.33 -11.22
N CYS B 157 47.36 30.28 -12.15
CA CYS B 157 46.04 30.79 -12.51
C CYS B 157 45.33 31.34 -11.26
N ILE B 158 45.92 32.40 -10.72
CA ILE B 158 45.45 33.01 -9.48
C ILE B 158 44.32 33.96 -9.82
N ASP B 159 43.08 33.50 -9.60
CA ASP B 159 41.88 34.30 -9.80
C ASP B 159 40.72 33.57 -9.13
N GLU B 160 39.50 34.06 -9.36
CA GLU B 160 38.32 33.41 -8.81
C GLU B 160 37.81 32.31 -9.73
N PHE B 161 37.49 32.65 -10.98
CA PHE B 161 37.11 31.64 -11.96
C PHE B 161 38.31 30.77 -12.29
N TYR B 162 38.11 29.46 -12.29
CA TYR B 162 39.21 28.49 -12.39
C TYR B 162 40.29 28.81 -11.36
N GLN B 163 39.88 28.94 -10.10
CA GLN B 163 40.84 29.21 -9.04
C GLN B 163 41.85 28.07 -8.93
N GLY B 164 43.13 28.44 -8.81
CA GLY B 164 44.16 27.42 -8.83
C GLY B 164 44.25 26.79 -10.20
N HIS B 165 44.22 25.46 -10.25
CA HIS B 165 44.35 24.69 -11.48
C HIS B 165 45.70 24.89 -12.13
N SER B 166 46.00 24.06 -13.13
CA SER B 166 47.24 24.11 -13.90
C SER B 166 47.04 23.25 -15.14
N ALA B 167 48.12 23.04 -15.89
CA ALA B 167 48.03 22.16 -17.04
C ALA B 167 47.88 20.70 -16.62
N LEU B 168 48.41 20.33 -15.46
CA LEU B 168 48.29 18.96 -14.99
C LEU B 168 46.83 18.56 -14.78
N HIS B 169 46.05 19.41 -14.11
CA HIS B 169 44.66 19.08 -13.84
C HIS B 169 43.86 18.98 -15.13
N ILE B 170 44.11 19.88 -16.08
CA ILE B 170 43.42 19.84 -17.36
C ILE B 170 43.77 18.56 -18.11
N ALA B 171 45.05 18.20 -18.12
CA ALA B 171 45.47 16.98 -18.81
C ALA B 171 44.86 15.74 -18.18
N ILE B 172 44.84 15.67 -16.84
CA ILE B 172 44.28 14.51 -16.16
C ILE B 172 42.77 14.43 -16.34
N GLU B 173 42.09 15.58 -16.40
CA GLU B 173 40.64 15.57 -16.57
C GLU B 173 40.25 14.87 -17.86
N LYS B 174 40.97 15.15 -18.93
CA LYS B 174 40.71 14.48 -20.20
C LYS B 174 41.42 13.13 -20.24
N ARG B 175 40.86 12.21 -21.03
CA ARG B 175 41.39 10.86 -21.14
C ARG B 175 42.67 10.89 -21.97
N SER B 176 43.70 11.54 -21.42
CA SER B 176 44.96 11.74 -22.12
C SER B 176 46.10 11.42 -21.16
N LEU B 177 47.06 10.61 -21.64
CA LEU B 177 48.20 10.22 -20.84
C LEU B 177 49.53 10.71 -21.41
N GLN B 178 49.65 10.81 -22.73
CA GLN B 178 50.92 11.25 -23.33
C GLN B 178 51.25 12.68 -22.91
N CYS B 179 50.26 13.56 -22.91
CA CYS B 179 50.49 14.93 -22.44
C CYS B 179 50.83 14.94 -20.97
N VAL B 180 50.21 14.04 -20.18
CA VAL B 180 50.57 13.93 -18.77
C VAL B 180 52.03 13.54 -18.62
N LYS B 181 52.49 12.59 -19.42
CA LYS B 181 53.91 12.23 -19.42
C LYS B 181 54.78 13.44 -19.75
N LEU B 182 54.47 14.13 -20.85
CA LEU B 182 55.26 15.27 -21.28
C LEU B 182 55.34 16.33 -20.19
N LEU B 183 54.24 16.54 -19.48
CA LEU B 183 54.24 17.47 -18.36
C LEU B 183 55.12 16.98 -17.22
N VAL B 184 55.00 15.70 -16.88
CA VAL B 184 55.68 15.18 -15.70
C VAL B 184 57.20 15.13 -15.87
N GLU B 185 57.68 14.74 -17.05
CA GLU B 185 59.12 14.55 -17.21
C GLU B 185 59.91 15.83 -16.93
N ASN B 186 59.43 16.97 -17.43
CA ASN B 186 60.15 18.23 -17.29
C ASN B 186 59.19 19.34 -16.88
N GLY B 187 58.39 19.11 -15.84
CA GLY B 187 57.42 20.10 -15.44
C GLY B 187 57.11 20.18 -13.96
N ALA B 188 55.86 20.53 -13.65
CA ALA B 188 55.46 20.86 -12.29
C ALA B 188 55.46 19.63 -11.39
N ASP B 189 55.65 19.89 -10.10
CA ASP B 189 55.52 18.84 -9.10
C ASP B 189 54.07 18.39 -9.01
N VAL B 190 53.88 17.14 -8.58
CA VAL B 190 52.55 16.58 -8.45
C VAL B 190 51.80 17.16 -7.24
N HIS B 191 52.52 17.56 -6.18
CA HIS B 191 51.89 18.10 -4.99
C HIS B 191 51.59 19.58 -5.18
N LEU B 192 50.51 19.84 -5.90
CA LEU B 192 50.08 21.21 -6.23
C LEU B 192 48.57 21.28 -6.04
N ARG B 193 48.14 21.92 -4.96
CA ARG B 193 46.73 21.95 -4.60
C ARG B 193 45.91 22.64 -5.68
N ALA B 194 44.77 22.04 -6.03
CA ALA B 194 43.95 22.54 -7.13
C ALA B 194 43.20 23.81 -6.73
N CYS B 195 42.32 23.70 -5.73
CA CYS B 195 41.62 24.89 -5.25
C CYS B 195 42.58 25.87 -4.60
N GLY B 196 43.52 25.35 -3.82
CA GLY B 196 44.59 26.17 -3.27
C GLY B 196 44.07 27.30 -2.39
N ARG B 197 44.85 28.37 -2.32
CA ARG B 197 44.51 29.58 -1.58
C ARG B 197 44.27 29.27 -0.11
N PHE B 198 43.72 30.24 0.63
CA PHE B 198 43.38 30.05 2.03
C PHE B 198 41.89 30.06 2.30
N PHE B 199 41.08 30.46 1.32
CA PHE B 199 39.63 30.50 1.47
C PHE B 199 39.04 29.26 0.79
N GLN B 200 38.52 28.33 1.59
CA GLN B 200 37.95 27.11 1.06
C GLN B 200 36.58 27.33 0.41
N LYS B 201 35.84 28.34 0.87
CA LYS B 201 34.50 28.60 0.34
C LYS B 201 34.51 29.14 -1.08
N HIS B 202 35.67 29.52 -1.61
CA HIS B 202 35.80 30.05 -2.97
C HIS B 202 36.49 29.00 -3.82
N GLN B 203 35.71 28.07 -4.37
CA GLN B 203 36.23 27.07 -5.28
C GLN B 203 35.75 27.39 -6.68
N GLY B 204 36.67 27.29 -7.64
CA GLY B 204 36.38 27.69 -9.01
C GLY B 204 35.32 26.85 -9.69
N THR B 205 34.96 25.71 -9.11
CA THR B 205 33.96 24.84 -9.70
C THR B 205 33.31 24.03 -8.58
N CYS B 206 32.04 23.65 -8.76
CA CYS B 206 31.28 22.85 -7.82
C CYS B 206 31.64 21.37 -7.86
N PHE B 207 32.75 21.03 -8.51
CA PHE B 207 33.24 19.65 -8.59
C PHE B 207 34.35 19.47 -7.58
N TYR B 208 34.06 18.79 -6.47
CA TYR B 208 35.05 18.55 -5.44
C TYR B 208 35.65 17.16 -5.64
N PHE B 209 36.97 17.10 -5.82
CA PHE B 209 37.66 15.84 -6.04
C PHE B 209 38.78 15.57 -5.05
N GLY B 210 39.33 16.60 -4.41
CA GLY B 210 40.39 16.38 -3.44
C GLY B 210 41.49 17.42 -3.50
N GLU B 211 41.40 18.31 -4.49
CA GLU B 211 42.36 19.40 -4.66
C GLU B 211 43.77 18.89 -4.85
N LEU B 212 43.92 17.81 -5.63
CA LEU B 212 45.23 17.24 -5.91
C LEU B 212 45.15 16.46 -7.21
N PRO B 213 46.22 16.43 -8.01
CA PRO B 213 46.20 15.63 -9.24
C PRO B 213 45.97 14.16 -8.98
N LEU B 214 46.57 13.61 -7.92
CA LEU B 214 46.39 12.19 -7.62
C LEU B 214 44.95 11.88 -7.27
N SER B 215 44.32 12.73 -6.45
CA SER B 215 42.92 12.51 -6.09
C SER B 215 42.01 12.72 -7.29
N LEU B 216 42.34 13.67 -8.16
CA LEU B 216 41.56 13.86 -9.39
C LEU B 216 41.63 12.64 -10.28
N ALA B 217 42.82 12.06 -10.43
CA ALA B 217 42.97 10.84 -11.22
C ALA B 217 42.20 9.69 -10.61
N ALA B 218 42.28 9.54 -9.28
CA ALA B 218 41.57 8.45 -8.60
C ALA B 218 40.06 8.60 -8.73
N CYS B 219 39.54 9.82 -8.59
CA CYS B 219 38.09 10.02 -8.60
C CYS B 219 37.50 9.86 -9.98
N THR B 220 38.31 9.98 -11.03
CA THR B 220 37.84 9.88 -12.41
C THR B 220 38.14 8.53 -13.04
N LYS B 221 38.53 7.54 -12.24
CA LYS B 221 38.71 6.16 -12.70
C LYS B 221 39.82 6.08 -13.75
N GLN B 222 40.93 6.79 -13.47
CA GLN B 222 42.09 6.77 -14.35
C GLN B 222 43.15 5.87 -13.72
N TRP B 223 43.01 4.57 -13.96
CA TRP B 223 43.96 3.62 -13.38
C TRP B 223 45.36 3.81 -13.97
N ASP B 224 45.44 4.05 -15.27
CA ASP B 224 46.74 4.25 -15.91
C ASP B 224 47.42 5.50 -15.38
N VAL B 225 46.66 6.58 -15.20
CA VAL B 225 47.24 7.83 -14.73
C VAL B 225 47.76 7.69 -13.30
N VAL B 226 46.98 7.06 -12.41
CA VAL B 226 47.42 6.92 -11.03
C VAL B 226 48.59 5.95 -10.95
N THR B 227 48.58 4.89 -11.79
CA THR B 227 49.71 3.97 -11.81
C THR B 227 50.98 4.68 -12.23
N TYR B 228 50.90 5.54 -13.24
CA TYR B 228 52.08 6.30 -13.66
C TYR B 228 52.50 7.30 -12.59
N LEU B 229 51.54 7.94 -11.93
CA LEU B 229 51.87 8.96 -10.94
C LEU B 229 52.57 8.36 -9.73
N LEU B 230 52.14 7.18 -9.29
CA LEU B 230 52.80 6.54 -8.15
C LEU B 230 54.21 6.07 -8.52
N GLU B 231 54.36 5.45 -9.68
CA GLU B 231 55.64 4.88 -10.10
C GLU B 231 56.13 5.59 -11.36
N ASN B 232 56.97 6.61 -11.17
CA ASN B 232 57.63 7.27 -12.28
C ASN B 232 58.98 7.80 -11.80
N PRO B 233 60.07 7.53 -12.51
CA PRO B 233 61.38 7.94 -12.01
C PRO B 233 61.74 9.38 -12.34
N HIS B 234 60.77 10.28 -12.18
CA HIS B 234 61.04 11.70 -12.31
C HIS B 234 60.51 12.52 -11.13
N GLN B 235 59.34 12.16 -10.62
CA GLN B 235 58.73 12.87 -9.50
C GLN B 235 57.66 11.99 -8.87
N PRO B 236 58.02 11.12 -7.93
CA PRO B 236 57.01 10.25 -7.31
C PRO B 236 55.97 11.04 -6.54
N ALA B 237 54.75 10.53 -6.56
CA ALA B 237 53.63 11.16 -5.87
C ALA B 237 53.35 10.42 -4.57
N SER B 238 53.52 11.11 -3.45
CA SER B 238 53.26 10.50 -2.16
C SER B 238 51.76 10.24 -2.01
N LEU B 239 51.40 8.98 -1.74
CA LEU B 239 50.00 8.64 -1.60
C LEU B 239 49.44 9.10 -0.26
N GLU B 240 50.31 9.43 0.70
CA GLU B 240 49.90 9.94 2.00
C GLU B 240 49.95 11.45 2.07
N ALA B 241 50.12 12.14 0.94
CA ALA B 241 50.11 13.60 0.95
C ALA B 241 48.72 14.11 1.32
N THR B 242 48.70 15.17 2.11
CA THR B 242 47.45 15.68 2.67
C THR B 242 46.83 16.71 1.72
N ASP B 243 45.80 17.40 2.20
CA ASP B 243 45.05 18.38 1.43
C ASP B 243 44.88 19.64 2.28
N SER B 244 44.55 20.74 1.61
CA SER B 244 44.37 22.02 2.30
C SER B 244 43.32 21.90 3.40
N LEU B 245 42.28 21.11 3.16
CA LEU B 245 41.27 20.86 4.19
C LEU B 245 41.73 19.82 5.21
N GLY B 246 42.78 19.07 4.91
CA GLY B 246 43.28 18.03 5.78
C GLY B 246 43.04 16.63 5.26
N ASN B 247 42.22 16.47 4.22
CA ASN B 247 41.89 15.16 3.69
C ASN B 247 43.08 14.54 2.97
N THR B 248 42.89 13.31 2.50
CA THR B 248 43.86 12.62 1.66
C THR B 248 43.07 11.91 0.56
N VAL B 249 43.74 11.00 -0.15
CA VAL B 249 43.10 10.33 -1.28
C VAL B 249 41.89 9.53 -0.81
N LEU B 250 42.04 8.77 0.28
CA LEU B 250 40.96 7.92 0.75
C LEU B 250 39.81 8.76 1.30
N HIS B 251 40.12 9.85 2.00
CA HIS B 251 39.06 10.76 2.44
C HIS B 251 38.28 11.31 1.25
N ALA B 252 38.99 11.72 0.19
CA ALA B 252 38.32 12.24 -0.99
C ALA B 252 37.44 11.19 -1.64
N LEU B 253 37.93 9.94 -1.72
CA LEU B 253 37.09 8.86 -2.21
C LEU B 253 35.85 8.69 -1.35
N VAL B 254 35.97 8.91 -0.04
CA VAL B 254 34.83 8.76 0.85
C VAL B 254 33.80 9.86 0.59
N MET B 255 34.25 11.11 0.50
CA MET B 255 33.33 12.24 0.41
C MET B 255 32.50 12.20 -0.87
N ILE B 256 33.15 11.99 -2.02
CA ILE B 256 32.44 11.99 -3.29
C ILE B 256 31.56 10.75 -3.47
N ALA B 257 31.63 9.80 -2.55
CA ALA B 257 30.82 8.59 -2.67
C ALA B 257 29.34 8.92 -2.45
N ASP B 258 28.49 8.00 -2.87
CA ASP B 258 27.05 8.18 -2.73
C ASP B 258 26.42 6.79 -2.61
N ASN B 259 25.20 6.77 -2.08
CA ASN B 259 24.47 5.53 -1.88
C ASN B 259 23.93 4.94 -3.17
N SER B 260 24.02 5.67 -4.28
CA SER B 260 23.61 5.12 -5.57
C SER B 260 24.56 3.98 -5.95
N PRO B 261 24.08 2.93 -6.63
CA PRO B 261 24.97 1.81 -6.94
C PRO B 261 25.86 2.03 -8.15
N GLU B 262 25.61 3.07 -8.94
CA GLU B 262 26.44 3.31 -10.12
C GLU B 262 27.87 3.65 -9.74
N ASN B 263 28.04 4.55 -8.77
CA ASN B 263 29.37 4.96 -8.34
C ASN B 263 29.89 4.16 -7.17
N SER B 264 29.07 3.29 -6.57
CA SER B 264 29.54 2.47 -5.47
C SER B 264 30.63 1.50 -5.93
N ALA B 265 30.41 0.85 -7.07
CA ALA B 265 31.44 -0.05 -7.59
C ALA B 265 32.74 0.69 -7.82
N LEU B 266 32.65 1.89 -8.39
CA LEU B 266 33.84 2.72 -8.60
C LEU B 266 34.54 3.01 -7.28
N VAL B 267 33.78 3.42 -6.26
CA VAL B 267 34.38 3.83 -5.00
C VAL B 267 35.08 2.68 -4.31
N ILE B 268 34.39 1.54 -4.14
CA ILE B 268 35.04 0.41 -3.49
C ILE B 268 36.21 -0.12 -4.33
N HIS B 269 36.06 -0.21 -5.65
CA HIS B 269 37.16 -0.72 -6.46
C HIS B 269 38.40 0.14 -6.33
N MET B 270 38.24 1.46 -6.45
CA MET B 270 39.40 2.35 -6.35
C MET B 270 39.97 2.34 -4.94
N TYR B 271 39.12 2.26 -3.92
CA TYR B 271 39.60 2.19 -2.55
C TYR B 271 40.49 0.97 -2.34
N ASP B 272 40.01 -0.20 -2.77
CA ASP B 272 40.79 -1.42 -2.61
C ASP B 272 42.09 -1.35 -3.41
N GLY B 273 42.02 -0.85 -4.65
CA GLY B 273 43.21 -0.76 -5.46
C GLY B 273 44.27 0.15 -4.84
N LEU B 274 43.85 1.33 -4.38
CA LEU B 274 44.79 2.24 -3.75
C LEU B 274 45.37 1.65 -2.47
N LEU B 275 44.55 0.95 -1.68
CA LEU B 275 45.04 0.32 -0.47
C LEU B 275 46.10 -0.73 -0.79
N GLN B 276 45.85 -1.56 -1.80
CA GLN B 276 46.81 -2.60 -2.17
C GLN B 276 48.11 -2.00 -2.69
N MET B 277 48.02 -0.96 -3.54
CA MET B 277 49.25 -0.33 -4.02
C MET B 277 50.02 0.35 -2.90
N GLY B 278 49.31 0.99 -1.98
CA GLY B 278 49.99 1.58 -0.83
C GLY B 278 50.69 0.54 0.02
N ALA B 279 50.08 -0.63 0.17
CA ALA B 279 50.74 -1.73 0.86
C ALA B 279 51.99 -2.18 0.11
N ARG B 280 51.89 -2.29 -1.21
CA ARG B 280 53.01 -2.80 -2.00
C ARG B 280 54.20 -1.84 -2.00
N LEU B 281 53.96 -0.55 -2.23
CA LEU B 281 55.07 0.41 -2.28
C LEU B 281 55.63 0.70 -0.90
N CYS B 282 54.79 1.19 0.02
CA CYS B 282 55.23 1.57 1.36
C CYS B 282 54.40 0.79 2.38
N PRO B 283 54.82 -0.42 2.75
CA PRO B 283 54.09 -1.20 3.74
C PRO B 283 54.33 -0.78 5.18
N THR B 284 55.07 0.31 5.41
CA THR B 284 55.39 0.75 6.76
C THR B 284 54.50 1.89 7.24
N VAL B 285 53.43 2.21 6.52
CA VAL B 285 52.55 3.31 6.88
C VAL B 285 51.12 2.78 6.98
N GLN B 286 50.37 3.31 7.94
CA GLN B 286 48.96 2.94 8.14
C GLN B 286 48.11 3.98 7.44
N LEU B 287 47.65 3.66 6.22
CA LEU B 287 46.84 4.62 5.47
C LEU B 287 45.51 4.86 6.16
N GLU B 288 44.90 3.81 6.72
CA GLU B 288 43.62 3.97 7.40
C GLU B 288 43.73 4.86 8.62
N GLU B 289 44.87 4.84 9.31
CA GLU B 289 45.05 5.63 10.53
C GLU B 289 45.69 6.98 10.23
N ILE B 290 45.05 7.78 9.39
CA ILE B 290 45.52 9.13 9.07
C ILE B 290 44.44 10.10 9.54
N SER B 291 44.84 11.10 10.31
CA SER B 291 43.91 12.01 10.96
C SER B 291 43.55 13.18 10.05
N ASN B 292 42.27 13.52 10.04
CA ASN B 292 41.77 14.69 9.34
C ASN B 292 42.12 15.96 10.12
N HIS B 293 41.59 17.10 9.66
CA HIS B 293 41.74 18.32 10.44
C HIS B 293 40.73 18.40 11.59
N GLN B 294 39.70 17.56 11.58
CA GLN B 294 38.82 17.39 12.72
C GLN B 294 39.13 16.13 13.51
N GLY B 295 40.30 15.56 13.32
CA GLY B 295 40.68 14.33 13.99
C GLY B 295 39.88 13.11 13.58
N LEU B 296 39.62 12.96 12.28
CA LEU B 296 38.82 11.87 11.77
C LEU B 296 39.63 11.01 10.81
N THR B 297 39.22 9.77 10.67
CA THR B 297 39.78 8.81 9.72
C THR B 297 38.76 8.50 8.63
N PRO B 298 39.17 7.83 7.56
CA PRO B 298 38.19 7.51 6.50
C PRO B 298 36.97 6.76 7.01
N LEU B 299 37.14 5.84 7.96
CA LEU B 299 36.01 5.11 8.51
C LEU B 299 35.10 6.04 9.31
N LYS B 300 35.69 6.84 10.21
CA LYS B 300 34.90 7.78 11.00
C LYS B 300 34.24 8.81 10.11
N LEU B 301 34.95 9.30 9.09
CA LEU B 301 34.38 10.27 8.17
C LEU B 301 33.20 9.68 7.40
N ALA B 302 33.34 8.42 6.96
CA ALA B 302 32.22 7.77 6.27
C ALA B 302 31.03 7.58 7.19
N ALA B 303 31.30 7.26 8.46
CA ALA B 303 30.21 7.14 9.43
C ALA B 303 29.51 8.47 9.66
N LYS B 304 30.29 9.56 9.76
CA LYS B 304 29.71 10.86 10.07
C LYS B 304 28.93 11.43 8.90
N GLU B 305 29.45 11.29 7.68
CA GLU B 305 28.81 11.90 6.52
C GLU B 305 27.56 11.16 6.06
N GLY B 306 27.28 9.99 6.62
CA GLY B 306 26.10 9.24 6.25
C GLY B 306 26.26 8.30 5.07
N LYS B 307 27.45 8.22 4.48
CA LYS B 307 27.69 7.25 3.42
C LYS B 307 27.71 5.85 4.01
N ILE B 308 26.83 4.99 3.53
CA ILE B 308 26.62 3.69 4.16
C ILE B 308 27.30 2.57 3.36
N GLU B 309 27.19 2.61 2.04
CA GLU B 309 27.70 1.52 1.22
C GLU B 309 29.20 1.36 1.36
N ILE B 310 29.94 2.48 1.32
CA ILE B 310 31.38 2.40 1.57
C ILE B 310 31.65 2.05 3.03
N PHE B 311 30.82 2.54 3.96
CA PHE B 311 31.01 2.25 5.37
C PHE B 311 30.87 0.76 5.66
N ARG B 312 29.85 0.12 5.08
CA ARG B 312 29.67 -1.30 5.29
C ARG B 312 30.83 -2.09 4.71
N HIS B 313 31.29 -1.73 3.51
CA HIS B 313 32.41 -2.44 2.91
C HIS B 313 33.67 -2.31 3.76
N ILE B 314 33.94 -1.12 4.28
CA ILE B 314 35.11 -0.95 5.14
C ILE B 314 34.95 -1.75 6.41
N LEU B 315 33.71 -1.85 6.92
CA LEU B 315 33.49 -2.56 8.17
C LEU B 315 33.67 -4.07 8.01
N GLN B 316 33.41 -4.60 6.81
CA GLN B 316 33.51 -6.04 6.54
C GLN B 316 34.41 -6.22 5.33
N ARG B 317 35.73 -6.28 5.55
CA ARG B 317 36.71 -6.38 4.48
C ARG B 317 37.54 -7.63 4.71
N GLU B 318 37.55 -8.53 3.72
CA GLU B 318 38.11 -9.87 3.90
C GLU B 318 39.40 -10.09 3.12
N PHE B 319 39.40 -9.88 1.81
CA PHE B 319 40.55 -10.15 0.94
C PHE B 319 41.00 -11.61 1.03
N SER B 320 42.10 -11.93 0.34
CA SER B 320 42.67 -13.27 0.35
C SER B 320 44.05 -13.21 -0.29
N GLY B 321 44.89 -14.18 0.08
CA GLY B 321 46.22 -14.29 -0.49
C GLY B 321 47.25 -13.48 0.27
N PRO B 322 48.15 -12.83 -0.47
CA PRO B 322 49.18 -12.01 0.19
C PRO B 322 48.63 -10.82 0.94
N TYR B 323 47.39 -10.40 0.67
CA TYR B 323 46.79 -9.24 1.30
C TYR B 323 45.96 -9.60 2.52
N GLN B 324 46.32 -10.66 3.23
CA GLN B 324 45.59 -11.05 4.43
C GLN B 324 45.59 -9.98 5.51
N PRO B 325 46.72 -9.37 5.90
CA PRO B 325 46.68 -8.40 7.01
C PRO B 325 45.81 -7.19 6.75
N LEU B 326 45.52 -6.86 5.49
CA LEU B 326 44.65 -5.74 5.19
C LEU B 326 43.19 -6.16 5.26
N SER B 327 42.78 -6.75 6.38
CA SER B 327 41.44 -7.29 6.51
C SER B 327 40.89 -6.99 7.89
N ARG B 328 39.56 -7.02 8.00
CA ARG B 328 38.87 -6.76 9.25
C ARG B 328 37.88 -7.85 9.64
N LYS B 329 37.74 -8.90 8.83
CA LYS B 329 36.79 -9.98 9.12
C LYS B 329 37.46 -11.29 8.76
N PHE B 330 37.73 -12.12 9.76
CA PHE B 330 38.48 -13.36 9.59
C PHE B 330 37.56 -14.55 9.92
N THR B 331 37.33 -15.42 8.93
CA THR B 331 36.55 -16.61 9.21
C THR B 331 37.44 -17.70 9.78
N GLU B 332 37.07 -18.21 10.96
CA GLU B 332 37.88 -19.22 11.63
C GLU B 332 37.74 -20.59 10.95
N TRP B 333 36.53 -21.14 10.95
CA TRP B 333 36.26 -22.38 10.25
C TRP B 333 34.81 -22.36 9.76
N CYS B 334 34.57 -23.08 8.67
CA CYS B 334 33.25 -23.12 8.05
C CYS B 334 32.65 -24.49 8.26
N TYR B 335 31.39 -24.52 8.71
CA TYR B 335 30.66 -25.78 8.87
C TYR B 335 29.29 -25.56 8.25
N GLY B 336 29.20 -25.79 6.93
CA GLY B 336 27.99 -25.49 6.20
C GLY B 336 27.53 -24.08 6.47
N PRO B 337 26.30 -23.93 6.97
CA PRO B 337 25.85 -22.60 7.41
C PRO B 337 26.64 -22.05 8.58
N VAL B 338 27.16 -22.90 9.47
CA VAL B 338 27.93 -22.43 10.61
C VAL B 338 29.21 -21.77 10.09
N ARG B 339 29.31 -20.46 10.28
CA ARG B 339 30.35 -19.64 9.67
C ARG B 339 30.96 -18.70 10.71
N VAL B 340 31.38 -19.27 11.86
CA VAL B 340 31.94 -18.47 12.94
C VAL B 340 33.05 -17.58 12.41
N SER B 341 32.95 -16.29 12.72
CA SER B 341 33.87 -15.29 12.20
C SER B 341 34.29 -14.36 13.33
N LEU B 342 35.35 -13.59 13.07
CA LEU B 342 35.88 -12.61 14.01
C LEU B 342 35.96 -11.27 13.31
N TYR B 343 35.41 -10.24 13.95
CA TYR B 343 35.47 -8.89 13.43
C TYR B 343 36.49 -8.08 14.23
N ASP B 344 37.10 -7.11 13.56
CA ASP B 344 38.02 -6.21 14.23
C ASP B 344 37.24 -5.08 14.89
N LEU B 345 37.77 -4.58 16.00
CA LEU B 345 37.10 -3.53 16.77
C LEU B 345 38.04 -2.32 16.90
N SER B 346 37.99 -1.44 15.90
CA SER B 346 38.43 -0.07 16.06
C SER B 346 37.24 0.86 16.23
N SER B 347 36.05 0.30 16.42
CA SER B 347 34.80 1.04 16.55
C SER B 347 34.11 0.70 17.88
N VAL B 348 34.89 0.64 18.95
CA VAL B 348 34.37 0.36 20.28
C VAL B 348 34.64 1.57 21.17
N ASP B 349 33.62 1.98 21.92
CA ASP B 349 33.73 3.18 22.75
C ASP B 349 34.72 2.98 23.89
N SER B 350 34.89 1.74 24.35
CA SER B 350 35.66 1.49 25.55
C SER B 350 37.15 1.71 25.29
N TRP B 351 37.75 2.56 26.12
CA TRP B 351 39.13 3.04 25.95
C TRP B 351 39.40 3.56 24.54
N GLU B 352 38.39 4.11 23.87
CA GLU B 352 38.59 4.78 22.59
C GLU B 352 37.65 5.98 22.55
N LYS B 353 38.19 7.16 22.88
CA LYS B 353 37.42 8.38 22.79
C LYS B 353 37.14 8.71 21.32
N ASN B 354 35.94 9.25 21.06
CA ASN B 354 35.50 9.59 19.72
C ASN B 354 35.49 8.37 18.81
N SER B 355 34.70 7.38 19.19
CA SER B 355 34.59 6.14 18.46
C SER B 355 33.49 6.24 17.40
N VAL B 356 33.30 5.17 16.64
CA VAL B 356 32.29 5.17 15.59
C VAL B 356 30.89 5.14 16.19
N LEU B 357 30.70 4.43 17.30
CA LEU B 357 29.38 4.33 17.90
C LEU B 357 28.90 5.69 18.40
N GLU B 358 29.79 6.46 19.05
CA GLU B 358 29.42 7.79 19.51
C GLU B 358 29.09 8.70 18.33
N ILE B 359 29.88 8.62 17.27
CA ILE B 359 29.66 9.47 16.10
C ILE B 359 28.32 9.15 15.45
N ILE B 360 27.98 7.87 15.34
CA ILE B 360 26.68 7.50 14.80
C ILE B 360 25.56 7.99 15.71
N ALA B 361 25.73 7.84 17.03
CA ALA B 361 24.66 8.17 17.95
C ALA B 361 24.45 9.67 18.07
N PHE B 362 25.54 10.43 18.24
CA PHE B 362 25.45 11.84 18.57
C PHE B 362 25.75 12.77 17.41
N HIS B 363 26.93 12.64 16.80
CA HIS B 363 27.42 13.63 15.84
C HIS B 363 26.87 13.42 14.43
N CYS B 364 26.09 12.38 14.19
CA CYS B 364 25.56 12.09 12.86
C CYS B 364 24.23 12.80 12.68
N LYS B 365 24.05 13.41 11.49
CA LYS B 365 22.83 14.11 11.15
C LYS B 365 22.04 13.45 10.03
N SER B 366 22.59 12.41 9.40
CA SER B 366 21.95 11.81 8.24
C SER B 366 20.66 11.09 8.63
N PRO B 367 19.70 10.98 7.71
CA PRO B 367 18.51 10.16 7.97
C PRO B 367 18.80 8.68 8.00
N ASN B 368 20.00 8.26 7.61
CA ASN B 368 20.38 6.85 7.56
C ASN B 368 21.02 6.38 8.87
N ARG B 369 21.04 7.22 9.91
CA ARG B 369 21.70 6.86 11.16
C ARG B 369 21.08 5.63 11.80
N HIS B 370 19.79 5.39 11.59
CA HIS B 370 19.17 4.18 12.12
C HIS B 370 19.40 2.97 11.22
N ARG B 371 19.88 3.18 10.00
CA ARG B 371 20.23 2.09 9.11
C ARG B 371 21.64 1.58 9.33
N MET B 372 22.46 2.29 10.12
CA MET B 372 23.84 1.92 10.34
C MET B 372 24.07 1.23 11.68
N VAL B 373 23.00 0.91 12.40
CA VAL B 373 23.11 0.18 13.67
C VAL B 373 22.59 -1.26 13.54
N VAL B 374 22.43 -1.74 12.31
CA VAL B 374 21.99 -3.11 12.07
C VAL B 374 23.08 -3.96 11.41
N LEU B 375 24.21 -3.37 11.07
CA LEU B 375 25.32 -4.14 10.54
C LEU B 375 25.85 -5.11 11.60
N GLU B 376 26.34 -6.26 11.13
CA GLU B 376 26.57 -7.39 12.03
C GLU B 376 27.46 -7.06 13.23
N PRO B 377 28.65 -6.48 13.08
CA PRO B 377 29.47 -6.25 14.28
C PRO B 377 28.84 -5.25 15.23
N LEU B 378 28.34 -4.12 14.72
CA LEU B 378 27.69 -3.14 15.57
C LEU B 378 26.44 -3.72 16.23
N ASN B 379 25.64 -4.47 15.47
CA ASN B 379 24.40 -5.02 16.02
C ASN B 379 24.67 -5.98 17.15
N LYS B 380 25.59 -6.94 16.93
CA LYS B 380 25.88 -7.90 17.99
C LYS B 380 26.54 -7.23 19.18
N LEU B 381 27.42 -6.25 18.94
CA LEU B 381 28.04 -5.55 20.06
C LEU B 381 27.00 -4.80 20.88
N LEU B 382 26.06 -4.14 20.22
CA LEU B 382 25.03 -3.40 20.94
C LEU B 382 24.13 -4.33 21.72
N GLN B 383 23.75 -5.48 21.14
CA GLN B 383 22.93 -6.44 21.86
C GLN B 383 23.65 -6.97 23.09
N GLU B 384 24.91 -7.35 22.93
CA GLU B 384 25.69 -7.87 24.05
C GLU B 384 25.88 -6.81 25.13
N LYS B 385 26.02 -5.54 24.74
CA LYS B 385 26.20 -4.49 25.72
C LYS B 385 24.90 -4.14 26.44
N TRP B 386 23.76 -4.24 25.74
CA TRP B 386 22.49 -3.89 26.35
C TRP B 386 22.01 -4.99 27.28
N ASP B 387 22.27 -6.25 26.94
CA ASP B 387 21.84 -7.35 27.80
C ASP B 387 22.55 -7.35 29.15
N ARG B 388 23.65 -6.60 29.29
CA ARG B 388 24.38 -6.53 30.54
C ARG B 388 23.80 -5.52 31.52
N LEU B 389 23.18 -4.43 31.04
CA LEU B 389 22.77 -3.33 31.90
C LEU B 389 21.26 -3.18 31.98
N VAL B 390 20.50 -4.25 31.81
CA VAL B 390 19.06 -4.17 32.04
C VAL B 390 18.77 -3.99 33.53
N SER B 391 19.59 -4.61 34.38
CA SER B 391 19.36 -4.53 35.82
C SER B 391 19.42 -3.09 36.32
N ARG B 392 20.42 -2.33 35.86
CA ARG B 392 20.51 -0.92 36.28
C ARG B 392 19.30 -0.13 35.80
N PHE B 393 18.85 -0.41 34.57
CA PHE B 393 17.68 0.29 34.04
C PHE B 393 16.45 0.03 34.90
N PHE B 394 16.19 -1.22 35.25
CA PHE B 394 15.02 -1.53 36.07
C PHE B 394 15.18 -1.04 37.50
N PHE B 395 16.40 -1.02 38.03
CA PHE B 395 16.62 -0.47 39.35
C PHE B 395 16.31 1.02 39.38
N ASN B 396 16.75 1.75 38.36
CA ASN B 396 16.42 3.18 38.27
C ASN B 396 14.92 3.37 38.11
N PHE B 397 14.27 2.49 37.33
CA PHE B 397 12.82 2.55 37.20
C PHE B 397 12.13 2.40 38.56
N ALA B 398 12.55 1.41 39.34
CA ALA B 398 11.93 1.19 40.64
C ALA B 398 12.17 2.37 41.58
N CYS B 399 13.39 2.90 41.59
CA CYS B 399 13.68 4.06 42.44
C CYS B 399 12.81 5.25 42.06
N TYR B 400 12.66 5.50 40.75
CA TYR B 400 11.81 6.60 40.32
C TYR B 400 10.35 6.36 40.71
N LEU B 401 9.89 5.13 40.58
CA LEU B 401 8.50 4.82 40.92
C LEU B 401 8.22 5.06 42.40
N VAL B 402 9.13 4.60 43.27
CA VAL B 402 8.91 4.83 44.70
C VAL B 402 9.04 6.30 45.05
N TYR B 403 9.96 7.03 44.40
CA TYR B 403 10.06 8.46 44.64
C TYR B 403 8.77 9.18 44.26
N MET B 404 8.18 8.82 43.12
CA MET B 404 6.92 9.45 42.72
C MET B 404 5.78 9.07 43.65
N PHE B 405 5.75 7.83 44.14
CA PHE B 405 4.72 7.46 45.10
C PHE B 405 4.85 8.29 46.38
N ILE B 406 6.08 8.46 46.86
CA ILE B 406 6.30 9.29 48.05
C ILE B 406 5.89 10.72 47.79
N PHE B 407 6.23 11.27 46.63
CA PHE B 407 5.83 12.63 46.29
C PHE B 407 4.31 12.77 46.29
N THR B 408 3.62 11.84 45.64
CA THR B 408 2.17 11.89 45.60
C THR B 408 1.56 11.86 46.99
N VAL B 409 2.00 10.91 47.82
CA VAL B 409 1.42 10.77 49.16
C VAL B 409 1.70 12.02 49.99
N VAL B 410 2.94 12.51 49.96
CA VAL B 410 3.32 13.63 50.84
C VAL B 410 2.63 14.91 50.40
N ALA B 411 2.68 15.23 49.11
CA ALA B 411 2.07 16.48 48.64
C ALA B 411 0.56 16.39 48.63
N TYR B 412 0.02 15.18 48.72
CA TYR B 412 -1.44 15.02 48.73
C TYR B 412 -2.05 15.64 49.98
N HIS B 413 -1.54 15.29 51.16
CA HIS B 413 -2.14 15.71 52.41
C HIS B 413 -1.63 17.08 52.86
N GLN B 414 -1.75 18.08 51.98
CA GLN B 414 -1.31 19.43 52.31
C GLN B 414 -2.34 20.10 53.20
N PRO B 415 -1.95 20.69 54.33
CA PRO B 415 -2.93 21.39 55.18
C PRO B 415 -3.63 22.53 54.47
N SER B 416 -2.93 23.23 53.57
CA SER B 416 -3.48 24.36 52.81
C SER B 416 -4.09 25.41 53.74
N PHE B 429 1.72 11.99 64.69
CA PHE B 429 2.94 12.66 64.22
C PHE B 429 2.91 12.87 62.71
N GLY B 430 1.76 13.32 62.20
CA GLY B 430 1.65 13.59 60.78
C GLY B 430 2.54 14.73 60.31
N GLU B 431 2.72 15.75 61.15
CA GLU B 431 3.55 16.89 60.77
C GLU B 431 4.99 16.46 60.52
N SER B 432 5.52 15.58 61.36
CA SER B 432 6.88 15.08 61.14
C SER B 432 6.97 14.28 59.85
N MET B 433 5.95 13.47 59.56
CA MET B 433 5.94 12.70 58.31
C MET B 433 5.93 13.63 57.10
N LEU B 434 5.11 14.68 57.13
CA LEU B 434 5.08 15.63 56.02
C LEU B 434 6.41 16.37 55.90
N LEU B 435 7.02 16.74 57.02
CA LEU B 435 8.31 17.42 56.97
C LEU B 435 9.38 16.54 56.34
N LEU B 436 9.44 15.27 56.77
CA LEU B 436 10.41 14.34 56.20
C LEU B 436 10.15 14.11 54.72
N GLY B 437 8.88 14.00 54.33
CA GLY B 437 8.55 13.86 52.93
C GLY B 437 9.00 15.05 52.11
N HIS B 438 8.78 16.26 52.62
CA HIS B 438 9.22 17.46 51.91
C HIS B 438 10.73 17.51 51.79
N ILE B 439 11.44 17.08 52.84
CA ILE B 439 12.90 17.01 52.78
C ILE B 439 13.33 16.03 51.68
N LEU B 440 12.69 14.87 51.62
CA LEU B 440 13.03 13.89 50.58
C LEU B 440 12.75 14.46 49.20
N ILE B 441 11.63 15.16 49.04
CA ILE B 441 11.27 15.70 47.73
C ILE B 441 12.28 16.76 47.29
N LEU B 442 12.69 17.65 48.21
CA LEU B 442 13.67 18.66 47.84
C LEU B 442 15.02 18.02 47.50
N LEU B 443 15.42 17.00 48.26
CA LEU B 443 16.67 16.31 47.93
C LEU B 443 16.61 15.66 46.56
N GLY B 444 15.49 15.00 46.25
CA GLY B 444 15.34 14.38 44.94
C GLY B 444 15.35 15.40 43.82
N GLY B 445 14.67 16.54 44.02
CA GLY B 445 14.68 17.59 43.03
C GLY B 445 16.08 18.14 42.79
N ILE B 446 16.84 18.33 43.87
CA ILE B 446 18.22 18.81 43.73
C ILE B 446 19.05 17.78 42.96
N TYR B 447 18.88 16.50 43.28
CA TYR B 447 19.61 15.45 42.58
C TYR B 447 19.29 15.46 41.09
N LEU B 448 18.02 15.57 40.74
CA LEU B 448 17.62 15.57 39.34
C LEU B 448 18.16 16.80 38.62
N LEU B 449 18.08 17.98 39.26
CA LEU B 449 18.65 19.19 38.67
C LEU B 449 20.13 19.01 38.39
N LEU B 450 20.88 18.53 39.37
CA LEU B 450 22.33 18.42 39.19
C LEU B 450 22.67 17.41 38.10
N GLY B 451 21.96 16.27 38.08
CA GLY B 451 22.22 15.27 37.06
C GLY B 451 21.93 15.78 35.66
N GLN B 452 20.78 16.44 35.49
CA GLN B 452 20.44 16.98 34.17
C GLN B 452 21.42 18.09 33.76
N LEU B 453 21.83 18.92 34.71
CA LEU B 453 22.79 19.97 34.39
C LEU B 453 24.11 19.38 33.94
N TRP B 454 24.57 18.31 34.61
CA TRP B 454 25.78 17.64 34.16
C TRP B 454 25.60 17.04 32.78
N TYR B 455 24.42 16.47 32.51
CA TYR B 455 24.16 15.90 31.20
C TYR B 455 24.26 16.95 30.10
N PHE B 456 23.62 18.11 30.29
CA PHE B 456 23.71 19.15 29.27
C PHE B 456 25.10 19.77 29.18
N TRP B 457 25.81 19.90 30.31
CA TRP B 457 27.16 20.45 30.27
C TRP B 457 28.10 19.55 29.49
N ARG B 458 28.01 18.24 29.70
CA ARG B 458 28.86 17.31 28.98
C ARG B 458 28.51 17.28 27.49
N ARG B 459 27.23 17.25 27.16
CA ARG B 459 26.76 17.09 25.78
C ARG B 459 26.44 18.46 25.18
N ARG B 460 27.49 19.28 25.09
CA ARG B 460 27.31 20.68 24.72
C ARG B 460 27.09 20.87 23.22
N LEU B 461 27.74 20.06 22.39
CA LEU B 461 27.68 20.27 20.94
C LEU B 461 26.35 19.82 20.33
N PHE B 462 25.53 19.10 21.09
CA PHE B 462 24.24 18.60 20.61
C PHE B 462 24.37 17.74 19.36
N ILE B 463 23.26 17.51 18.67
CA ILE B 463 23.27 16.85 17.38
C ILE B 463 23.24 17.94 16.31
N TRP B 464 22.14 18.68 16.28
CA TRP B 464 22.06 19.94 15.53
C TRP B 464 21.75 21.11 16.46
N ILE B 465 20.67 21.03 17.24
CA ILE B 465 20.52 21.82 18.47
C ILE B 465 20.00 20.96 19.62
N SER B 466 19.87 19.65 19.43
CA SER B 466 19.33 18.74 20.44
C SER B 466 17.89 19.11 20.79
N PHE B 467 17.02 19.04 19.79
CA PHE B 467 15.61 19.37 19.95
C PHE B 467 14.69 18.21 19.64
N MET B 468 14.92 17.48 18.55
CA MET B 468 14.02 16.42 18.13
C MET B 468 14.34 15.06 18.76
N ASP B 469 15.44 14.94 19.49
CA ASP B 469 15.87 13.64 20.01
C ASP B 469 16.08 13.60 21.52
N SER B 470 16.18 14.74 22.20
CA SER B 470 16.49 14.76 23.62
C SER B 470 15.55 15.70 24.37
N TYR B 471 14.27 15.68 24.02
CA TYR B 471 13.31 16.52 24.73
C TYR B 471 12.89 15.92 26.07
N PHE B 472 13.09 14.61 26.25
CA PHE B 472 12.76 13.99 27.55
C PHE B 472 13.67 14.50 28.65
N GLU B 473 14.96 14.71 28.37
CA GLU B 473 15.85 15.30 29.35
C GLU B 473 15.43 16.73 29.67
N ILE B 474 14.99 17.48 28.67
CA ILE B 474 14.48 18.84 28.90
C ILE B 474 13.25 18.78 29.81
N LEU B 475 12.35 17.83 29.55
CA LEU B 475 11.17 17.69 30.39
C LEU B 475 11.55 17.34 31.82
N PHE B 476 12.53 16.45 32.00
CA PHE B 476 12.99 16.10 33.34
C PHE B 476 13.56 17.32 34.05
N LEU B 477 14.40 18.09 33.34
CA LEU B 477 14.98 19.28 33.94
C LEU B 477 13.90 20.28 34.34
N LEU B 478 12.91 20.48 33.47
CA LEU B 478 11.83 21.42 33.77
C LEU B 478 11.01 20.95 34.96
N GLN B 479 10.67 19.66 35.00
CA GLN B 479 9.88 19.13 36.11
C GLN B 479 10.60 19.32 37.43
N ALA B 480 11.88 18.93 37.49
CA ALA B 480 12.62 19.09 38.73
C ALA B 480 12.84 20.55 39.08
N LEU B 481 12.99 21.41 38.06
CA LEU B 481 13.18 22.83 38.30
C LEU B 481 11.95 23.46 38.95
N LEU B 482 10.76 23.19 38.39
CA LEU B 482 9.54 23.66 39.03
C LEU B 482 9.35 23.04 40.41
N THR B 483 9.74 21.76 40.57
CA THR B 483 9.65 21.13 41.88
C THR B 483 10.45 21.91 42.92
N VAL B 484 11.74 22.15 42.64
CA VAL B 484 12.58 22.83 43.62
C VAL B 484 12.14 24.29 43.79
N LEU B 485 11.68 24.92 42.71
CA LEU B 485 11.23 26.30 42.82
C LEU B 485 10.03 26.43 43.73
N SER B 486 9.01 25.59 43.52
CA SER B 486 7.83 25.64 44.39
C SER B 486 8.18 25.24 45.82
N GLN B 487 9.06 24.24 45.98
CA GLN B 487 9.43 23.82 47.32
C GLN B 487 10.15 24.92 48.10
N VAL B 488 11.06 25.64 47.44
CA VAL B 488 11.78 26.70 48.14
C VAL B 488 10.91 27.95 48.30
N LEU B 489 9.93 28.14 47.40
CA LEU B 489 9.05 29.30 47.53
C LEU B 489 8.00 29.08 48.61
N ARG B 490 7.64 27.82 48.88
CA ARG B 490 6.74 27.53 50.00
C ARG B 490 7.39 27.81 51.34
N PHE B 491 8.72 27.78 51.41
CA PHE B 491 9.40 28.06 52.68
C PHE B 491 9.14 29.49 53.14
N MET B 492 9.14 30.44 52.21
CA MET B 492 8.84 31.84 52.52
C MET B 492 7.35 32.07 52.75
N GLU B 493 6.52 31.04 52.56
CA GLU B 493 5.07 31.14 52.66
C GLU B 493 4.53 32.17 51.65
N THR B 494 5.14 32.16 50.47
CA THR B 494 4.72 32.99 49.36
C THR B 494 3.59 32.28 48.62
N GLU B 495 2.64 33.06 48.11
CA GLU B 495 1.35 32.53 47.69
C GLU B 495 1.39 31.86 46.32
N TRP B 496 2.52 31.89 45.61
CA TRP B 496 2.62 31.27 44.30
C TRP B 496 2.91 29.76 44.34
N TYR B 497 3.23 29.19 45.51
CA TYR B 497 3.77 27.83 45.50
C TYR B 497 2.72 26.80 45.14
N LEU B 498 1.47 27.00 45.55
CA LEU B 498 0.51 25.90 45.59
C LEU B 498 0.19 25.33 44.21
N PRO B 499 -0.16 26.13 43.18
CA PRO B 499 -0.44 25.51 41.87
C PRO B 499 0.78 24.91 41.22
N LEU B 500 1.86 25.69 41.09
CA LEU B 500 3.03 25.27 40.35
C LEU B 500 3.56 23.92 40.83
N LEU B 501 3.50 23.69 42.15
CA LEU B 501 3.96 22.43 42.71
C LEU B 501 3.32 21.25 42.01
N VAL B 502 1.99 21.25 41.91
CA VAL B 502 1.33 20.09 41.34
C VAL B 502 1.61 20.00 39.85
N LEU B 503 1.93 21.13 39.21
CA LEU B 503 2.44 21.07 37.84
C LEU B 503 3.62 20.12 37.77
N SER B 504 4.62 20.34 38.63
CA SER B 504 5.70 19.38 38.76
C SER B 504 5.14 17.97 38.87
N LEU B 505 4.21 17.77 39.80
CA LEU B 505 3.62 16.46 40.01
C LEU B 505 3.08 15.90 38.71
N VAL B 506 2.24 16.67 38.02
CA VAL B 506 1.63 16.12 36.81
C VAL B 506 2.71 15.89 35.76
N LEU B 507 3.68 16.80 35.67
CA LEU B 507 4.77 16.61 34.73
C LEU B 507 5.52 15.33 35.06
N GLY B 508 5.69 15.03 36.35
CA GLY B 508 6.35 13.80 36.73
C GLY B 508 5.66 12.59 36.16
N TRP B 509 4.32 12.59 36.16
CA TRP B 509 3.61 11.43 35.64
C TRP B 509 3.73 11.32 34.13
N LEU B 510 4.10 12.39 33.44
CA LEU B 510 4.50 12.24 32.05
C LEU B 510 5.90 11.66 31.93
N ASN B 511 6.81 12.08 32.83
CA ASN B 511 8.19 11.64 32.76
C ASN B 511 8.30 10.13 32.97
N LEU B 512 7.34 9.52 33.66
CA LEU B 512 7.37 8.08 33.85
C LEU B 512 7.22 7.32 32.54
N LEU B 513 6.73 7.98 31.49
CA LEU B 513 6.59 7.30 30.21
C LEU B 513 7.94 7.01 29.56
N TYR B 514 8.99 7.72 29.96
CA TYR B 514 10.32 7.47 29.40
C TYR B 514 10.86 6.12 29.83
N TYR B 515 10.76 5.80 31.13
CA TYR B 515 11.31 4.54 31.62
C TYR B 515 10.60 3.35 30.99
N THR B 516 9.28 3.43 30.88
CA THR B 516 8.54 2.45 30.11
C THR B 516 8.65 2.77 28.62
N ARG B 517 7.83 2.09 27.82
CA ARG B 517 7.65 2.34 26.39
C ARG B 517 8.87 1.95 25.56
N GLY B 518 9.99 1.60 26.19
CA GLY B 518 11.19 1.26 25.45
C GLY B 518 12.06 0.20 26.07
N PHE B 519 11.49 -0.69 26.89
CA PHE B 519 12.31 -1.62 27.66
C PHE B 519 12.44 -3.00 27.01
N GLN B 520 11.37 -3.55 26.46
CA GLN B 520 11.45 -4.88 25.83
C GLN B 520 10.24 -5.09 24.94
N HIS B 521 10.49 -5.37 23.66
CA HIS B 521 9.47 -5.63 22.64
C HIS B 521 8.32 -4.62 22.72
N THR B 522 8.65 -3.39 23.11
CA THR B 522 7.65 -2.34 23.29
C THR B 522 8.10 -1.01 22.73
N GLY B 523 9.27 -0.95 22.08
CA GLY B 523 9.91 0.31 21.78
C GLY B 523 9.25 1.13 20.70
N ILE B 524 8.44 0.52 19.83
CA ILE B 524 7.94 1.29 18.70
C ILE B 524 6.66 2.01 19.09
N TYR B 525 6.83 3.04 19.94
CA TYR B 525 5.77 3.96 20.36
C TYR B 525 6.28 5.38 20.31
N SER B 526 7.60 5.55 20.45
CA SER B 526 8.17 6.84 20.80
C SER B 526 8.31 7.76 19.59
N VAL B 527 8.70 7.21 18.44
CA VAL B 527 9.06 8.01 17.27
C VAL B 527 7.85 8.83 16.79
N MET B 528 6.66 8.24 16.86
CA MET B 528 5.45 8.94 16.48
C MET B 528 5.18 10.14 17.41
N ILE B 529 5.42 9.96 18.70
CA ILE B 529 5.25 11.05 19.66
C ILE B 529 6.31 12.12 19.43
N GLN B 530 7.50 11.73 18.99
CA GLN B 530 8.51 12.71 18.61
C GLN B 530 8.05 13.50 17.39
N LYS B 531 7.40 12.81 16.44
CA LYS B 531 6.99 13.47 15.20
C LYS B 531 5.78 14.39 15.40
N VAL B 532 4.90 14.05 16.35
CA VAL B 532 3.66 14.84 16.48
C VAL B 532 3.97 16.26 16.94
N ILE B 533 5.13 16.50 17.54
CA ILE B 533 5.48 17.84 17.96
C ILE B 533 5.99 18.67 16.78
N LEU B 534 6.31 18.03 15.65
CA LEU B 534 6.81 18.77 14.50
C LEU B 534 5.75 19.69 13.90
N ARG B 535 4.49 19.23 13.88
CA ARG B 535 3.44 19.97 13.19
C ARG B 535 3.08 21.28 13.88
N ASP B 536 3.58 21.50 15.10
CA ASP B 536 3.25 22.70 15.86
C ASP B 536 3.91 23.95 15.29
N LEU B 537 4.72 23.80 14.23
CA LEU B 537 5.45 24.92 13.66
C LEU B 537 4.51 26.04 13.24
N LEU B 538 3.43 25.70 12.54
CA LEU B 538 2.45 26.69 12.11
C LEU B 538 1.14 26.53 12.86
N ARG B 539 0.89 25.33 13.39
CA ARG B 539 -0.33 24.98 14.10
C ARG B 539 -0.79 26.11 15.02
N PHE B 540 0.05 26.49 15.97
CA PHE B 540 -0.28 27.56 16.91
C PHE B 540 -0.50 28.88 16.17
N LEU B 541 0.32 29.14 15.15
CA LEU B 541 0.29 30.43 14.46
C LEU B 541 -0.94 30.59 13.57
N LEU B 542 -1.15 29.65 12.65
CA LEU B 542 -2.22 29.81 11.66
C LEU B 542 -3.59 29.86 12.33
N VAL B 543 -3.83 28.96 13.30
CA VAL B 543 -5.08 29.04 14.04
C VAL B 543 -4.97 30.19 15.03
N TYR B 544 -6.11 30.66 15.51
CA TYR B 544 -6.18 31.71 16.52
C TYR B 544 -5.44 32.94 15.96
N LEU B 545 -4.88 33.76 16.85
CA LEU B 545 -4.07 34.90 16.45
C LEU B 545 -4.78 35.73 15.38
N VAL B 546 -4.39 35.54 14.12
CA VAL B 546 -5.08 36.20 13.01
C VAL B 546 -6.50 35.69 12.85
N PHE B 547 -6.83 34.54 13.41
CA PHE B 547 -8.18 34.01 13.35
C PHE B 547 -8.99 34.37 14.60
N LEU B 548 -8.48 34.01 15.78
CA LEU B 548 -9.24 34.23 17.01
C LEU B 548 -9.57 35.69 17.21
N PHE B 549 -8.58 36.57 17.02
CA PHE B 549 -8.81 37.99 17.22
C PHE B 549 -9.84 38.54 16.23
N GLY B 550 -9.86 38.01 15.01
CA GLY B 550 -10.80 38.47 14.01
C GLY B 550 -12.24 38.37 14.45
N PHE B 551 -12.76 37.15 14.58
CA PHE B 551 -14.15 37.00 15.01
C PHE B 551 -14.34 37.40 16.46
N ALA B 552 -13.27 37.41 17.26
CA ALA B 552 -13.35 37.92 18.62
C ALA B 552 -13.80 39.37 18.61
N VAL B 553 -13.00 40.25 18.00
CA VAL B 553 -13.37 41.65 17.88
C VAL B 553 -14.65 41.81 17.08
N ALA B 554 -14.93 40.90 16.16
CA ALA B 554 -16.18 40.94 15.42
C ALA B 554 -17.39 40.86 16.35
N LEU B 555 -17.38 39.90 17.27
CA LEU B 555 -18.49 39.77 18.20
C LEU B 555 -18.47 40.85 19.27
N VAL B 556 -17.27 41.30 19.65
CA VAL B 556 -17.14 42.27 20.74
C VAL B 556 -17.24 43.68 20.16
N SER B 557 -17.62 43.77 18.88
CA SER B 557 -17.81 45.07 18.23
C SER B 557 -18.63 46.03 19.09
N LEU B 558 -19.88 45.67 19.37
CA LEU B 558 -20.70 46.46 20.28
C LEU B 558 -21.40 45.57 21.29
N SER B 559 -21.68 44.33 20.92
CA SER B 559 -22.44 43.42 21.76
C SER B 559 -21.59 42.23 22.21
N PRO B 589 -21.94 37.01 24.02
CA PRO B 589 -20.51 37.25 24.28
C PRO B 589 -20.26 38.21 25.43
N TYR B 590 -19.12 38.89 25.40
CA TYR B 590 -18.74 39.81 26.46
C TYR B 590 -18.01 41.02 25.88
N ARG B 591 -17.35 41.80 26.73
CA ARG B 591 -16.65 42.99 26.29
C ARG B 591 -15.32 43.11 27.04
N SER B 592 -14.57 44.18 26.71
CA SER B 592 -13.27 44.51 27.29
C SER B 592 -12.15 43.71 26.65
N ILE B 593 -10.91 44.14 26.88
CA ILE B 593 -9.72 43.49 26.33
C ILE B 593 -9.63 42.08 26.89
N LEU B 594 -9.20 41.12 26.06
CA LEU B 594 -9.20 39.70 26.39
C LEU B 594 -10.58 39.29 26.92
N ASP B 595 -10.60 38.45 27.96
CA ASP B 595 -11.85 37.96 28.54
C ASP B 595 -12.79 37.45 27.47
N ALA B 596 -13.54 38.38 26.85
CA ALA B 596 -14.42 38.07 25.74
C ALA B 596 -13.65 37.43 24.59
N SER B 597 -12.38 37.79 24.45
CA SER B 597 -11.54 37.18 23.42
C SER B 597 -11.31 35.70 23.71
N LEU B 598 -11.22 35.33 24.99
CA LEU B 598 -10.97 33.95 25.36
C LEU B 598 -12.24 33.17 25.66
N GLU B 599 -13.40 33.84 25.74
CA GLU B 599 -14.62 33.12 26.12
C GLU B 599 -15.00 32.08 25.07
N LEU B 600 -14.86 32.41 23.79
CA LEU B 600 -15.09 31.41 22.75
C LEU B 600 -14.06 30.30 22.77
N PHE B 601 -12.93 30.52 23.47
CA PHE B 601 -11.90 29.44 23.65
C PHE B 601 -12.51 28.40 24.59
N LYS B 602 -13.49 28.77 25.38
CA LYS B 602 -14.28 27.80 26.14
C LYS B 602 -15.06 26.88 25.21
N PHE B 603 -15.62 27.44 24.14
CA PHE B 603 -16.37 26.65 23.17
C PHE B 603 -15.46 25.66 22.45
N THR B 604 -14.17 25.97 22.41
CA THR B 604 -13.18 25.12 21.68
C THR B 604 -13.21 23.68 22.20
N ILE B 605 -13.00 23.50 23.51
CA ILE B 605 -12.89 22.17 24.10
C ILE B 605 -13.82 22.02 25.32
N GLY B 606 -13.61 22.84 26.34
CA GLY B 606 -14.27 22.65 27.61
C GLY B 606 -15.75 22.99 27.68
N MET B 607 -16.07 24.28 27.60
CA MET B 607 -17.42 24.74 27.93
C MET B 607 -18.25 25.09 26.69
N GLY B 608 -19.44 25.66 26.92
CA GLY B 608 -20.32 26.02 25.85
C GLY B 608 -20.58 27.51 25.83
N GLU B 609 -21.20 27.96 24.75
CA GLU B 609 -21.46 29.38 24.51
C GLU B 609 -22.89 29.81 24.87
N LEU B 610 -23.47 29.28 25.95
CA LEU B 610 -24.79 29.75 26.36
C LEU B 610 -24.68 31.14 26.96
N ALA B 611 -24.44 32.14 26.11
CA ALA B 611 -24.24 33.50 26.59
C ALA B 611 -24.90 34.51 25.65
N PHE B 612 -25.85 34.06 24.84
CA PHE B 612 -26.53 34.93 23.90
C PHE B 612 -27.40 35.94 24.63
N GLN B 613 -26.96 37.20 24.70
CA GLN B 613 -27.73 38.23 25.37
C GLN B 613 -28.88 38.69 24.47
N GLU B 614 -29.70 39.58 25.02
CA GLU B 614 -30.75 40.22 24.24
C GLU B 614 -30.26 41.55 23.68
N GLN B 615 -31.03 42.09 22.74
CA GLN B 615 -30.67 43.32 22.02
C GLN B 615 -29.37 43.14 21.23
N LEU B 616 -29.38 42.15 20.35
CA LEU B 616 -28.30 41.93 19.39
C LEU B 616 -28.89 41.87 18.00
N ARG B 617 -28.01 41.74 17.01
CA ARG B 617 -28.47 41.53 15.63
C ARG B 617 -28.88 40.09 15.38
N PHE B 618 -28.60 39.17 16.30
CA PHE B 618 -29.01 37.78 16.21
C PHE B 618 -28.65 37.17 14.87
N ARG B 619 -29.52 37.36 13.87
CA ARG B 619 -29.22 36.89 12.53
C ARG B 619 -27.93 37.52 12.02
N GLY B 620 -26.98 36.67 11.67
CA GLY B 620 -25.65 37.14 11.30
C GLY B 620 -24.62 36.69 12.32
N VAL B 621 -24.97 36.76 13.61
CA VAL B 621 -24.09 36.25 14.66
C VAL B 621 -23.89 34.75 14.56
N VAL B 622 -24.94 34.00 14.23
CA VAL B 622 -24.80 32.57 14.00
C VAL B 622 -23.92 32.30 12.78
N LEU B 623 -23.98 33.17 11.77
CA LEU B 623 -23.09 33.05 10.63
C LEU B 623 -21.64 33.28 11.05
N LEU B 624 -21.43 34.15 12.04
CA LEU B 624 -20.10 34.40 12.57
C LEU B 624 -19.73 33.35 13.62
N LEU B 625 -20.45 32.24 13.61
CA LEU B 625 -20.05 31.03 14.35
C LEU B 625 -20.03 29.85 13.39
N LEU B 626 -20.90 29.88 12.38
CA LEU B 626 -20.98 28.78 11.43
C LEU B 626 -19.83 28.82 10.43
N LEU B 627 -19.74 29.87 9.62
CA LEU B 627 -18.59 30.06 8.74
C LEU B 627 -17.32 30.42 9.49
N ALA B 628 -17.46 30.76 10.77
CA ALA B 628 -16.37 31.03 11.70
C ALA B 628 -15.80 29.74 12.25
N TYR B 629 -15.23 29.83 13.46
CA TYR B 629 -14.36 28.84 14.10
C TYR B 629 -14.63 27.40 13.70
N VAL B 630 -15.89 26.99 13.70
CA VAL B 630 -16.25 25.59 13.49
C VAL B 630 -15.67 25.03 12.19
N LEU B 631 -16.08 25.61 11.06
CA LEU B 631 -15.68 25.07 9.76
C LEU B 631 -14.17 25.16 9.55
N LEU B 632 -13.60 26.34 9.79
CA LEU B 632 -12.18 26.57 9.55
C LEU B 632 -11.32 25.65 10.41
N THR B 633 -11.64 25.51 11.69
CA THR B 633 -10.81 24.66 12.55
C THR B 633 -11.03 23.19 12.25
N TYR B 634 -12.25 22.81 11.88
CA TYR B 634 -12.48 21.43 11.46
C TYR B 634 -11.60 21.08 10.27
N VAL B 635 -11.63 21.92 9.23
CA VAL B 635 -10.85 21.61 8.02
C VAL B 635 -9.36 21.73 8.30
N LEU B 636 -8.98 22.65 9.19
CA LEU B 636 -7.57 22.83 9.53
C LEU B 636 -7.01 21.59 10.23
N LEU B 637 -7.71 21.12 11.26
CA LEU B 637 -7.28 19.90 11.94
C LEU B 637 -7.31 18.70 11.02
N LEU B 638 -8.33 18.60 10.17
CA LEU B 638 -8.37 17.52 9.18
C LEU B 638 -7.14 17.54 8.30
N ASN B 639 -6.82 18.71 7.74
CA ASN B 639 -5.69 18.83 6.83
C ASN B 639 -4.38 18.52 7.54
N MET B 640 -4.25 18.95 8.80
CA MET B 640 -3.00 18.73 9.52
C MET B 640 -2.83 17.27 9.90
N LEU B 641 -3.91 16.60 10.30
CA LEU B 641 -3.86 15.16 10.55
C LEU B 641 -3.49 14.42 9.27
N ILE B 642 -4.09 14.82 8.14
CA ILE B 642 -3.74 14.20 6.87
C ILE B 642 -2.27 14.44 6.52
N ALA B 643 -1.77 15.64 6.77
CA ALA B 643 -0.37 15.94 6.50
C ALA B 643 0.56 15.08 7.34
N LEU B 644 0.20 14.91 8.62
CA LEU B 644 0.98 14.02 9.49
C LEU B 644 0.92 12.58 9.02
N MET B 645 -0.22 12.15 8.48
CA MET B 645 -0.33 10.80 7.93
C MET B 645 0.50 10.67 6.66
N SER B 646 0.69 11.79 5.93
CA SER B 646 1.32 11.74 4.62
C SER B 646 2.75 11.23 4.66
N GLU B 647 3.58 11.70 5.61
CA GLU B 647 4.95 11.21 5.72
C GLU B 647 5.06 10.01 6.64
N THR B 648 3.93 9.50 7.14
CA THR B 648 3.91 8.31 7.97
C THR B 648 3.81 7.02 7.17
N VAL B 649 3.24 7.06 5.96
CA VAL B 649 3.10 5.87 5.13
C VAL B 649 4.48 5.38 4.69
N ASN B 650 5.46 6.29 4.68
CA ASN B 650 6.83 5.94 4.34
C ASN B 650 7.75 5.87 5.56
N HIS B 651 7.27 6.27 6.74
CA HIS B 651 8.03 6.17 7.97
C HIS B 651 7.72 4.89 8.75
N VAL B 652 6.91 4.00 8.19
CA VAL B 652 6.62 2.73 8.86
C VAL B 652 7.53 1.64 8.29
N ALA B 653 7.38 1.32 7.00
CA ALA B 653 8.20 0.34 6.28
C ALA B 653 8.63 -0.81 7.17
N ASP B 654 9.94 -0.89 7.43
CA ASP B 654 10.45 -1.75 8.50
C ASP B 654 11.49 -0.99 9.33
N ASN B 655 11.44 0.34 9.28
CA ASN B 655 12.43 1.18 9.95
C ASN B 655 12.12 1.40 11.43
N SER B 656 10.92 1.02 11.88
CA SER B 656 10.57 1.22 13.29
C SER B 656 11.48 0.40 14.20
N TRP B 657 11.80 -0.83 13.79
CA TRP B 657 12.74 -1.64 14.56
C TRP B 657 14.11 -0.97 14.63
N SER B 658 14.55 -0.39 13.50
CA SER B 658 15.84 0.30 13.49
C SER B 658 15.83 1.52 14.40
N ILE B 659 14.72 2.27 14.42
CA ILE B 659 14.62 3.44 15.29
C ILE B 659 14.66 3.01 16.75
N TRP B 660 13.93 1.94 17.09
CA TRP B 660 13.98 1.44 18.45
C TRP B 660 15.39 0.99 18.83
N LYS B 661 16.09 0.34 17.90
CA LYS B 661 17.47 -0.06 18.16
C LYS B 661 18.36 1.15 18.38
N LEU B 662 18.12 2.23 17.63
CA LEU B 662 18.91 3.45 17.81
C LEU B 662 18.66 4.07 19.17
N GLN B 663 17.40 4.12 19.61
CA GLN B 663 17.12 4.62 20.96
C GLN B 663 17.76 3.75 22.03
N LYS B 664 17.71 2.43 21.84
CA LYS B 664 18.40 1.53 22.78
C LYS B 664 19.89 1.80 22.80
N ALA B 665 20.50 2.04 21.64
CA ALA B 665 21.92 2.31 21.58
C ALA B 665 22.27 3.60 22.31
N ILE B 666 21.47 4.65 22.11
CA ILE B 666 21.73 5.91 22.80
C ILE B 666 21.63 5.71 24.31
N SER B 667 20.60 5.01 24.76
CA SER B 667 20.46 4.73 26.18
C SER B 667 21.63 3.91 26.71
N VAL B 668 22.07 2.92 25.93
CA VAL B 668 23.17 2.06 26.38
C VAL B 668 24.44 2.87 26.55
N LEU B 669 24.74 3.74 25.59
CA LEU B 669 25.90 4.62 25.74
C LEU B 669 25.77 5.51 26.97
N GLU B 670 24.56 6.04 27.20
CA GLU B 670 24.39 6.96 28.33
C GLU B 670 24.62 6.25 29.66
N MET B 671 24.02 5.07 29.85
CA MET B 671 24.27 4.34 31.10
C MET B 671 25.71 3.86 31.19
N GLU B 672 26.31 3.49 30.05
CA GLU B 672 27.72 3.09 30.06
C GLU B 672 28.61 4.23 30.53
N ASN B 673 28.21 5.47 30.27
CA ASN B 673 28.98 6.61 30.76
C ASN B 673 29.05 6.62 32.28
N GLY B 674 27.94 6.33 32.94
CA GLY B 674 27.90 6.21 34.38
C GLY B 674 27.21 7.39 35.05
N TYR B 675 27.12 7.29 36.38
CA TYR B 675 26.50 8.33 37.18
C TYR B 675 27.44 9.54 37.31
N TRP B 676 26.88 10.65 37.79
CA TRP B 676 27.68 11.85 37.97
C TRP B 676 28.53 11.75 39.23
N TRP B 677 27.98 11.19 40.31
CA TRP B 677 28.68 11.22 41.60
C TRP B 677 29.81 10.20 41.64
N CYS B 678 29.63 9.06 40.98
CA CYS B 678 30.67 8.04 40.90
C CYS B 678 31.08 7.85 39.44
N ARG B 679 32.36 7.64 39.22
CA ARG B 679 32.89 7.40 37.88
C ARG B 679 33.06 5.90 37.67
N ARG B 680 32.22 5.34 36.81
CA ARG B 680 32.25 3.91 36.56
C ARG B 680 33.41 3.54 35.64
N LYS B 681 33.93 2.34 35.82
CA LYS B 681 35.02 1.84 34.99
C LYS B 681 34.44 1.30 33.69
N LYS B 682 35.31 0.74 32.84
CA LYS B 682 34.90 0.25 31.53
C LYS B 682 35.25 -1.23 31.41
N HIS B 683 34.59 -1.90 30.46
CA HIS B 683 34.79 -3.33 30.22
C HIS B 683 34.94 -3.52 28.71
N ARG B 684 36.17 -3.67 28.25
CA ARG B 684 36.43 -3.87 26.83
C ARG B 684 35.91 -5.23 26.38
N GLU B 685 35.30 -5.26 25.20
CA GLU B 685 34.77 -6.49 24.64
C GLU B 685 35.83 -7.15 23.75
N GLY B 686 35.88 -8.47 23.79
CA GLY B 686 36.85 -9.21 22.99
C GLY B 686 38.20 -9.31 23.66
N ARG B 687 39.04 -10.18 23.11
CA ARG B 687 40.37 -10.43 23.63
C ARG B 687 41.40 -10.35 22.51
N LEU B 688 42.67 -10.27 22.91
CA LEU B 688 43.77 -10.08 21.96
C LEU B 688 44.06 -11.36 21.19
N LEU B 689 43.14 -11.79 20.33
CA LEU B 689 43.35 -12.98 19.53
C LEU B 689 44.11 -12.59 18.27
N LYS B 690 45.39 -12.93 18.23
CA LYS B 690 46.24 -12.56 17.09
C LYS B 690 45.95 -13.45 15.90
N VAL B 691 45.85 -12.86 14.71
CA VAL B 691 45.58 -13.58 13.49
C VAL B 691 46.75 -13.42 12.53
N GLY B 692 47.88 -12.93 13.04
CA GLY B 692 49.05 -12.70 12.22
C GLY B 692 50.12 -11.96 13.00
N THR B 693 51.12 -11.51 12.26
CA THR B 693 52.24 -10.77 12.86
C THR B 693 51.76 -9.46 13.48
N ARG B 702 45.76 -7.43 18.20
CA ARG B 702 44.59 -7.13 17.40
C ARG B 702 43.32 -7.60 18.10
N TRP B 703 42.61 -6.66 18.73
CA TRP B 703 41.38 -6.96 19.44
C TRP B 703 40.33 -7.45 18.44
N CYS B 704 39.61 -8.51 18.82
CA CYS B 704 38.62 -9.11 17.93
C CYS B 704 37.36 -9.44 18.71
N PHE B 705 36.26 -9.56 17.97
CA PHE B 705 34.95 -9.87 18.52
C PHE B 705 34.36 -11.01 17.69
N ARG B 706 34.13 -12.15 18.31
CA ARG B 706 33.68 -13.33 17.59
C ARG B 706 32.16 -13.36 17.51
N VAL B 707 31.66 -13.96 16.44
CA VAL B 707 30.22 -14.15 16.25
C VAL B 707 30.00 -15.44 15.48
N GLU B 708 28.96 -16.17 15.86
CA GLU B 708 28.60 -17.41 15.18
C GLU B 708 27.48 -17.13 14.18
N GLU B 709 27.73 -17.46 12.93
CA GLU B 709 26.82 -17.14 11.84
C GLU B 709 26.24 -18.44 11.29
N VAL B 710 24.93 -18.42 11.01
CA VAL B 710 24.25 -19.52 10.34
C VAL B 710 23.46 -18.94 9.19
N ASN B 711 23.78 -19.35 7.96
CA ASN B 711 23.12 -18.80 6.78
C ASN B 711 23.06 -19.91 5.73
N TRP B 712 21.89 -20.56 5.63
CA TRP B 712 21.72 -21.62 4.66
C TRP B 712 21.80 -21.09 3.23
N ALA B 713 21.18 -19.93 2.97
CA ALA B 713 21.12 -19.36 1.64
C ALA B 713 22.45 -18.78 1.18
N ALA B 714 23.39 -18.52 2.10
CA ALA B 714 24.68 -17.96 1.70
C ALA B 714 25.46 -18.93 0.84
N TRP B 715 25.45 -20.22 1.21
CA TRP B 715 26.21 -21.24 0.50
C TRP B 715 25.25 -22.18 -0.22
N GLU B 716 25.60 -22.58 -1.42
CA GLU B 716 24.77 -23.48 -2.22
C GLU B 716 25.63 -24.34 -3.15
N PHE C 75 -20.97 -79.30 -9.51
CA PHE C 75 -19.85 -78.83 -10.32
C PHE C 75 -19.80 -77.30 -10.34
N ASP C 76 -20.58 -76.71 -11.24
CA ASP C 76 -20.62 -75.25 -11.39
C ASP C 76 -21.83 -74.71 -10.62
N ARG C 77 -21.63 -74.49 -9.33
CA ARG C 77 -22.67 -73.96 -8.48
C ARG C 77 -22.93 -72.50 -8.81
N ASP C 78 -24.22 -72.13 -8.90
CA ASP C 78 -24.60 -70.76 -9.19
C ASP C 78 -24.23 -69.79 -8.08
N ARG C 79 -24.02 -70.27 -6.86
CA ARG C 79 -23.60 -69.40 -5.77
C ARG C 79 -22.21 -68.82 -6.01
N LEU C 80 -21.37 -69.53 -6.75
CA LEU C 80 -20.03 -69.06 -7.09
C LEU C 80 -20.17 -67.93 -8.10
N PHE C 81 -20.09 -66.69 -7.62
CA PHE C 81 -20.26 -65.53 -8.48
C PHE C 81 -19.07 -64.58 -8.36
N SER C 82 -18.45 -64.52 -7.18
CA SER C 82 -17.32 -63.65 -6.93
C SER C 82 -15.98 -64.36 -7.13
N VAL C 83 -16.00 -65.61 -7.55
CA VAL C 83 -14.77 -66.39 -7.72
C VAL C 83 -14.55 -66.85 -9.15
N VAL C 84 -15.61 -67.03 -9.94
CA VAL C 84 -15.44 -67.57 -11.30
C VAL C 84 -14.62 -66.61 -12.16
N SER C 85 -14.98 -65.33 -12.17
CA SER C 85 -14.26 -64.37 -12.99
C SER C 85 -14.05 -63.01 -12.31
N ARG C 86 -14.45 -62.86 -11.05
CA ARG C 86 -14.29 -61.57 -10.39
C ARG C 86 -12.98 -61.45 -9.62
N GLY C 87 -12.14 -62.49 -9.63
CA GLY C 87 -10.85 -62.43 -8.96
C GLY C 87 -9.69 -62.26 -9.92
N VAL C 88 -9.74 -62.97 -11.04
CA VAL C 88 -8.71 -62.92 -12.06
C VAL C 88 -9.39 -62.65 -13.41
N PRO C 89 -8.93 -61.68 -14.19
CA PRO C 89 -9.56 -61.44 -15.50
C PRO C 89 -9.26 -62.54 -16.50
N GLU C 90 -10.25 -63.38 -16.77
CA GLU C 90 -10.09 -64.47 -17.73
C GLU C 90 -11.47 -64.92 -18.17
N GLU C 91 -11.50 -65.70 -19.26
CA GLU C 91 -12.74 -66.18 -19.85
C GLU C 91 -12.81 -67.69 -19.72
N LEU C 92 -13.97 -68.19 -19.30
CA LEU C 92 -14.18 -69.64 -19.17
C LEU C 92 -15.66 -69.93 -19.38
N THR C 93 -15.93 -71.14 -19.86
CA THR C 93 -17.29 -71.59 -20.10
C THR C 93 -17.81 -72.33 -18.87
N GLY C 94 -18.95 -73.01 -19.01
CA GLY C 94 -19.51 -73.78 -17.93
C GLY C 94 -20.25 -72.99 -16.87
N LEU C 95 -20.65 -71.77 -17.17
CA LEU C 95 -21.34 -70.90 -16.22
C LEU C 95 -22.80 -70.71 -16.65
N LEU C 96 -23.59 -70.18 -15.72
CA LEU C 96 -25.02 -69.96 -15.93
C LEU C 96 -25.76 -71.24 -16.27
N GLU C 97 -25.94 -71.52 -17.56
CA GLU C 97 -26.79 -72.61 -18.03
C GLU C 97 -26.08 -73.96 -18.06
N TYR C 98 -25.03 -74.13 -17.25
CA TYR C 98 -24.35 -75.42 -17.20
C TYR C 98 -25.27 -76.52 -16.69
N LEU C 99 -26.04 -76.23 -15.64
CA LEU C 99 -26.94 -77.22 -15.06
C LEU C 99 -28.25 -76.52 -14.68
N ARG C 100 -29.34 -77.30 -14.72
CA ARG C 100 -30.68 -76.78 -14.42
C ARG C 100 -31.00 -75.57 -15.30
N TRP C 101 -30.87 -75.76 -16.62
CA TRP C 101 -31.10 -74.66 -17.55
C TRP C 101 -32.55 -74.21 -17.55
N ASN C 102 -33.49 -75.12 -17.27
CA ASN C 102 -34.90 -74.74 -17.23
C ASN C 102 -35.17 -73.74 -16.11
N SER C 103 -34.62 -73.99 -14.92
CA SER C 103 -34.80 -73.07 -13.80
C SER C 103 -34.14 -71.73 -14.10
N LYS C 104 -32.95 -71.75 -14.71
CA LYS C 104 -32.26 -70.52 -15.06
C LYS C 104 -33.07 -69.70 -16.06
N TYR C 105 -33.66 -70.36 -17.06
CA TYR C 105 -34.50 -69.65 -18.02
C TYR C 105 -35.77 -69.12 -17.35
N LEU C 106 -36.31 -69.87 -16.39
CA LEU C 106 -37.54 -69.45 -15.74
C LEU C 106 -37.32 -68.22 -14.85
N THR C 107 -36.27 -68.25 -14.03
CA THR C 107 -36.08 -67.20 -13.02
C THR C 107 -34.70 -66.56 -13.00
N ASP C 108 -33.66 -67.26 -13.44
CA ASP C 108 -32.29 -66.77 -13.32
C ASP C 108 -31.78 -66.23 -14.65
N SER C 109 -32.66 -65.61 -15.42
CA SER C 109 -32.31 -65.07 -16.73
C SER C 109 -31.64 -63.72 -16.52
N ALA C 110 -30.34 -63.75 -16.21
CA ALA C 110 -29.52 -62.55 -15.98
C ALA C 110 -30.09 -61.69 -14.86
N TYR C 111 -30.80 -62.30 -13.92
CA TYR C 111 -31.36 -61.60 -12.78
C TYR C 111 -30.70 -61.96 -11.46
N THR C 112 -30.24 -63.21 -11.31
CA THR C 112 -29.55 -63.64 -10.11
C THR C 112 -28.05 -63.43 -10.19
N GLU C 113 -27.55 -62.87 -11.29
CA GLU C 113 -26.13 -62.60 -11.42
C GLU C 113 -25.67 -61.60 -10.36
N GLY C 114 -24.56 -61.92 -9.71
CA GLY C 114 -24.07 -61.07 -8.63
C GLY C 114 -25.02 -60.96 -7.46
N SER C 115 -25.74 -62.05 -7.15
CA SER C 115 -26.74 -62.06 -6.08
C SER C 115 -27.77 -60.95 -6.26
N THR C 116 -28.24 -60.80 -7.51
CA THR C 116 -29.21 -59.77 -7.89
C THR C 116 -28.70 -58.38 -7.51
N GLY C 117 -27.60 -58.00 -8.16
CA GLY C 117 -26.95 -56.74 -7.93
C GLY C 117 -25.46 -56.86 -8.19
N LYS C 118 -24.73 -55.81 -7.84
CA LYS C 118 -23.27 -55.76 -8.00
C LYS C 118 -22.87 -56.07 -9.44
N THR C 119 -23.25 -55.17 -10.34
CA THR C 119 -23.02 -55.37 -11.76
C THR C 119 -21.54 -55.60 -12.07
N CYS C 120 -21.28 -56.58 -12.93
CA CYS C 120 -19.91 -57.02 -13.16
C CYS C 120 -19.11 -56.01 -13.98
N LEU C 121 -19.72 -55.45 -15.03
CA LEU C 121 -18.98 -54.53 -15.90
C LEU C 121 -18.54 -53.28 -15.15
N MET C 122 -19.42 -52.70 -14.34
CA MET C 122 -19.08 -51.45 -13.66
C MET C 122 -17.89 -51.64 -12.75
N LYS C 123 -17.83 -52.76 -12.04
CA LYS C 123 -16.70 -53.07 -11.16
C LYS C 123 -15.55 -53.77 -11.89
N ALA C 124 -15.69 -54.01 -13.19
CA ALA C 124 -14.65 -54.66 -13.98
C ALA C 124 -13.97 -53.72 -14.95
N VAL C 125 -14.47 -52.49 -15.13
CA VAL C 125 -13.85 -51.55 -16.04
C VAL C 125 -12.74 -50.74 -15.37
N LEU C 126 -12.78 -50.60 -14.03
CA LEU C 126 -11.82 -49.75 -13.34
C LEU C 126 -10.38 -50.22 -13.52
N ASN C 127 -10.16 -51.47 -13.91
CA ASN C 127 -8.80 -51.95 -14.14
C ASN C 127 -8.20 -51.26 -15.35
N LEU C 128 -6.92 -51.50 -15.59
CA LEU C 128 -6.15 -50.79 -16.61
C LEU C 128 -5.79 -51.73 -17.75
N GLN C 129 -5.06 -51.17 -18.72
CA GLN C 129 -4.52 -51.87 -19.88
C GLN C 129 -5.61 -52.32 -20.85
N ASP C 130 -6.87 -52.08 -20.49
CA ASP C 130 -8.02 -52.45 -21.32
C ASP C 130 -7.98 -53.93 -21.71
N GLY C 131 -7.50 -54.75 -20.77
CA GLY C 131 -7.35 -56.17 -21.01
C GLY C 131 -8.50 -57.04 -20.58
N VAL C 132 -9.59 -56.45 -20.08
CA VAL C 132 -10.76 -57.21 -19.64
C VAL C 132 -11.89 -57.14 -20.65
N ASN C 133 -12.16 -55.95 -21.22
CA ASN C 133 -13.22 -55.81 -22.20
C ASN C 133 -12.92 -56.62 -23.46
N ALA C 134 -11.64 -56.91 -23.71
CA ALA C 134 -11.26 -57.72 -24.87
C ALA C 134 -11.64 -59.19 -24.71
N CYS C 135 -12.18 -59.59 -23.56
CA CYS C 135 -12.54 -60.96 -23.29
C CYS C 135 -14.00 -61.13 -22.86
N ILE C 136 -14.80 -60.07 -22.88
CA ILE C 136 -16.15 -60.13 -22.31
C ILE C 136 -17.21 -60.43 -23.37
N MET C 137 -16.78 -60.82 -24.56
CA MET C 137 -17.76 -61.19 -25.59
C MET C 137 -18.70 -62.30 -25.15
N PRO C 138 -18.23 -63.41 -24.55
CA PRO C 138 -19.19 -64.39 -24.03
C PRO C 138 -20.11 -63.83 -22.96
N LEU C 139 -19.65 -62.84 -22.20
CA LEU C 139 -20.51 -62.21 -21.21
C LEU C 139 -21.64 -61.44 -21.88
N LEU C 140 -21.36 -60.80 -23.02
CA LEU C 140 -22.42 -60.09 -23.74
C LEU C 140 -23.38 -61.08 -24.40
N GLN C 141 -22.86 -61.94 -25.27
CA GLN C 141 -23.70 -62.88 -25.99
C GLN C 141 -24.27 -63.92 -25.03
N ILE C 142 -25.30 -64.63 -25.48
CA ILE C 142 -26.02 -65.65 -24.72
C ILE C 142 -26.74 -65.01 -23.53
N ASP C 143 -26.01 -64.26 -22.71
CA ASP C 143 -26.64 -63.53 -21.62
C ASP C 143 -27.63 -62.50 -22.15
N LYS C 144 -27.27 -61.80 -23.22
CA LYS C 144 -28.17 -60.85 -23.84
C LYS C 144 -29.12 -61.57 -24.79
N ASP C 145 -30.23 -60.88 -25.10
CA ASP C 145 -31.24 -61.33 -26.05
C ASP C 145 -31.87 -62.66 -25.66
N SER C 146 -31.76 -63.07 -24.39
CA SER C 146 -32.30 -64.34 -23.92
C SER C 146 -33.08 -64.09 -22.62
N GLY C 147 -34.37 -63.82 -22.76
CA GLY C 147 -35.23 -63.66 -21.59
C GLY C 147 -34.90 -62.49 -20.70
N ASN C 148 -34.42 -61.38 -21.27
CA ASN C 148 -34.07 -60.19 -20.50
C ASN C 148 -34.68 -58.94 -21.12
N PRO C 149 -35.99 -58.74 -20.93
CA PRO C 149 -36.59 -57.47 -21.39
C PRO C 149 -36.03 -56.26 -20.67
N LYS C 150 -35.48 -56.44 -19.47
CA LYS C 150 -34.75 -55.42 -18.73
C LYS C 150 -33.45 -55.16 -19.49
N PRO C 151 -32.78 -54.02 -19.30
CA PRO C 151 -31.61 -53.73 -20.16
C PRO C 151 -30.51 -54.76 -19.93
N LEU C 152 -29.84 -55.10 -21.03
CA LEU C 152 -29.05 -56.33 -21.12
C LEU C 152 -27.95 -56.44 -20.07
N VAL C 153 -26.94 -55.57 -20.12
CA VAL C 153 -25.82 -55.65 -19.21
C VAL C 153 -25.49 -54.27 -18.65
N ASN C 154 -26.05 -53.24 -19.28
CA ASN C 154 -25.70 -51.87 -18.91
C ASN C 154 -26.15 -51.53 -17.51
N ALA C 155 -27.36 -51.95 -17.13
CA ALA C 155 -27.97 -51.61 -15.85
C ALA C 155 -28.05 -50.10 -15.68
N GLN C 156 -28.39 -49.64 -14.48
CA GLN C 156 -28.44 -48.20 -14.23
C GLN C 156 -27.82 -47.80 -12.89
N CYS C 157 -27.63 -48.73 -11.95
CA CYS C 157 -27.02 -48.46 -10.64
C CYS C 157 -27.81 -47.37 -9.90
N ILE C 158 -29.06 -47.73 -9.57
CA ILE C 158 -29.97 -46.84 -8.87
C ILE C 158 -29.74 -47.02 -7.37
N ASP C 159 -29.16 -46.01 -6.74
CA ASP C 159 -28.88 -46.00 -5.31
C ASP C 159 -28.49 -44.58 -4.91
N GLU C 160 -28.02 -44.42 -3.67
CA GLU C 160 -27.58 -43.12 -3.20
C GLU C 160 -26.12 -42.86 -3.55
N PHE C 161 -25.22 -43.71 -3.06
CA PHE C 161 -23.82 -43.62 -3.43
C PHE C 161 -23.66 -44.00 -4.90
N TYR C 162 -22.87 -43.21 -5.64
CA TYR C 162 -22.75 -43.37 -7.09
C TYR C 162 -24.13 -43.42 -7.75
N GLN C 163 -24.94 -42.42 -7.44
CA GLN C 163 -26.31 -42.36 -7.96
C GLN C 163 -26.29 -42.35 -9.48
N GLY C 164 -27.14 -43.18 -10.08
CA GLY C 164 -27.14 -43.30 -11.52
C GLY C 164 -25.87 -43.94 -12.03
N HIS C 165 -25.21 -43.27 -12.97
CA HIS C 165 -23.97 -43.76 -13.59
C HIS C 165 -24.19 -45.05 -14.38
N SER C 166 -23.21 -45.43 -15.17
CA SER C 166 -23.25 -46.65 -15.96
C SER C 166 -21.82 -46.92 -16.46
N ALA C 167 -21.68 -47.92 -17.33
CA ALA C 167 -20.36 -48.25 -17.85
C ALA C 167 -19.83 -47.15 -18.76
N LEU C 168 -20.73 -46.46 -19.48
CA LEU C 168 -20.29 -45.40 -20.40
C LEU C 168 -19.57 -44.29 -19.66
N HIS C 169 -20.15 -43.79 -18.57
CA HIS C 169 -19.52 -42.71 -17.83
C HIS C 169 -18.20 -43.15 -17.21
N ILE C 170 -18.14 -44.38 -16.71
CA ILE C 170 -16.91 -44.90 -16.14
C ILE C 170 -15.81 -44.97 -17.20
N ALA C 171 -16.16 -45.45 -18.40
CA ALA C 171 -15.18 -45.53 -19.47
C ALA C 171 -14.72 -44.14 -19.91
N ILE C 172 -15.66 -43.19 -20.01
CA ILE C 172 -15.31 -41.85 -20.46
C ILE C 172 -14.47 -41.12 -19.41
N GLU C 173 -14.64 -41.47 -18.14
CA GLU C 173 -13.88 -40.79 -17.08
C GLU C 173 -12.39 -40.91 -17.31
N LYS C 174 -11.90 -42.13 -17.49
CA LYS C 174 -10.49 -42.34 -17.82
C LYS C 174 -10.26 -42.09 -19.31
N ARG C 175 -8.98 -41.85 -19.65
CA ARG C 175 -8.59 -41.58 -21.04
C ARG C 175 -8.60 -42.90 -21.82
N SER C 176 -9.81 -43.42 -22.01
CA SER C 176 -10.00 -44.69 -22.70
C SER C 176 -10.98 -44.49 -23.85
N LEU C 177 -10.56 -44.85 -25.06
CA LEU C 177 -11.41 -44.76 -26.23
C LEU C 177 -11.81 -46.11 -26.80
N GLN C 178 -10.91 -47.11 -26.74
CA GLN C 178 -11.25 -48.44 -27.25
C GLN C 178 -12.40 -49.05 -26.46
N CYS C 179 -12.38 -48.88 -25.13
CA CYS C 179 -13.50 -49.36 -24.32
C CYS C 179 -14.79 -48.64 -24.69
N VAL C 180 -14.72 -47.34 -24.92
CA VAL C 180 -15.90 -46.58 -25.32
C VAL C 180 -16.42 -47.09 -26.67
N LYS C 181 -15.51 -47.35 -27.62
CA LYS C 181 -15.92 -47.89 -28.91
C LYS C 181 -16.62 -49.24 -28.72
N LEU C 182 -16.02 -50.14 -27.95
CA LEU C 182 -16.59 -51.46 -27.76
C LEU C 182 -17.96 -51.38 -27.10
N LEU C 183 -18.11 -50.47 -26.13
CA LEU C 183 -19.41 -50.28 -25.49
C LEU C 183 -20.44 -49.75 -26.47
N VAL C 184 -20.06 -48.76 -27.29
CA VAL C 184 -21.02 -48.12 -28.18
C VAL C 184 -21.46 -49.07 -29.30
N GLU C 185 -20.55 -49.92 -29.79
CA GLU C 185 -20.87 -50.76 -30.95
C GLU C 185 -22.07 -51.67 -30.68
N ASN C 186 -22.12 -52.28 -29.49
CA ASN C 186 -23.19 -53.21 -29.16
C ASN C 186 -23.65 -53.00 -27.72
N GLY C 187 -23.91 -51.74 -27.37
CA GLY C 187 -24.29 -51.45 -25.99
C GLY C 187 -25.32 -50.35 -25.79
N ALA C 188 -25.16 -49.60 -24.71
CA ALA C 188 -26.16 -48.65 -24.26
C ALA C 188 -26.25 -47.46 -25.19
N ASP C 189 -27.45 -46.85 -25.20
CA ASP C 189 -27.65 -45.61 -25.92
C ASP C 189 -26.90 -44.46 -25.23
N VAL C 190 -26.61 -43.43 -26.01
CA VAL C 190 -25.88 -42.28 -25.49
C VAL C 190 -26.75 -41.38 -24.61
N HIS C 191 -28.06 -41.35 -24.82
CA HIS C 191 -28.96 -40.53 -24.01
C HIS C 191 -29.32 -41.27 -22.73
N LEU C 192 -28.36 -41.28 -21.80
CA LEU C 192 -28.51 -41.94 -20.51
C LEU C 192 -28.08 -40.95 -19.43
N ARG C 193 -29.06 -40.37 -18.73
CA ARG C 193 -28.77 -39.36 -17.72
C ARG C 193 -27.91 -39.94 -16.60
N ALA C 194 -26.87 -39.20 -16.23
CA ALA C 194 -25.92 -39.71 -15.23
C ALA C 194 -26.52 -39.71 -13.84
N CYS C 195 -26.91 -38.54 -13.33
CA CYS C 195 -27.57 -38.51 -12.03
C CYS C 195 -29.00 -39.03 -12.14
N GLY C 196 -29.71 -38.65 -13.19
CA GLY C 196 -31.03 -39.19 -13.45
C GLY C 196 -31.99 -38.95 -12.31
N ARG C 197 -32.86 -39.93 -12.07
CA ARG C 197 -33.81 -39.92 -10.97
C ARG C 197 -34.75 -38.72 -11.06
N PHE C 198 -35.52 -38.47 -10.00
CA PHE C 198 -36.40 -37.32 -9.94
C PHE C 198 -36.00 -36.33 -8.84
N PHE C 199 -35.07 -36.70 -7.97
CA PHE C 199 -34.63 -35.84 -6.87
C PHE C 199 -33.19 -35.44 -7.14
N GLN C 200 -32.99 -34.19 -7.59
CA GLN C 200 -31.67 -33.74 -7.99
C GLN C 200 -30.74 -33.45 -6.83
N LYS C 201 -31.28 -33.12 -5.65
CA LYS C 201 -30.45 -32.75 -4.51
C LYS C 201 -29.63 -33.92 -3.97
N HIS C 202 -29.93 -35.15 -4.39
CA HIS C 202 -29.16 -36.33 -4.00
C HIS C 202 -28.43 -36.85 -5.24
N GLN C 203 -27.15 -36.52 -5.35
CA GLN C 203 -26.32 -37.01 -6.44
C GLN C 203 -25.07 -37.66 -5.86
N GLY C 204 -24.61 -38.72 -6.53
CA GLY C 204 -23.56 -39.56 -5.99
C GLY C 204 -22.22 -38.87 -5.81
N THR C 205 -22.01 -37.73 -6.46
CA THR C 205 -20.76 -37.00 -6.33
C THR C 205 -21.02 -35.51 -6.52
N CYS C 206 -20.22 -34.69 -5.85
CA CYS C 206 -20.33 -33.23 -5.92
C CYS C 206 -19.77 -32.66 -7.21
N PHE C 207 -19.42 -33.49 -8.19
CA PHE C 207 -18.92 -33.03 -9.48
C PHE C 207 -20.08 -32.95 -10.45
N TYR C 208 -20.43 -31.74 -10.88
CA TYR C 208 -21.52 -31.53 -11.82
C TYR C 208 -20.93 -31.30 -13.22
N PHE C 209 -21.34 -32.12 -14.18
CA PHE C 209 -20.85 -32.02 -15.54
C PHE C 209 -21.94 -31.89 -16.60
N GLY C 210 -23.17 -32.25 -16.28
CA GLY C 210 -24.24 -32.11 -17.25
C GLY C 210 -25.13 -33.33 -17.33
N GLU C 211 -24.77 -34.39 -16.62
CA GLU C 211 -25.56 -35.61 -16.52
C GLU C 211 -25.79 -36.24 -17.89
N LEU C 212 -24.75 -36.25 -18.73
CA LEU C 212 -24.84 -36.87 -20.04
C LEU C 212 -23.44 -37.30 -20.47
N PRO C 213 -23.32 -38.42 -21.18
CA PRO C 213 -21.98 -38.82 -21.65
C PRO C 213 -21.36 -37.81 -22.60
N LEU C 214 -22.17 -37.19 -23.45
CA LEU C 214 -21.65 -36.16 -24.35
C LEU C 214 -21.12 -34.97 -23.57
N SER C 215 -21.89 -34.49 -22.60
CA SER C 215 -21.45 -33.37 -21.79
C SER C 215 -20.28 -33.75 -20.90
N LEU C 216 -20.25 -35.00 -20.42
CA LEU C 216 -19.11 -35.46 -19.63
C LEU C 216 -17.83 -35.47 -20.46
N ALA C 217 -17.92 -35.95 -21.70
CA ALA C 217 -16.76 -35.92 -22.58
C ALA C 217 -16.33 -34.49 -22.88
N ALA C 218 -17.29 -33.60 -23.14
CA ALA C 218 -16.96 -32.22 -23.46
C ALA C 218 -16.31 -31.51 -22.28
N CYS C 219 -16.78 -31.79 -21.06
CA CYS C 219 -16.26 -31.08 -19.89
C CYS C 219 -14.88 -31.59 -19.50
N THR C 220 -14.48 -32.76 -19.98
CA THR C 220 -13.20 -33.36 -19.63
C THR C 220 -12.15 -33.24 -20.72
N LYS C 221 -12.40 -32.42 -21.75
CA LYS C 221 -11.44 -32.18 -22.82
C LYS C 221 -11.11 -33.47 -23.58
N GLN C 222 -12.15 -34.16 -24.04
CA GLN C 222 -11.99 -35.37 -24.83
C GLN C 222 -12.46 -35.08 -26.25
N TRP C 223 -11.56 -34.53 -27.06
CA TRP C 223 -11.91 -34.23 -28.45
C TRP C 223 -12.18 -35.51 -29.25
N ASP C 224 -11.35 -36.53 -29.07
CA ASP C 224 -11.56 -37.79 -29.78
C ASP C 224 -12.87 -38.46 -29.36
N VAL C 225 -13.18 -38.46 -28.07
CA VAL C 225 -14.41 -39.10 -27.61
C VAL C 225 -15.64 -38.37 -28.15
N VAL C 226 -15.63 -37.03 -28.09
CA VAL C 226 -16.81 -36.29 -28.56
C VAL C 226 -16.93 -36.40 -30.07
N THR C 227 -15.81 -36.42 -30.79
CA THR C 227 -15.86 -36.59 -32.23
C THR C 227 -16.44 -37.96 -32.59
N TYR C 228 -16.03 -39.01 -31.88
CA TYR C 228 -16.60 -40.33 -32.13
C TYR C 228 -18.09 -40.36 -31.78
N LEU C 229 -18.48 -39.69 -30.70
CA LEU C 229 -19.87 -39.72 -30.26
C LEU C 229 -20.78 -39.02 -31.27
N LEU C 230 -20.34 -37.87 -31.81
CA LEU C 230 -21.18 -37.14 -32.76
C LEU C 230 -21.38 -37.92 -34.05
N GLU C 231 -20.32 -38.47 -34.61
CA GLU C 231 -20.38 -39.16 -35.90
C GLU C 231 -19.89 -40.60 -35.75
N ASN C 232 -20.84 -41.53 -35.66
CA ASN C 232 -20.55 -42.96 -35.63
C ASN C 232 -21.77 -43.71 -36.15
N PRO C 233 -21.59 -44.65 -37.08
CA PRO C 233 -22.75 -45.30 -37.70
C PRO C 233 -23.34 -46.42 -36.85
N HIS C 234 -23.46 -46.19 -35.56
CA HIS C 234 -24.17 -47.13 -34.68
C HIS C 234 -25.20 -46.43 -33.82
N GLN C 235 -24.90 -45.25 -33.31
CA GLN C 235 -25.83 -44.49 -32.47
C GLN C 235 -25.39 -43.03 -32.42
N PRO C 236 -25.82 -42.20 -33.37
CA PRO C 236 -25.44 -40.78 -33.32
C PRO C 236 -25.98 -40.09 -32.09
N ALA C 237 -25.19 -39.17 -31.56
CA ALA C 237 -25.55 -38.42 -30.36
C ALA C 237 -26.04 -37.03 -30.76
N SER C 238 -27.29 -36.72 -30.42
CA SER C 238 -27.83 -35.40 -30.73
C SER C 238 -27.15 -34.35 -29.88
N LEU C 239 -26.61 -33.32 -30.53
CA LEU C 239 -25.92 -32.26 -29.81
C LEU C 239 -26.89 -31.35 -29.07
N GLU C 240 -28.15 -31.32 -29.47
CA GLU C 240 -29.17 -30.53 -28.82
C GLU C 240 -30.00 -31.33 -27.83
N ALA C 241 -29.48 -32.44 -27.32
CA ALA C 241 -30.21 -33.22 -26.34
C ALA C 241 -30.38 -32.44 -25.04
N THR C 242 -31.54 -32.60 -24.43
CA THR C 242 -31.89 -31.85 -23.23
C THR C 242 -31.34 -32.55 -21.98
N ASP C 243 -31.71 -32.04 -20.82
CA ASP C 243 -31.26 -32.57 -19.54
C ASP C 243 -32.43 -32.52 -18.57
N SER C 244 -32.34 -33.32 -17.49
CA SER C 244 -33.41 -33.35 -16.51
C SER C 244 -33.66 -31.97 -15.91
N LEU C 245 -32.59 -31.21 -15.68
CA LEU C 245 -32.73 -29.84 -15.21
C LEU C 245 -33.15 -28.88 -16.32
N GLY C 246 -32.99 -29.26 -17.58
CA GLY C 246 -33.34 -28.43 -18.72
C GLY C 246 -32.15 -27.93 -19.51
N ASN C 247 -30.94 -28.09 -19.00
CA ASN C 247 -29.75 -27.58 -19.66
C ASN C 247 -29.44 -28.41 -20.91
N THR C 248 -28.40 -27.99 -21.63
CA THR C 248 -27.85 -28.74 -22.75
C THR C 248 -26.33 -28.68 -22.64
N VAL C 249 -25.65 -29.07 -23.71
CA VAL C 249 -24.18 -29.13 -23.69
C VAL C 249 -23.60 -27.74 -23.44
N LEU C 250 -24.09 -26.73 -24.16
CA LEU C 250 -23.57 -25.38 -24.00
C LEU C 250 -23.87 -24.83 -22.61
N HIS C 251 -25.08 -25.09 -22.11
CA HIS C 251 -25.39 -24.68 -20.73
C HIS C 251 -24.47 -25.35 -19.74
N ALA C 252 -24.20 -26.65 -19.92
CA ALA C 252 -23.31 -27.36 -19.02
C ALA C 252 -21.90 -26.78 -19.05
N LEU C 253 -21.40 -26.43 -20.24
CA LEU C 253 -20.13 -25.73 -20.32
C LEU C 253 -20.18 -24.40 -19.58
N VAL C 254 -21.33 -23.72 -19.63
CA VAL C 254 -21.46 -22.43 -18.96
C VAL C 254 -21.37 -22.59 -17.45
N MET C 255 -22.11 -23.57 -16.90
CA MET C 255 -22.20 -23.71 -15.45
C MET C 255 -20.85 -24.08 -14.84
N ILE C 256 -20.17 -25.07 -15.41
CA ILE C 256 -18.89 -25.49 -14.86
C ILE C 256 -17.77 -24.50 -15.10
N ALA C 257 -18.03 -23.43 -15.85
CA ALA C 257 -17.00 -22.45 -16.13
C ALA C 257 -16.65 -21.69 -14.85
N ASP C 258 -15.53 -20.98 -14.91
CA ASP C 258 -15.05 -20.22 -13.76
C ASP C 258 -14.20 -19.08 -14.27
N ASN C 259 -13.96 -18.10 -13.39
CA ASN C 259 -13.15 -16.95 -13.72
C ASN C 259 -11.65 -17.24 -13.65
N SER C 260 -11.27 -18.42 -13.20
CA SER C 260 -9.86 -18.79 -13.19
C SER C 260 -9.34 -18.91 -14.62
N PRO C 261 -8.18 -18.33 -14.94
CA PRO C 261 -7.69 -18.37 -16.33
C PRO C 261 -7.41 -19.77 -16.84
N GLU C 262 -7.15 -20.74 -15.96
CA GLU C 262 -6.73 -22.06 -16.43
C GLU C 262 -7.85 -22.77 -17.19
N ASN C 263 -9.04 -22.83 -16.60
CA ASN C 263 -10.15 -23.54 -17.23
C ASN C 263 -10.96 -22.67 -18.18
N SER C 264 -10.75 -21.34 -18.16
CA SER C 264 -11.47 -20.47 -19.08
C SER C 264 -11.10 -20.78 -20.52
N ALA C 265 -9.82 -21.01 -20.79
CA ALA C 265 -9.39 -21.36 -22.14
C ALA C 265 -10.00 -22.68 -22.58
N LEU C 266 -10.03 -23.68 -21.68
CA LEU C 266 -10.63 -24.96 -22.01
C LEU C 266 -12.10 -24.79 -22.36
N VAL C 267 -12.84 -24.05 -21.53
CA VAL C 267 -14.27 -23.87 -21.76
C VAL C 267 -14.52 -23.13 -23.06
N ILE C 268 -13.77 -22.07 -23.32
CA ILE C 268 -13.99 -21.28 -24.52
C ILE C 268 -13.66 -22.09 -25.77
N HIS C 269 -12.58 -22.89 -25.72
CA HIS C 269 -12.19 -23.67 -26.88
C HIS C 269 -13.20 -24.77 -27.17
N MET C 270 -13.66 -25.46 -26.12
CA MET C 270 -14.67 -26.50 -26.33
C MET C 270 -15.98 -25.90 -26.82
N TYR C 271 -16.35 -24.72 -26.30
CA TYR C 271 -17.56 -24.04 -26.76
C TYR C 271 -17.48 -23.72 -28.25
N ASP C 272 -16.35 -23.14 -28.67
CA ASP C 272 -16.18 -22.81 -30.08
C ASP C 272 -16.20 -24.05 -30.95
N GLY C 273 -15.51 -25.11 -30.53
CA GLY C 273 -15.48 -26.33 -31.31
C GLY C 273 -16.85 -26.96 -31.46
N LEU C 274 -17.61 -27.02 -30.35
CA LEU C 274 -18.95 -27.59 -30.41
C LEU C 274 -19.86 -26.76 -31.29
N LEU C 275 -19.74 -25.43 -31.22
CA LEU C 275 -20.56 -24.59 -32.08
C LEU C 275 -20.24 -24.82 -33.56
N GLN C 276 -18.95 -24.93 -33.89
CA GLN C 276 -18.57 -25.18 -35.28
C GLN C 276 -19.05 -26.55 -35.76
N MET C 277 -18.93 -27.58 -34.91
CA MET C 277 -19.43 -28.89 -35.31
C MET C 277 -20.94 -28.88 -35.48
N GLY C 278 -21.66 -28.19 -34.60
CA GLY C 278 -23.10 -28.08 -34.76
C GLY C 278 -23.47 -27.39 -36.06
N ALA C 279 -22.71 -26.36 -36.44
CA ALA C 279 -22.94 -25.72 -37.73
C ALA C 279 -22.67 -26.69 -38.88
N ARG C 280 -21.59 -27.46 -38.79
CA ARG C 280 -21.23 -28.35 -39.89
C ARG C 280 -22.22 -29.50 -40.07
N LEU C 281 -22.64 -30.14 -38.98
CA LEU C 281 -23.54 -31.29 -39.09
C LEU C 281 -24.97 -30.85 -39.40
N CYS C 282 -25.57 -30.06 -38.51
CA CYS C 282 -26.97 -29.64 -38.65
C CYS C 282 -27.04 -28.12 -38.62
N PRO C 283 -26.91 -27.47 -39.77
CA PRO C 283 -26.99 -26.00 -39.82
C PRO C 283 -28.40 -25.45 -39.78
N THR C 284 -29.42 -26.30 -39.70
CA THR C 284 -30.81 -25.86 -39.71
C THR C 284 -31.37 -25.61 -38.31
N VAL C 285 -30.56 -25.75 -37.28
CA VAL C 285 -31.00 -25.57 -35.90
C VAL C 285 -30.14 -24.50 -35.24
N GLN C 286 -30.77 -23.62 -34.47
CA GLN C 286 -30.07 -22.56 -33.75
C GLN C 286 -29.80 -23.04 -32.34
N LEU C 287 -28.55 -23.45 -32.09
CA LEU C 287 -28.18 -23.95 -30.77
C LEU C 287 -28.28 -22.85 -29.73
N GLU C 288 -27.86 -21.63 -30.07
CA GLU C 288 -27.88 -20.53 -29.10
C GLU C 288 -29.29 -20.18 -28.66
N GLU C 289 -30.29 -20.41 -29.52
CA GLU C 289 -31.67 -20.10 -29.19
C GLU C 289 -32.39 -21.30 -28.58
N ILE C 290 -31.80 -21.88 -27.54
CA ILE C 290 -32.38 -23.01 -26.81
C ILE C 290 -32.68 -22.54 -25.39
N SER C 291 -33.93 -22.73 -24.97
CA SER C 291 -34.38 -22.21 -23.69
C SER C 291 -34.17 -23.23 -22.58
N ASN C 292 -33.75 -22.74 -21.42
CA ASN C 292 -33.64 -23.55 -20.21
C ASN C 292 -35.03 -23.83 -19.65
N HIS C 293 -35.09 -24.50 -18.51
CA HIS C 293 -36.35 -24.65 -17.81
C HIS C 293 -36.83 -23.35 -17.17
N GLN C 294 -35.93 -22.39 -17.00
CA GLN C 294 -36.29 -21.05 -16.54
C GLN C 294 -36.39 -20.05 -17.69
N GLY C 295 -36.43 -20.54 -18.92
CA GLY C 295 -36.44 -19.66 -20.08
C GLY C 295 -35.15 -18.91 -20.30
N LEU C 296 -34.01 -19.57 -20.10
CA LEU C 296 -32.70 -18.94 -20.23
C LEU C 296 -31.90 -19.61 -21.35
N THR C 297 -31.02 -18.84 -21.95
CA THR C 297 -30.08 -19.26 -22.97
C THR C 297 -28.67 -19.21 -22.43
N PRO C 298 -27.69 -19.82 -23.13
CA PRO C 298 -26.31 -19.78 -22.62
C PRO C 298 -25.80 -18.38 -22.31
N LEU C 299 -26.15 -17.40 -23.14
CA LEU C 299 -25.75 -16.02 -22.86
C LEU C 299 -26.44 -15.49 -21.60
N LYS C 300 -27.75 -15.66 -21.51
CA LYS C 300 -28.49 -15.20 -20.33
C LYS C 300 -28.07 -15.94 -19.09
N LEU C 301 -27.84 -17.26 -19.21
CA LEU C 301 -27.39 -18.04 -18.05
C LEU C 301 -26.01 -17.59 -17.58
N ALA C 302 -25.11 -17.31 -18.53
CA ALA C 302 -23.79 -16.81 -18.15
C ALA C 302 -23.90 -15.45 -17.48
N ALA C 303 -24.81 -14.60 -17.96
CA ALA C 303 -25.01 -13.30 -17.33
C ALA C 303 -25.57 -13.44 -15.92
N LYS C 304 -26.50 -14.37 -15.73
CA LYS C 304 -27.13 -14.52 -14.42
C LYS C 304 -26.19 -15.14 -13.40
N GLU C 305 -25.46 -16.18 -13.79
CA GLU C 305 -24.61 -16.89 -12.83
C GLU C 305 -23.34 -16.13 -12.47
N GLY C 306 -23.06 -15.02 -13.15
CA GLY C 306 -21.88 -14.24 -12.84
C GLY C 306 -20.63 -14.63 -13.58
N LYS C 307 -20.67 -15.67 -14.41
CA LYS C 307 -19.51 -16.04 -15.22
C LYS C 307 -19.29 -14.98 -16.28
N ILE C 308 -18.12 -14.33 -16.24
CA ILE C 308 -17.86 -13.18 -17.10
C ILE C 308 -16.96 -13.58 -18.26
N GLU C 309 -16.04 -14.52 -18.02
CA GLU C 309 -15.03 -14.85 -19.03
C GLU C 309 -15.67 -15.42 -20.29
N ILE C 310 -16.64 -16.32 -20.14
CA ILE C 310 -17.34 -16.82 -21.32
C ILE C 310 -18.41 -15.84 -21.77
N PHE C 311 -18.96 -15.04 -20.86
CA PHE C 311 -19.95 -14.04 -21.23
C PHE C 311 -19.37 -13.02 -22.19
N ARG C 312 -18.17 -12.52 -21.89
CA ARG C 312 -17.52 -11.56 -22.78
C ARG C 312 -17.25 -12.17 -24.14
N HIS C 313 -16.74 -13.39 -24.18
CA HIS C 313 -16.44 -14.03 -25.46
C HIS C 313 -17.69 -14.22 -26.30
N ILE C 314 -18.79 -14.67 -25.68
CA ILE C 314 -20.03 -14.81 -26.42
C ILE C 314 -20.51 -13.44 -26.88
N LEU C 315 -20.22 -12.40 -26.11
CA LEU C 315 -20.64 -11.05 -26.50
C LEU C 315 -19.85 -10.52 -27.69
N GLN C 316 -18.59 -10.95 -27.84
CA GLN C 316 -17.71 -10.48 -28.91
C GLN C 316 -17.16 -11.70 -29.65
N ARG C 317 -17.91 -12.18 -30.65
CA ARG C 317 -17.54 -13.38 -31.38
C ARG C 317 -17.51 -13.05 -32.87
N GLU C 318 -16.34 -13.23 -33.49
CA GLU C 318 -16.11 -12.77 -34.85
C GLU C 318 -15.94 -13.91 -35.86
N PHE C 319 -15.00 -14.83 -35.60
CA PHE C 319 -14.66 -15.91 -36.53
C PHE C 319 -14.20 -15.37 -37.88
N SER C 320 -13.96 -16.27 -38.83
CA SER C 320 -13.55 -15.90 -40.18
C SER C 320 -13.72 -17.09 -41.09
N GLY C 321 -13.95 -16.82 -42.36
CA GLY C 321 -14.08 -17.86 -43.36
C GLY C 321 -15.52 -18.32 -43.53
N PRO C 322 -15.70 -19.64 -43.66
CA PRO C 322 -17.06 -20.18 -43.85
C PRO C 322 -17.98 -19.97 -42.65
N TYR C 323 -17.42 -19.68 -41.48
CA TYR C 323 -18.20 -19.53 -40.25
C TYR C 323 -18.60 -18.09 -39.97
N GLN C 324 -18.81 -17.29 -41.02
CA GLN C 324 -19.25 -15.91 -40.83
C GLN C 324 -20.57 -15.80 -40.10
N PRO C 325 -21.64 -16.54 -40.45
CA PRO C 325 -22.93 -16.33 -39.76
C PRO C 325 -22.89 -16.64 -38.27
N LEU C 326 -21.93 -17.45 -37.81
CA LEU C 326 -21.81 -17.73 -36.38
C LEU C 326 -21.05 -16.61 -35.68
N SER C 327 -21.51 -15.37 -35.82
CA SER C 327 -20.78 -14.23 -35.28
C SER C 327 -21.75 -13.19 -34.77
N ARG C 328 -21.24 -12.31 -33.90
CA ARG C 328 -22.02 -11.23 -33.33
C ARG C 328 -21.34 -9.87 -33.45
N LYS C 329 -20.13 -9.81 -33.99
CA LYS C 329 -19.38 -8.56 -34.11
C LYS C 329 -18.75 -8.53 -35.49
N PHE C 330 -19.26 -7.65 -36.36
CA PHE C 330 -18.81 -7.55 -37.74
C PHE C 330 -18.03 -6.26 -37.92
N THR C 331 -16.77 -6.37 -38.32
CA THR C 331 -15.99 -5.16 -38.61
C THR C 331 -16.43 -4.60 -39.95
N GLU C 332 -16.89 -3.34 -39.93
CA GLU C 332 -17.39 -2.71 -41.14
C GLU C 332 -16.25 -2.21 -42.02
N TRP C 333 -15.45 -1.28 -41.50
CA TRP C 333 -14.25 -0.84 -42.19
C TRP C 333 -13.26 -0.33 -41.16
N CYS C 334 -11.98 -0.35 -41.54
CA CYS C 334 -10.90 0.10 -40.67
C CYS C 334 -10.13 1.20 -41.37
N TYR C 335 -9.77 2.25 -40.63
CA TYR C 335 -9.02 3.37 -41.19
C TYR C 335 -8.13 3.92 -40.08
N GLY C 336 -6.85 3.54 -40.11
CA GLY C 336 -5.93 3.89 -39.06
C GLY C 336 -6.39 3.35 -37.72
N PRO C 337 -6.30 4.17 -36.68
CA PRO C 337 -6.79 3.72 -35.36
C PRO C 337 -8.29 3.48 -35.31
N VAL C 338 -9.05 4.10 -36.21
CA VAL C 338 -10.50 3.94 -36.21
C VAL C 338 -10.86 2.53 -36.64
N ARG C 339 -11.75 1.89 -35.89
CA ARG C 339 -12.12 0.49 -36.11
C ARG C 339 -13.63 0.32 -36.02
N VAL C 340 -14.37 1.16 -36.76
CA VAL C 340 -15.83 1.14 -36.71
C VAL C 340 -16.34 -0.26 -36.97
N SER C 341 -17.15 -0.76 -36.05
CA SER C 341 -17.69 -2.12 -36.11
C SER C 341 -19.19 -2.08 -35.83
N LEU C 342 -19.82 -3.25 -35.98
CA LEU C 342 -21.24 -3.42 -35.74
C LEU C 342 -21.44 -4.57 -34.78
N TYR C 343 -22.15 -4.34 -33.68
CA TYR C 343 -22.44 -5.37 -32.71
C TYR C 343 -23.88 -5.85 -32.90
N ASP C 344 -24.12 -7.09 -32.51
CA ASP C 344 -25.46 -7.67 -32.55
C ASP C 344 -26.17 -7.40 -31.23
N LEU C 345 -27.49 -7.25 -31.31
CA LEU C 345 -28.31 -6.93 -30.14
C LEU C 345 -29.32 -8.05 -29.92
N SER C 346 -28.91 -9.08 -29.19
CA SER C 346 -29.82 -9.98 -28.51
C SER C 346 -29.96 -9.61 -27.04
N SER C 347 -29.34 -8.52 -26.62
CA SER C 347 -29.27 -8.07 -25.24
C SER C 347 -29.83 -6.66 -25.11
N VAL C 348 -30.95 -6.38 -25.75
CA VAL C 348 -31.59 -5.07 -25.71
C VAL C 348 -32.94 -5.22 -25.03
N ASP C 349 -33.25 -4.31 -24.10
CA ASP C 349 -34.50 -4.39 -23.36
C ASP C 349 -35.70 -4.07 -24.23
N SER C 350 -35.51 -3.28 -25.29
CA SER C 350 -36.63 -2.78 -26.06
C SER C 350 -37.27 -3.90 -26.88
N TRP C 351 -38.60 -4.05 -26.73
CA TRP C 351 -39.38 -5.15 -27.29
C TRP C 351 -38.75 -6.52 -27.04
N GLU C 352 -38.07 -6.69 -25.91
CA GLU C 352 -37.54 -8.01 -25.55
C GLU C 352 -37.64 -8.14 -24.02
N LYS C 353 -38.67 -8.85 -23.57
CA LYS C 353 -38.81 -9.13 -22.15
C LYS C 353 -37.73 -10.09 -21.68
N ASN C 354 -37.28 -9.90 -20.43
CA ASN C 354 -36.22 -10.70 -19.82
C ASN C 354 -34.94 -10.64 -20.66
N SER C 355 -34.41 -9.42 -20.78
CA SER C 355 -33.19 -9.19 -21.54
C SER C 355 -31.97 -9.34 -20.65
N VAL C 356 -30.79 -9.26 -21.25
CA VAL C 356 -29.55 -9.40 -20.49
C VAL C 356 -29.36 -8.21 -19.56
N LEU C 357 -29.78 -7.02 -19.99
CA LEU C 357 -29.60 -5.82 -19.16
C LEU C 357 -30.40 -5.93 -17.87
N GLU C 358 -31.65 -6.38 -17.95
CA GLU C 358 -32.46 -6.56 -16.75
C GLU C 358 -31.85 -7.65 -15.86
N ILE C 359 -31.38 -8.74 -16.46
CA ILE C 359 -30.84 -9.85 -15.68
C ILE C 359 -29.60 -9.41 -14.91
N ILE C 360 -28.72 -8.66 -15.57
CA ILE C 360 -27.55 -8.12 -14.87
C ILE C 360 -27.98 -7.13 -13.79
N ALA C 361 -28.97 -6.29 -14.10
CA ALA C 361 -29.35 -5.22 -13.18
C ALA C 361 -30.15 -5.74 -11.99
N PHE C 362 -31.09 -6.66 -12.23
CA PHE C 362 -32.04 -7.06 -11.20
C PHE C 362 -31.84 -8.48 -10.69
N HIS C 363 -31.80 -9.47 -11.58
CA HIS C 363 -31.82 -10.87 -11.18
C HIS C 363 -30.45 -11.43 -10.88
N CYS C 364 -29.39 -10.63 -10.93
CA CYS C 364 -28.05 -11.09 -10.65
C CYS C 364 -27.67 -10.78 -9.21
N LYS C 365 -27.09 -11.77 -8.53
CA LYS C 365 -26.67 -11.63 -7.14
C LYS C 365 -25.17 -11.75 -6.94
N SER C 366 -24.41 -12.09 -7.97
CA SER C 366 -22.97 -12.25 -7.82
C SER C 366 -22.31 -10.89 -7.57
N PRO C 367 -21.16 -10.88 -6.88
CA PRO C 367 -20.44 -9.62 -6.68
C PRO C 367 -19.77 -9.09 -7.94
N ASN C 368 -19.81 -9.83 -9.04
CA ASN C 368 -19.19 -9.42 -10.29
C ASN C 368 -20.12 -8.61 -11.17
N ARG C 369 -21.36 -8.35 -10.73
CA ARG C 369 -22.34 -7.68 -11.58
C ARG C 369 -21.91 -6.29 -12.00
N HIS C 370 -21.09 -5.61 -11.19
CA HIS C 370 -20.66 -4.27 -11.55
C HIS C 370 -19.54 -4.26 -12.58
N ARG C 371 -18.90 -5.40 -12.82
CA ARG C 371 -17.86 -5.50 -13.84
C ARG C 371 -18.39 -5.93 -15.20
N MET C 372 -19.67 -6.29 -15.29
CA MET C 372 -20.26 -6.73 -16.54
C MET C 372 -21.00 -5.62 -17.27
N VAL C 373 -20.94 -4.39 -16.76
CA VAL C 373 -21.53 -3.24 -17.42
C VAL C 373 -20.47 -2.33 -18.04
N VAL C 374 -19.22 -2.79 -18.09
CA VAL C 374 -18.13 -2.03 -18.69
C VAL C 374 -17.70 -2.60 -20.04
N LEU C 375 -18.30 -3.69 -20.48
CA LEU C 375 -18.00 -4.24 -21.79
C LEU C 375 -18.51 -3.29 -22.88
N GLU C 376 -17.89 -3.39 -24.05
CA GLU C 376 -18.07 -2.36 -25.07
C GLU C 376 -19.53 -2.16 -25.50
N PRO C 377 -20.27 -3.19 -25.93
CA PRO C 377 -21.63 -2.92 -26.39
C PRO C 377 -22.55 -2.47 -25.28
N LEU C 378 -22.47 -3.11 -24.11
CA LEU C 378 -23.33 -2.73 -22.99
C LEU C 378 -23.04 -1.32 -22.52
N ASN C 379 -21.76 -0.97 -22.34
CA ASN C 379 -21.40 0.36 -21.86
C ASN C 379 -21.81 1.43 -22.87
N LYS C 380 -21.55 1.19 -24.15
CA LYS C 380 -21.95 2.13 -25.18
C LYS C 380 -23.46 2.31 -25.22
N LEU C 381 -24.22 1.22 -25.14
CA LEU C 381 -25.67 1.33 -25.15
C LEU C 381 -26.18 2.06 -23.92
N LEU C 382 -25.55 1.82 -22.76
CA LEU C 382 -25.96 2.51 -21.55
C LEU C 382 -25.72 4.00 -21.66
N GLN C 383 -24.56 4.41 -22.19
CA GLN C 383 -24.30 5.84 -22.37
C GLN C 383 -25.31 6.46 -23.34
N GLU C 384 -25.56 5.78 -24.45
CA GLU C 384 -26.49 6.31 -25.45
C GLU C 384 -27.89 6.45 -24.88
N LYS C 385 -28.35 5.48 -24.09
CA LYS C 385 -29.69 5.55 -23.53
C LYS C 385 -29.77 6.53 -22.38
N TRP C 386 -28.68 6.74 -21.63
CA TRP C 386 -28.71 7.66 -20.51
C TRP C 386 -28.67 9.11 -20.98
N ASP C 387 -27.90 9.40 -22.02
CA ASP C 387 -27.84 10.77 -22.52
C ASP C 387 -29.16 11.26 -23.10
N ARG C 388 -30.09 10.35 -23.40
CA ARG C 388 -31.38 10.72 -23.96
C ARG C 388 -32.41 11.11 -22.91
N LEU C 389 -32.18 10.78 -21.63
CA LEU C 389 -33.20 10.95 -20.61
C LEU C 389 -32.70 11.75 -19.41
N VAL C 390 -31.70 12.61 -19.59
CA VAL C 390 -31.27 13.48 -18.50
C VAL C 390 -32.35 14.53 -18.20
N SER C 391 -33.03 14.99 -19.25
CA SER C 391 -34.03 16.04 -19.08
C SER C 391 -35.16 15.60 -18.16
N ARG C 392 -35.65 14.37 -18.33
CA ARG C 392 -36.70 13.86 -17.45
C ARG C 392 -36.21 13.76 -16.01
N PHE C 393 -34.97 13.30 -15.82
CA PHE C 393 -34.40 13.20 -14.49
C PHE C 393 -34.37 14.56 -13.80
N PHE C 394 -33.90 15.59 -14.50
CA PHE C 394 -33.80 16.90 -13.87
C PHE C 394 -35.16 17.56 -13.72
N PHE C 395 -36.11 17.28 -14.61
CA PHE C 395 -37.46 17.78 -14.42
C PHE C 395 -38.09 17.19 -13.17
N ASN C 396 -37.91 15.88 -12.95
CA ASN C 396 -38.40 15.27 -11.72
C ASN C 396 -37.70 15.85 -10.50
N PHE C 397 -36.39 16.12 -10.62
CA PHE C 397 -35.65 16.77 -9.54
C PHE C 397 -36.28 18.11 -9.19
N ALA C 398 -36.56 18.94 -10.19
CA ALA C 398 -37.15 20.24 -9.95
C ALA C 398 -38.53 20.13 -9.33
N CYS C 399 -39.34 19.19 -9.82
CA CYS C 399 -40.67 19.01 -9.26
C CYS C 399 -40.61 18.60 -7.80
N TYR C 400 -39.70 17.69 -7.46
CA TYR C 400 -39.56 17.28 -6.06
C TYR C 400 -39.06 18.44 -5.21
N LEU C 401 -38.15 19.25 -5.74
CA LEU C 401 -37.63 20.38 -4.99
C LEU C 401 -38.74 21.38 -4.67
N VAL C 402 -39.57 21.71 -5.66
CA VAL C 402 -40.65 22.66 -5.40
C VAL C 402 -41.68 22.06 -4.46
N TYR C 403 -41.95 20.76 -4.57
CA TYR C 403 -42.88 20.13 -3.64
C TYR C 403 -42.37 20.21 -2.20
N MET C 404 -41.07 19.94 -2.00
CA MET C 404 -40.50 20.03 -0.66
C MET C 404 -40.51 21.47 -0.15
N PHE C 405 -40.23 22.44 -1.02
CA PHE C 405 -40.29 23.84 -0.60
C PHE C 405 -41.70 24.22 -0.16
N ILE C 406 -42.71 23.83 -0.92
CA ILE C 406 -44.09 24.11 -0.54
C ILE C 406 -44.44 23.43 0.77
N PHE C 407 -43.99 22.18 0.94
CA PHE C 407 -44.24 21.46 2.18
C PHE C 407 -43.64 22.21 3.38
N THR C 408 -42.40 22.67 3.24
CA THR C 408 -41.75 23.40 4.34
C THR C 408 -42.48 24.70 4.65
N VAL C 409 -42.84 25.45 3.61
CA VAL C 409 -43.53 26.72 3.83
C VAL C 409 -44.87 26.49 4.53
N VAL C 410 -45.62 25.47 4.10
CA VAL C 410 -46.92 25.20 4.72
C VAL C 410 -46.73 24.74 6.16
N ALA C 411 -45.70 23.92 6.42
CA ALA C 411 -45.46 23.45 7.78
C ALA C 411 -45.07 24.60 8.70
N TYR C 412 -44.38 25.61 8.17
CA TYR C 412 -43.96 26.74 9.00
C TYR C 412 -45.15 27.53 9.51
N HIS C 413 -46.23 27.60 8.72
CA HIS C 413 -47.39 28.40 9.08
C HIS C 413 -48.50 27.57 9.72
N GLN C 414 -48.27 27.06 10.94
CA GLN C 414 -49.29 26.29 11.63
C GLN C 414 -50.13 27.21 12.52
N PRO C 415 -51.45 27.07 12.53
CA PRO C 415 -52.24 27.79 13.55
C PRO C 415 -51.92 27.37 14.97
N SER C 416 -51.58 26.10 15.18
CA SER C 416 -51.28 25.54 16.49
C SER C 416 -52.41 25.82 17.49
N PHE C 429 -56.46 36.32 3.55
CA PHE C 429 -56.99 35.00 3.24
C PHE C 429 -55.95 33.91 3.48
N GLY C 430 -55.34 33.93 4.67
CA GLY C 430 -54.35 32.92 5.01
C GLY C 430 -54.93 31.53 5.12
N GLU C 431 -56.17 31.41 5.59
CA GLU C 431 -56.78 30.10 5.77
C GLU C 431 -56.91 29.37 4.43
N SER C 432 -57.26 30.09 3.37
CA SER C 432 -57.31 29.48 2.04
C SER C 432 -55.94 28.99 1.61
N MET C 433 -54.89 29.77 1.88
CA MET C 433 -53.54 29.34 1.53
C MET C 433 -53.15 28.07 2.27
N LEU C 434 -53.43 28.02 3.57
CA LEU C 434 -53.12 26.81 4.34
C LEU C 434 -53.93 25.61 3.85
N LEU C 435 -55.21 25.81 3.54
CA LEU C 435 -56.03 24.71 3.05
C LEU C 435 -55.50 24.17 1.72
N LEU C 436 -55.15 25.07 0.80
CA LEU C 436 -54.61 24.66 -0.48
C LEU C 436 -53.26 23.95 -0.31
N GLY C 437 -52.41 24.45 0.59
CA GLY C 437 -51.15 23.79 0.85
C GLY C 437 -51.33 22.39 1.40
N HIS C 438 -52.26 22.23 2.35
CA HIS C 438 -52.53 20.90 2.89
C HIS C 438 -53.09 19.97 1.83
N ILE C 439 -53.96 20.48 0.96
CA ILE C 439 -54.49 19.67 -0.14
C ILE C 439 -53.36 19.21 -1.06
N LEU C 440 -52.46 20.14 -1.40
CA LEU C 440 -51.33 19.78 -2.25
C LEU C 440 -50.44 18.74 -1.59
N ILE C 441 -50.19 18.89 -0.29
CA ILE C 441 -49.33 17.95 0.42
C ILE C 441 -49.96 16.56 0.44
N LEU C 442 -51.26 16.49 0.72
CA LEU C 442 -51.92 15.18 0.78
C LEU C 442 -51.97 14.52 -0.60
N LEU C 443 -52.24 15.30 -1.66
CA LEU C 443 -52.26 14.71 -2.99
C LEU C 443 -50.88 14.24 -3.42
N GLY C 444 -49.83 15.00 -3.06
CA GLY C 444 -48.48 14.54 -3.32
C GLY C 444 -48.15 13.26 -2.58
N GLY C 445 -48.59 13.17 -1.32
CA GLY C 445 -48.40 11.93 -0.57
C GLY C 445 -49.09 10.75 -1.22
N ILE C 446 -50.32 10.96 -1.70
CA ILE C 446 -51.03 9.90 -2.44
C ILE C 446 -50.25 9.50 -3.68
N TYR C 447 -49.74 10.48 -4.43
CA TYR C 447 -49.02 10.19 -5.67
C TYR C 447 -47.78 9.35 -5.39
N LEU C 448 -46.95 9.79 -4.44
CA LEU C 448 -45.73 9.05 -4.13
C LEU C 448 -46.05 7.67 -3.56
N LEU C 449 -47.08 7.56 -2.73
CA LEU C 449 -47.45 6.26 -2.17
C LEU C 449 -47.87 5.29 -3.26
N LEU C 450 -48.69 5.76 -4.21
CA LEU C 450 -49.10 4.89 -5.32
C LEU C 450 -47.91 4.51 -6.18
N GLY C 451 -47.01 5.45 -6.45
CA GLY C 451 -45.84 5.12 -7.25
C GLY C 451 -44.97 4.07 -6.59
N GLN C 452 -44.71 4.23 -5.30
CA GLN C 452 -43.90 3.24 -4.57
C GLN C 452 -44.60 1.89 -4.51
N LEU C 453 -45.92 1.89 -4.29
CA LEU C 453 -46.65 0.62 -4.26
C LEU C 453 -46.56 -0.09 -5.60
N TRP C 454 -46.71 0.64 -6.70
CA TRP C 454 -46.57 0.04 -8.02
C TRP C 454 -45.16 -0.50 -8.23
N TYR C 455 -44.14 0.25 -7.80
CA TYR C 455 -42.77 -0.19 -7.98
C TYR C 455 -42.51 -1.49 -7.22
N PHE C 456 -42.94 -1.57 -5.96
CA PHE C 456 -42.75 -2.81 -5.21
C PHE C 456 -43.58 -3.96 -5.77
N TRP C 457 -44.80 -3.68 -6.24
CA TRP C 457 -45.63 -4.75 -6.81
C TRP C 457 -44.99 -5.32 -8.07
N ARG C 458 -44.44 -4.46 -8.93
CA ARG C 458 -43.84 -4.93 -10.17
C ARG C 458 -42.64 -5.84 -9.92
N ARG C 459 -41.75 -5.44 -9.01
CA ARG C 459 -40.56 -6.22 -8.69
C ARG C 459 -40.81 -7.11 -7.47
N ARG C 460 -41.78 -8.01 -7.62
CA ARG C 460 -42.13 -8.90 -6.53
C ARG C 460 -41.03 -9.92 -6.25
N LEU C 461 -40.21 -10.24 -7.26
CA LEU C 461 -39.14 -11.21 -7.09
C LEU C 461 -37.87 -10.61 -6.49
N PHE C 462 -37.80 -9.28 -6.36
CA PHE C 462 -36.66 -8.59 -5.75
C PHE C 462 -35.37 -8.90 -6.49
N ILE C 463 -34.23 -8.68 -5.83
CA ILE C 463 -32.92 -9.04 -6.38
C ILE C 463 -32.45 -10.29 -5.67
N TRP C 464 -32.21 -10.17 -4.36
CA TRP C 464 -32.15 -11.30 -3.45
C TRP C 464 -33.20 -11.15 -2.36
N ILE C 465 -33.18 -10.02 -1.66
CA ILE C 465 -34.27 -9.59 -0.78
C ILE C 465 -34.66 -8.15 -1.05
N SER C 466 -33.91 -7.44 -1.89
CA SER C 466 -34.09 -6.01 -2.15
C SER C 466 -33.88 -5.20 -0.88
N PHE C 467 -32.69 -5.36 -0.30
CA PHE C 467 -32.33 -4.72 0.96
C PHE C 467 -31.11 -3.83 0.84
N MET C 468 -30.03 -4.30 0.24
CA MET C 468 -28.75 -3.61 0.29
C MET C 468 -28.61 -2.49 -0.74
N ASP C 469 -29.48 -2.42 -1.74
CA ASP C 469 -29.36 -1.40 -2.78
C ASP C 469 -30.67 -0.75 -3.18
N SER C 470 -31.79 -1.12 -2.59
CA SER C 470 -33.09 -0.55 -2.93
C SER C 470 -33.76 0.04 -1.70
N TYR C 471 -32.97 0.55 -0.76
CA TYR C 471 -33.54 1.12 0.46
C TYR C 471 -34.13 2.50 0.23
N PHE C 472 -33.69 3.22 -0.81
CA PHE C 472 -34.24 4.56 -1.05
C PHE C 472 -35.71 4.50 -1.40
N GLU C 473 -36.13 3.49 -2.15
CA GLU C 473 -37.56 3.32 -2.42
C GLU C 473 -38.33 3.00 -1.15
N ILE C 474 -37.72 2.23 -0.24
CA ILE C 474 -38.35 1.96 1.05
C ILE C 474 -38.53 3.26 1.83
N LEU C 475 -37.50 4.12 1.83
CA LEU C 475 -37.62 5.41 2.52
C LEU C 475 -38.68 6.28 1.88
N PHE C 476 -38.77 6.28 0.55
CA PHE C 476 -39.82 7.04 -0.13
C PHE C 476 -41.21 6.56 0.28
N LEU C 477 -41.40 5.24 0.31
CA LEU C 477 -42.68 4.68 0.72
C LEU C 477 -43.01 5.05 2.16
N LEU C 478 -42.01 4.95 3.04
CA LEU C 478 -42.23 5.28 4.45
C LEU C 478 -42.60 6.75 4.61
N GLN C 479 -41.90 7.64 3.89
CA GLN C 479 -42.21 9.07 3.97
C GLN C 479 -43.63 9.35 3.48
N ALA C 480 -44.01 8.76 2.34
CA ALA C 480 -45.35 8.99 1.83
C ALA C 480 -46.41 8.47 2.80
N LEU C 481 -46.19 7.28 3.36
CA LEU C 481 -47.14 6.72 4.31
C LEU C 481 -47.27 7.58 5.55
N LEU C 482 -46.13 8.03 6.10
CA LEU C 482 -46.16 8.85 7.30
C LEU C 482 -46.87 10.18 7.04
N THR C 483 -46.56 10.84 5.94
CA THR C 483 -47.19 12.14 5.68
C THR C 483 -48.69 11.98 5.44
N VAL C 484 -49.11 10.95 4.71
CA VAL C 484 -50.54 10.80 4.47
C VAL C 484 -51.27 10.41 5.76
N LEU C 485 -50.67 9.55 6.58
CA LEU C 485 -51.32 9.16 7.83
C LEU C 485 -51.43 10.34 8.78
N SER C 486 -50.37 11.14 8.89
CA SER C 486 -50.43 12.30 9.78
C SER C 486 -51.44 13.32 9.28
N GLN C 487 -51.46 13.57 7.97
CA GLN C 487 -52.41 14.55 7.44
C GLN C 487 -53.84 14.09 7.62
N VAL C 488 -54.14 12.80 7.42
CA VAL C 488 -55.51 12.34 7.59
C VAL C 488 -55.88 12.30 9.08
N LEU C 489 -54.93 12.00 9.97
CA LEU C 489 -55.25 11.98 11.39
C LEU C 489 -55.39 13.39 11.94
N ARG C 490 -54.80 14.39 11.29
CA ARG C 490 -55.05 15.77 11.64
C ARG C 490 -56.53 16.13 11.54
N PHE C 491 -57.25 15.52 10.61
CA PHE C 491 -58.68 15.79 10.48
C PHE C 491 -59.45 15.38 11.73
N MET C 492 -58.89 14.44 12.49
CA MET C 492 -59.47 14.03 13.77
C MET C 492 -59.17 15.01 14.89
N GLU C 493 -58.33 16.01 14.66
CA GLU C 493 -57.95 17.01 15.66
C GLU C 493 -57.34 16.34 16.89
N THR C 494 -56.34 15.50 16.63
CA THR C 494 -55.59 14.81 17.68
C THR C 494 -54.17 15.34 17.72
N GLU C 495 -53.62 15.47 18.93
CA GLU C 495 -52.29 16.04 19.09
C GLU C 495 -51.18 15.18 18.51
N TRP C 496 -51.47 13.93 18.14
CA TRP C 496 -50.43 13.03 17.64
C TRP C 496 -50.10 13.27 16.17
N TYR C 497 -50.83 14.12 15.46
CA TYR C 497 -50.47 14.39 14.07
C TYR C 497 -49.17 15.16 13.97
N LEU C 498 -48.96 16.13 14.86
CA LEU C 498 -47.81 17.02 14.74
C LEU C 498 -46.47 16.31 14.81
N PRO C 499 -46.24 15.34 15.73
CA PRO C 499 -44.96 14.61 15.70
C PRO C 499 -44.76 13.85 14.39
N LEU C 500 -45.70 12.97 14.04
CA LEU C 500 -45.56 12.22 12.80
C LEU C 500 -45.33 13.15 11.63
N LEU C 501 -46.14 14.21 11.52
CA LEU C 501 -46.00 15.18 10.44
C LEU C 501 -44.56 15.70 10.37
N VAL C 502 -44.02 16.12 11.52
CA VAL C 502 -42.69 16.74 11.46
C VAL C 502 -41.67 15.69 11.06
N LEU C 503 -41.89 14.43 11.44
CA LEU C 503 -41.02 13.36 10.97
C LEU C 503 -40.97 13.34 9.45
N SER C 504 -42.14 13.43 8.81
CA SER C 504 -42.17 13.51 7.36
C SER C 504 -41.21 14.57 6.86
N LEU C 505 -41.27 15.77 7.47
CA LEU C 505 -40.34 16.82 7.11
C LEU C 505 -38.91 16.30 7.05
N VAL C 506 -38.39 15.81 8.18
CA VAL C 506 -36.99 15.38 8.18
C VAL C 506 -36.79 14.28 7.16
N LEU C 507 -37.75 13.34 7.07
CA LEU C 507 -37.59 12.23 6.14
C LEU C 507 -37.50 12.74 4.71
N GLY C 508 -38.32 13.75 4.38
CA GLY C 508 -38.24 14.32 3.04
C GLY C 508 -36.85 14.85 2.75
N TRP C 509 -36.21 15.47 3.73
CA TRP C 509 -34.89 16.04 3.50
C TRP C 509 -33.80 14.98 3.42
N LEU C 510 -34.09 13.73 3.80
CA LEU C 510 -33.18 12.66 3.40
C LEU C 510 -33.47 12.19 1.98
N ASN C 511 -34.75 12.19 1.60
CA ASN C 511 -35.10 11.68 0.27
C ASN C 511 -34.53 12.54 -0.83
N LEU C 512 -34.17 13.79 -0.53
CA LEU C 512 -33.55 14.65 -1.53
C LEU C 512 -32.16 14.17 -1.91
N LEU C 513 -31.49 13.40 -1.04
CA LEU C 513 -30.16 12.91 -1.40
C LEU C 513 -30.19 11.87 -2.51
N TYR C 514 -31.35 11.25 -2.77
CA TYR C 514 -31.41 10.26 -3.84
C TYR C 514 -31.21 10.90 -5.21
N TYR C 515 -31.93 11.99 -5.49
CA TYR C 515 -31.79 12.64 -6.79
C TYR C 515 -30.37 13.17 -6.98
N THR C 516 -29.80 13.77 -5.94
CA THR C 516 -28.43 14.21 -6.00
C THR C 516 -27.49 13.05 -5.74
N ARG C 517 -26.20 13.36 -5.70
CA ARG C 517 -25.11 12.48 -5.30
C ARG C 517 -24.91 11.33 -6.28
N GLY C 518 -25.79 11.18 -7.26
CA GLY C 518 -25.67 10.14 -8.27
C GLY C 518 -26.07 10.62 -9.65
N PHE C 519 -25.94 11.91 -9.90
CA PHE C 519 -26.42 12.52 -11.13
C PHE C 519 -25.34 12.72 -12.18
N GLN C 520 -24.13 13.11 -11.78
CA GLN C 520 -23.05 13.30 -12.75
C GLN C 520 -21.73 13.38 -12.00
N HIS C 521 -20.77 12.53 -12.40
CA HIS C 521 -19.41 12.47 -11.87
C HIS C 521 -19.34 12.64 -10.36
N THR C 522 -20.29 12.04 -9.63
CA THR C 522 -20.30 12.13 -8.18
C THR C 522 -20.73 10.82 -7.51
N GLY C 523 -20.70 9.70 -8.24
CA GLY C 523 -21.17 8.44 -7.72
C GLY C 523 -20.24 7.74 -6.76
N ILE C 524 -18.97 8.12 -6.72
CA ILE C 524 -18.05 7.52 -5.75
C ILE C 524 -18.48 7.85 -4.33
N TYR C 525 -18.88 9.10 -4.09
CA TYR C 525 -19.40 9.47 -2.78
C TYR C 525 -20.69 8.71 -2.47
N SER C 526 -21.52 8.44 -3.49
CA SER C 526 -22.73 7.67 -3.27
C SER C 526 -22.43 6.23 -2.85
N VAL C 527 -21.47 5.59 -3.53
CA VAL C 527 -21.15 4.22 -3.15
C VAL C 527 -20.47 4.19 -1.80
N MET C 528 -19.73 5.24 -1.44
CA MET C 528 -19.15 5.30 -0.11
C MET C 528 -20.24 5.53 0.96
N ILE C 529 -21.28 6.29 0.61
CA ILE C 529 -22.48 6.36 1.44
C ILE C 529 -23.06 4.97 1.66
N GLN C 530 -23.14 4.18 0.59
CA GLN C 530 -23.68 2.83 0.70
C GLN C 530 -22.86 1.99 1.68
N LYS C 531 -21.53 2.20 1.73
CA LYS C 531 -20.70 1.45 2.67
C LYS C 531 -21.00 1.85 4.11
N VAL C 532 -21.05 3.16 4.39
CA VAL C 532 -21.24 3.62 5.76
C VAL C 532 -22.67 3.34 6.25
N ILE C 533 -23.61 3.14 5.33
CA ILE C 533 -24.98 2.82 5.74
C ILE C 533 -25.01 1.49 6.49
N LEU C 534 -24.29 0.49 5.98
CA LEU C 534 -24.33 -0.86 6.52
C LEU C 534 -23.39 -1.04 7.73
N ARG C 535 -22.97 0.06 8.35
CA ARG C 535 -22.05 -0.01 9.49
C ARG C 535 -22.71 0.36 10.82
N ASP C 536 -23.83 1.07 10.79
CA ASP C 536 -24.50 1.50 12.02
C ASP C 536 -25.38 0.42 12.62
N LEU C 537 -25.62 -0.68 11.91
CA LEU C 537 -26.49 -1.75 12.43
C LEU C 537 -25.88 -2.36 13.69
N LEU C 538 -24.58 -2.64 13.66
CA LEU C 538 -23.91 -3.17 14.84
C LEU C 538 -23.81 -2.11 15.93
N ARG C 539 -23.70 -0.85 15.55
CA ARG C 539 -23.49 0.23 16.50
C ARG C 539 -24.73 0.51 17.34
N PHE C 540 -25.86 0.78 16.68
CA PHE C 540 -27.07 1.13 17.41
C PHE C 540 -27.50 0.02 18.37
N LEU C 541 -27.11 -1.22 18.08
CA LEU C 541 -27.48 -2.36 18.91
C LEU C 541 -26.43 -2.71 19.97
N LEU C 542 -25.29 -2.03 19.96
CA LEU C 542 -24.23 -2.40 20.90
C LEU C 542 -23.87 -1.27 21.87
N VAL C 543 -23.56 -0.08 21.35
CA VAL C 543 -23.01 0.98 22.19
C VAL C 543 -24.07 1.47 23.16
N TYR C 544 -25.34 1.51 22.73
CA TYR C 544 -26.37 2.10 23.57
C TYR C 544 -27.08 1.04 24.40
N LEU C 545 -27.41 -0.10 23.80
CA LEU C 545 -28.26 -1.10 24.46
C LEU C 545 -27.61 -1.73 25.68
N VAL C 546 -26.32 -2.03 25.61
CA VAL C 546 -25.71 -2.87 26.64
C VAL C 546 -24.50 -2.19 27.29
N PHE C 547 -24.20 -0.95 26.90
CA PHE C 547 -23.10 -0.21 27.49
C PHE C 547 -23.58 0.97 28.31
N LEU C 548 -24.34 1.90 27.72
CA LEU C 548 -24.89 3.00 28.50
C LEU C 548 -25.82 2.48 29.59
N PHE C 549 -26.72 1.57 29.22
CA PHE C 549 -27.64 1.00 30.20
C PHE C 549 -26.86 0.29 31.30
N GLY C 550 -25.92 -0.56 30.93
CA GLY C 550 -25.13 -1.30 31.88
C GLY C 550 -24.32 -0.40 32.80
N PHE C 551 -23.76 0.67 32.23
CA PHE C 551 -22.96 1.61 33.02
C PHE C 551 -23.80 2.35 34.04
N ALA C 552 -24.94 2.91 33.61
CA ALA C 552 -25.62 3.88 34.45
C ALA C 552 -26.88 3.33 35.11
N VAL C 553 -27.15 2.03 34.97
CA VAL C 553 -28.35 1.49 35.61
C VAL C 553 -28.20 1.45 37.13
N ALA C 554 -26.98 1.33 37.64
CA ALA C 554 -26.79 1.37 39.09
C ALA C 554 -27.06 2.76 39.63
N LEU C 555 -26.73 3.80 38.84
CA LEU C 555 -26.98 5.17 39.27
C LEU C 555 -28.46 5.46 39.46
N VAL C 556 -29.32 4.67 38.80
CA VAL C 556 -30.77 4.88 38.91
C VAL C 556 -31.22 4.66 40.35
N SER C 557 -30.80 3.56 40.95
CA SER C 557 -31.19 3.24 42.32
C SER C 557 -30.47 4.10 43.35
N LEU C 558 -29.19 4.39 43.13
CA LEU C 558 -28.39 5.15 44.08
C LEU C 558 -28.92 6.57 44.21
N SER C 559 -29.37 7.15 43.10
CA SER C 559 -29.92 8.51 43.07
C SER C 559 -28.93 9.52 43.61
N ALA C 588 -41.23 3.75 42.87
CA ALA C 588 -39.95 4.35 42.55
C ALA C 588 -40.13 5.55 41.63
N PRO C 589 -39.48 6.68 41.96
CA PRO C 589 -39.57 7.86 41.09
C PRO C 589 -39.01 7.63 39.69
N TYR C 590 -38.07 6.71 39.55
CA TYR C 590 -37.46 6.39 38.26
C TYR C 590 -37.89 5.00 37.77
N ARG C 591 -39.17 4.69 37.97
CA ARG C 591 -39.68 3.37 37.61
C ARG C 591 -39.53 3.11 36.11
N SER C 592 -39.87 4.10 35.29
CA SER C 592 -39.70 3.97 33.85
C SER C 592 -38.23 4.08 33.48
N ILE C 593 -37.80 3.26 32.52
CA ILE C 593 -36.41 3.28 32.07
C ILE C 593 -36.06 4.56 31.33
N LEU C 594 -37.04 5.24 30.74
CA LEU C 594 -36.76 6.48 30.02
C LEU C 594 -36.33 7.59 30.97
N ASP C 595 -36.79 7.56 32.22
CA ASP C 595 -36.31 8.50 33.21
C ASP C 595 -34.80 8.34 33.41
N ALA C 596 -34.31 7.09 33.38
CA ALA C 596 -32.88 6.86 33.40
C ALA C 596 -32.22 7.20 32.08
N SER C 597 -32.95 7.05 30.97
CA SER C 597 -32.40 7.39 29.66
C SER C 597 -32.16 8.88 29.51
N LEU C 598 -32.93 9.70 30.22
CA LEU C 598 -32.65 11.14 30.24
C LEU C 598 -31.25 11.40 30.78
N GLU C 599 -30.92 10.82 31.94
CA GLU C 599 -29.56 10.96 32.47
C GLU C 599 -28.53 10.25 31.60
N LEU C 600 -28.96 9.19 30.89
CA LEU C 600 -28.07 8.55 29.92
C LEU C 600 -27.65 9.52 28.82
N PHE C 601 -28.61 10.25 28.25
CA PHE C 601 -28.25 11.28 27.28
C PHE C 601 -27.41 12.37 27.92
N LYS C 602 -27.76 12.74 29.16
CA LYS C 602 -26.99 13.74 29.90
C LYS C 602 -25.52 13.35 30.01
N PHE C 603 -25.24 12.08 30.28
CA PHE C 603 -23.87 11.60 30.36
C PHE C 603 -23.23 11.40 28.99
N THR C 604 -24.03 11.08 27.96
CA THR C 604 -23.47 11.03 26.62
C THR C 604 -22.92 12.39 26.21
N ILE C 605 -23.66 13.46 26.51
CA ILE C 605 -23.07 14.79 26.42
C ILE C 605 -22.05 14.99 27.53
N GLY C 606 -22.39 14.56 28.75
CA GLY C 606 -21.45 14.60 29.85
C GLY C 606 -21.21 15.95 30.46
N MET C 607 -22.21 16.84 30.43
CA MET C 607 -22.04 18.21 30.92
C MET C 607 -23.24 18.58 31.79
N GLY C 608 -22.98 19.29 32.88
CA GLY C 608 -24.00 20.02 33.59
C GLY C 608 -24.52 19.36 34.86
N GLU C 609 -24.79 18.06 34.82
CA GLU C 609 -25.36 17.35 35.96
C GLU C 609 -24.32 16.57 36.74
N LEU C 610 -23.12 17.12 36.89
CA LEU C 610 -21.99 16.39 37.43
C LEU C 610 -21.49 16.97 38.75
N ALA C 611 -22.32 17.72 39.46
CA ALA C 611 -21.87 18.40 40.68
C ALA C 611 -21.96 17.48 41.89
N PHE C 612 -21.80 18.08 43.07
CA PHE C 612 -21.86 17.35 44.33
C PHE C 612 -23.23 16.74 44.55
N GLN C 613 -23.30 15.41 44.59
CA GLN C 613 -24.58 14.74 44.83
C GLN C 613 -24.72 14.39 46.31
N GLU C 614 -25.86 14.75 46.88
CA GLU C 614 -26.07 14.59 48.33
C GLU C 614 -26.21 13.11 48.69
N GLN C 615 -25.52 12.72 49.76
CA GLN C 615 -25.46 11.36 50.31
C GLN C 615 -25.23 10.29 49.23
N LEU C 616 -24.07 10.34 48.59
CA LEU C 616 -23.59 9.26 47.74
C LEU C 616 -22.22 8.80 48.21
N ARG C 617 -21.94 7.52 48.01
CA ARG C 617 -20.66 6.90 48.38
C ARG C 617 -19.66 7.21 47.27
N PHE C 618 -18.75 8.14 47.55
CA PHE C 618 -17.99 8.82 46.50
C PHE C 618 -16.73 8.08 46.08
N ARG C 619 -16.58 6.82 46.47
CA ARG C 619 -15.37 6.07 46.14
C ARG C 619 -15.54 5.14 44.95
N GLY C 620 -16.75 4.77 44.57
CA GLY C 620 -16.95 3.89 43.44
C GLY C 620 -18.18 4.21 42.61
N VAL C 621 -18.73 5.41 42.78
CA VAL C 621 -19.91 5.80 42.02
C VAL C 621 -19.47 6.84 41.00
N VAL C 622 -18.23 7.28 41.09
CA VAL C 622 -17.69 8.28 40.18
C VAL C 622 -16.38 7.87 39.53
N LEU C 623 -15.71 6.81 40.00
CA LEU C 623 -14.45 6.36 39.40
C LEU C 623 -14.71 5.28 38.37
N LEU C 624 -15.85 5.39 37.68
CA LEU C 624 -16.16 4.45 36.62
C LEU C 624 -16.73 5.14 35.39
N LEU C 625 -17.17 6.40 35.52
CA LEU C 625 -17.81 7.07 34.40
C LEU C 625 -16.78 7.58 33.41
N LEU C 626 -15.93 8.51 33.84
CA LEU C 626 -14.87 9.00 32.96
C LEU C 626 -13.75 7.97 32.85
N LEU C 627 -13.66 7.06 33.82
CA LEU C 627 -12.59 6.08 33.83
C LEU C 627 -12.84 4.94 32.85
N ALA C 628 -14.10 4.64 32.56
CA ALA C 628 -14.40 3.50 31.69
C ALA C 628 -15.35 3.84 30.55
N TYR C 629 -16.35 4.67 30.79
CA TYR C 629 -17.40 4.88 29.79
C TYR C 629 -16.85 5.59 28.55
N VAL C 630 -16.15 6.72 28.75
CA VAL C 630 -15.58 7.41 27.61
C VAL C 630 -14.51 6.55 26.95
N LEU C 631 -13.78 5.77 27.75
CA LEU C 631 -12.79 4.86 27.18
C LEU C 631 -13.45 3.92 26.19
N LEU C 632 -14.54 3.26 26.61
CA LEU C 632 -15.23 2.32 25.74
C LEU C 632 -15.79 3.01 24.50
N THR C 633 -16.40 4.19 24.69
CA THR C 633 -17.01 4.87 23.55
C THR C 633 -15.98 5.26 22.50
N TYR C 634 -14.89 5.90 22.92
CA TYR C 634 -13.84 6.27 21.97
C TYR C 634 -13.17 5.03 21.38
N VAL C 635 -13.04 3.95 22.16
CA VAL C 635 -12.46 2.73 21.60
C VAL C 635 -13.31 2.19 20.48
N LEU C 636 -14.64 2.15 20.68
CA LEU C 636 -15.53 1.67 19.63
C LEU C 636 -15.50 2.61 18.42
N LEU C 637 -15.47 3.91 18.65
CA LEU C 637 -15.43 4.86 17.55
C LEU C 637 -14.16 4.68 16.72
N LEU C 638 -13.02 4.51 17.39
CA LEU C 638 -11.77 4.35 16.66
C LEU C 638 -11.71 3.00 15.96
N ASN C 639 -12.34 1.97 16.55
CA ASN C 639 -12.43 0.69 15.88
C ASN C 639 -13.22 0.80 14.58
N MET C 640 -14.33 1.53 14.61
CA MET C 640 -15.09 1.76 13.39
C MET C 640 -14.29 2.57 12.38
N LEU C 641 -13.52 3.56 12.86
CA LEU C 641 -12.65 4.31 11.97
C LEU C 641 -11.62 3.41 11.32
N ILE C 642 -11.06 2.47 12.08
CA ILE C 642 -10.08 1.52 11.54
C ILE C 642 -10.74 0.62 10.50
N ALA C 643 -11.97 0.19 10.76
CA ALA C 643 -12.69 -0.63 9.79
C ALA C 643 -12.91 0.14 8.49
N LEU C 644 -13.35 1.39 8.61
CA LEU C 644 -13.53 2.21 7.42
C LEU C 644 -12.22 2.41 6.69
N MET C 645 -11.13 2.56 7.44
CA MET C 645 -9.79 2.74 6.90
C MET C 645 -9.39 1.50 6.09
N SER C 646 -9.75 0.32 6.62
CA SER C 646 -9.45 -0.96 6.01
C SER C 646 -10.21 -1.15 4.70
N GLU C 647 -11.51 -0.88 4.69
CA GLU C 647 -12.27 -0.91 3.44
C GLU C 647 -12.11 0.37 2.63
N THR C 648 -11.21 1.26 3.04
CA THR C 648 -10.85 2.45 2.27
C THR C 648 -9.57 2.27 1.48
N VAL C 649 -8.46 1.90 2.12
CA VAL C 649 -7.22 1.70 1.39
C VAL C 649 -7.32 0.50 0.47
N ASN C 650 -8.02 -0.54 0.89
CA ASN C 650 -8.20 -1.73 0.07
C ASN C 650 -9.67 -1.86 -0.34
N HIS C 651 -9.96 -2.75 -1.28
CA HIS C 651 -11.31 -2.95 -1.80
C HIS C 651 -11.87 -1.66 -2.39
N VAL C 652 -10.98 -0.84 -2.97
CA VAL C 652 -11.39 0.41 -3.58
C VAL C 652 -11.02 0.42 -5.05
N ALA C 653 -9.77 0.07 -5.38
CA ALA C 653 -9.27 -0.01 -6.75
C ALA C 653 -9.82 1.11 -7.63
N ASP C 654 -10.63 0.74 -8.62
CA ASP C 654 -11.38 1.69 -9.42
C ASP C 654 -12.81 1.22 -9.65
N ASN C 655 -13.32 0.35 -8.77
CA ASN C 655 -14.66 -0.21 -8.94
C ASN C 655 -15.76 0.80 -8.64
N SER C 656 -15.43 1.93 -8.03
CA SER C 656 -16.45 2.95 -7.77
C SER C 656 -17.04 3.48 -9.06
N TRP C 657 -16.21 3.63 -10.10
CA TRP C 657 -16.70 4.03 -11.41
C TRP C 657 -17.70 3.01 -11.95
N SER C 658 -17.37 1.72 -11.81
CA SER C 658 -18.27 0.66 -12.27
C SER C 658 -19.57 0.67 -11.50
N ILE C 659 -19.51 0.88 -10.18
CA ILE C 659 -20.73 0.89 -9.38
C ILE C 659 -21.59 2.10 -9.73
N TRP C 660 -20.95 3.24 -10.01
CA TRP C 660 -21.69 4.40 -10.48
C TRP C 660 -22.39 4.13 -11.80
N LYS C 661 -21.69 3.46 -12.73
CA LYS C 661 -22.33 3.06 -13.97
C LYS C 661 -23.50 2.10 -13.72
N LEU C 662 -23.35 1.21 -12.75
CA LEU C 662 -24.43 0.28 -12.43
C LEU C 662 -25.66 1.03 -11.89
N GLN C 663 -25.43 2.01 -11.01
CA GLN C 663 -26.54 2.82 -10.51
C GLN C 663 -27.20 3.59 -11.65
N LYS C 664 -26.39 4.16 -12.54
CA LYS C 664 -26.96 4.87 -13.69
C LYS C 664 -27.78 3.93 -14.56
N ALA C 665 -27.31 2.69 -14.74
CA ALA C 665 -28.04 1.72 -15.54
C ALA C 665 -29.37 1.36 -14.90
N ILE C 666 -29.37 1.16 -13.58
CA ILE C 666 -30.62 0.85 -12.89
C ILE C 666 -31.60 2.01 -13.04
N SER C 667 -31.12 3.24 -12.85
CA SER C 667 -31.98 4.40 -13.01
C SER C 667 -32.50 4.51 -14.44
N VAL C 668 -31.64 4.24 -15.43
CA VAL C 668 -32.04 4.35 -16.83
C VAL C 668 -33.15 3.35 -17.14
N LEU C 669 -32.98 2.11 -16.70
CA LEU C 669 -34.02 1.11 -16.90
C LEU C 669 -35.32 1.52 -16.23
N GLU C 670 -35.22 2.04 -15.00
CA GLU C 670 -36.43 2.41 -14.26
C GLU C 670 -37.19 3.54 -14.96
N MET C 671 -36.48 4.59 -15.38
CA MET C 671 -37.17 5.69 -16.08
C MET C 671 -37.67 5.25 -17.45
N GLU C 672 -36.91 4.41 -18.15
CA GLU C 672 -37.37 3.93 -19.45
C GLU C 672 -38.62 3.07 -19.31
N ASN C 673 -38.82 2.45 -18.14
CA ASN C 673 -40.04 1.69 -17.91
C ASN C 673 -41.28 2.59 -18.01
N GLY C 674 -41.20 3.78 -17.43
CA GLY C 674 -42.27 4.75 -17.52
C GLY C 674 -42.94 5.00 -16.18
N TYR C 675 -43.83 5.99 -16.18
CA TYR C 675 -44.59 6.33 -14.99
C TYR C 675 -45.69 5.31 -14.74
N TRP C 676 -46.31 5.40 -13.57
CA TRP C 676 -47.37 4.46 -13.23
C TRP C 676 -48.72 4.88 -13.81
N TRP C 677 -48.97 6.19 -13.87
CA TRP C 677 -50.27 6.65 -14.36
C TRP C 677 -50.36 6.57 -15.88
N CYS C 678 -49.23 6.72 -16.57
CA CYS C 678 -49.18 6.59 -18.02
C CYS C 678 -48.11 5.58 -18.42
N ARG C 679 -48.40 4.80 -19.45
CA ARG C 679 -47.46 3.81 -19.97
C ARG C 679 -46.76 4.37 -21.20
N ARG C 680 -45.44 4.38 -21.18
CA ARG C 680 -44.67 4.94 -22.28
C ARG C 680 -44.43 3.88 -23.37
N LYS C 681 -43.89 4.34 -24.48
CA LYS C 681 -43.55 3.47 -25.60
C LYS C 681 -42.05 3.16 -25.56
N LYS C 682 -41.59 2.29 -26.45
CA LYS C 682 -40.21 1.84 -26.47
C LYS C 682 -39.50 2.43 -27.68
N HIS C 683 -38.16 2.39 -27.63
CA HIS C 683 -37.31 2.98 -28.67
C HIS C 683 -36.16 2.02 -28.92
N ARG C 684 -36.25 1.26 -30.01
CA ARG C 684 -35.21 0.29 -30.35
C ARG C 684 -34.01 1.00 -30.97
N GLU C 685 -32.82 0.53 -30.62
CA GLU C 685 -31.59 1.07 -31.21
C GLU C 685 -31.13 0.20 -32.36
N GLY C 686 -30.67 0.83 -33.43
CA GLY C 686 -30.20 0.12 -34.60
C GLY C 686 -31.31 -0.20 -35.57
N ARG C 687 -30.92 -0.61 -36.77
CA ARG C 687 -31.85 -0.96 -37.83
C ARG C 687 -31.52 -2.33 -38.39
N LEU C 688 -32.35 -2.81 -39.31
CA LEU C 688 -32.21 -4.15 -39.85
C LEU C 688 -31.05 -4.22 -40.84
N LEU C 689 -29.83 -4.06 -40.34
CA LEU C 689 -28.63 -4.10 -41.16
C LEU C 689 -28.31 -5.55 -41.51
N LYS C 690 -28.76 -6.01 -42.66
CA LYS C 690 -28.53 -7.38 -43.08
C LYS C 690 -27.10 -7.52 -43.61
N VAL C 691 -26.32 -8.40 -42.99
CA VAL C 691 -24.93 -8.61 -43.40
C VAL C 691 -24.73 -10.08 -43.76
N GLY C 692 -25.79 -10.73 -44.23
CA GLY C 692 -25.69 -12.13 -44.60
C GLY C 692 -27.06 -12.67 -44.98
N THR C 693 -27.07 -13.97 -45.24
CA THR C 693 -28.29 -14.66 -45.65
C THR C 693 -29.30 -14.69 -44.50
N ARG C 702 -31.56 -9.13 -39.13
CA ARG C 702 -30.59 -9.13 -38.04
C ARG C 702 -30.37 -7.72 -37.51
N TRP C 703 -31.00 -7.42 -36.37
CA TRP C 703 -30.82 -6.14 -35.70
C TRP C 703 -29.36 -5.97 -35.28
N CYS C 704 -28.76 -4.84 -35.66
CA CYS C 704 -27.38 -4.55 -35.34
C CYS C 704 -27.25 -3.08 -35.00
N PHE C 705 -26.25 -2.75 -34.19
CA PHE C 705 -26.04 -1.38 -33.76
C PHE C 705 -24.56 -1.08 -33.85
N ARG C 706 -24.21 0.06 -34.44
CA ARG C 706 -22.84 0.37 -34.81
C ARG C 706 -22.12 1.12 -33.69
N VAL C 707 -20.80 0.96 -33.65
CA VAL C 707 -19.96 1.62 -32.66
C VAL C 707 -18.62 1.94 -33.31
N GLU C 708 -18.00 3.04 -32.86
CA GLU C 708 -16.68 3.43 -33.30
C GLU C 708 -15.66 3.02 -32.24
N GLU C 709 -14.57 2.40 -32.69
CA GLU C 709 -13.50 1.94 -31.80
C GLU C 709 -12.21 2.66 -32.15
N VAL C 710 -11.54 3.17 -31.12
CA VAL C 710 -10.23 3.81 -31.30
C VAL C 710 -9.24 3.15 -30.35
N ASN C 711 -8.10 2.71 -30.91
CA ASN C 711 -7.04 2.10 -30.11
C ASN C 711 -5.75 2.23 -30.89
N TRP C 712 -4.89 3.17 -30.48
CA TRP C 712 -3.58 3.29 -31.11
C TRP C 712 -2.71 2.09 -30.78
N ALA C 713 -2.79 1.58 -29.55
CA ALA C 713 -1.96 0.47 -29.12
C ALA C 713 -2.39 -0.87 -29.70
N ALA C 714 -3.60 -0.95 -30.28
CA ALA C 714 -4.05 -2.20 -30.87
C ALA C 714 -3.19 -2.61 -32.06
N TRP C 715 -2.84 -1.64 -32.91
CA TRP C 715 -2.06 -1.89 -34.11
C TRP C 715 -0.71 -1.17 -34.00
N GLU C 716 0.36 -1.87 -34.34
CA GLU C 716 1.70 -1.30 -34.28
C GLU C 716 2.57 -1.82 -35.41
N PHE D 75 69.47 -42.86 22.77
CA PHE D 75 68.97 -43.00 21.40
C PHE D 75 67.53 -42.49 21.29
N ASP D 76 66.58 -43.38 21.59
CA ASP D 76 65.16 -43.04 21.52
C ASP D 76 64.70 -42.59 22.91
N ARG D 77 65.10 -41.36 23.27
CA ARG D 77 64.70 -40.79 24.54
C ARG D 77 63.20 -40.55 24.57
N ASP D 78 62.58 -40.90 25.71
CA ASP D 78 61.14 -40.77 25.87
C ASP D 78 60.67 -39.32 25.88
N ARG D 79 61.58 -38.36 26.07
CA ARG D 79 61.17 -36.96 26.13
C ARG D 79 60.64 -36.47 24.79
N LEU D 80 61.02 -37.12 23.70
CA LEU D 80 60.63 -36.73 22.35
C LEU D 80 59.33 -37.42 21.96
N PHE D 81 58.23 -36.66 21.95
CA PHE D 81 56.95 -37.18 21.46
C PHE D 81 56.51 -36.42 20.22
N SER D 82 56.69 -35.10 20.23
CA SER D 82 56.15 -34.23 19.18
C SER D 82 57.10 -34.03 18.01
N VAL D 83 58.26 -34.69 18.01
CA VAL D 83 59.22 -34.55 16.93
C VAL D 83 59.42 -35.84 16.13
N VAL D 84 59.21 -37.00 16.75
CA VAL D 84 59.50 -38.26 16.07
C VAL D 84 58.61 -38.44 14.84
N SER D 85 57.29 -38.27 15.02
CA SER D 85 56.36 -38.49 13.92
C SER D 85 55.22 -37.49 13.86
N ARG D 86 55.18 -36.49 14.73
CA ARG D 86 54.08 -35.52 14.71
C ARG D 86 54.33 -34.35 13.76
N GLY D 87 55.52 -34.25 13.18
CA GLY D 87 55.82 -33.16 12.27
C GLY D 87 55.81 -33.57 10.81
N VAL D 88 56.37 -34.74 10.51
CA VAL D 88 56.48 -35.25 9.14
C VAL D 88 55.71 -36.57 9.09
N PRO D 89 54.81 -36.76 8.12
CA PRO D 89 54.10 -38.03 8.04
C PRO D 89 54.99 -39.16 7.55
N GLU D 90 55.39 -40.03 8.47
CA GLU D 90 56.24 -41.17 8.14
C GLU D 90 56.14 -42.18 9.26
N GLU D 91 56.56 -43.41 8.97
CA GLU D 91 56.50 -44.52 9.91
C GLU D 91 57.91 -45.00 10.20
N LEU D 92 58.21 -45.20 11.49
CA LEU D 92 59.52 -45.66 11.91
C LEU D 92 59.38 -46.55 13.13
N THR D 93 60.33 -47.47 13.29
CA THR D 93 60.36 -48.35 14.45
C THR D 93 61.26 -47.74 15.52
N GLY D 94 61.57 -48.52 16.55
CA GLY D 94 62.46 -48.06 17.60
C GLY D 94 61.82 -47.14 18.62
N LEU D 95 60.51 -47.15 18.75
CA LEU D 95 59.80 -46.31 19.71
C LEU D 95 59.21 -47.18 20.81
N LEU D 96 58.63 -46.50 21.81
CA LEU D 96 57.96 -47.16 22.93
C LEU D 96 58.89 -48.08 23.70
N GLU D 97 58.88 -49.37 23.35
CA GLU D 97 59.63 -50.39 24.07
C GLU D 97 61.05 -50.56 23.57
N TYR D 98 61.64 -49.52 22.97
CA TYR D 98 63.02 -49.61 22.50
C TYR D 98 63.98 -49.84 23.65
N LEU D 99 63.80 -49.11 24.76
CA LEU D 99 64.64 -49.25 25.93
C LEU D 99 63.78 -49.16 27.18
N ARG D 100 64.22 -49.85 28.23
CA ARG D 100 63.50 -49.90 29.51
C ARG D 100 62.06 -50.36 29.30
N TRP D 101 61.92 -51.53 28.68
CA TRP D 101 60.59 -52.07 28.40
C TRP D 101 59.84 -52.42 29.66
N ASN D 102 60.55 -52.82 30.72
CA ASN D 102 59.88 -53.18 31.97
C ASN D 102 59.17 -51.97 32.58
N SER D 103 59.84 -50.81 32.58
CA SER D 103 59.20 -49.60 33.12
C SER D 103 58.01 -49.19 32.27
N LYS D 104 58.13 -49.32 30.94
CA LYS D 104 57.02 -48.98 30.07
C LYS D 104 55.82 -49.88 30.32
N TYR D 105 56.06 -51.19 30.49
CA TYR D 105 54.98 -52.11 30.79
C TYR D 105 54.38 -51.81 32.16
N LEU D 106 55.21 -51.40 33.12
CA LEU D 106 54.71 -51.14 34.46
C LEU D 106 53.84 -49.88 34.51
N THR D 107 54.30 -48.79 33.92
CA THR D 107 53.62 -47.51 34.07
C THR D 107 53.36 -46.75 32.77
N ASP D 108 54.09 -47.01 31.70
CA ASP D 108 53.96 -46.25 30.46
C ASP D 108 53.26 -47.06 29.38
N SER D 109 52.28 -47.87 29.78
CA SER D 109 51.53 -48.71 28.85
C SER D 109 50.51 -47.84 28.13
N ALA D 110 50.97 -47.14 27.10
CA ALA D 110 50.13 -46.26 26.28
C ALA D 110 49.48 -45.16 27.11
N TYR D 111 50.13 -44.78 28.22
CA TYR D 111 49.62 -43.74 29.10
C TYR D 111 50.40 -42.44 29.04
N THR D 112 51.72 -42.53 28.86
CA THR D 112 52.57 -41.33 28.78
C THR D 112 52.70 -40.79 27.37
N GLU D 113 52.06 -41.43 26.38
CA GLU D 113 52.14 -40.95 25.01
C GLU D 113 51.51 -39.56 24.90
N GLY D 114 52.22 -38.66 24.23
CA GLY D 114 51.76 -37.29 24.12
C GLY D 114 51.72 -36.55 25.45
N SER D 115 52.64 -36.86 26.36
CA SER D 115 52.71 -36.24 27.67
C SER D 115 51.40 -36.40 28.43
N THR D 116 50.91 -37.64 28.48
CA THR D 116 49.65 -37.99 29.16
C THR D 116 48.49 -37.14 28.62
N GLY D 117 48.19 -37.35 27.34
CA GLY D 117 47.17 -36.62 26.65
C GLY D 117 47.63 -36.32 25.23
N LYS D 118 46.98 -35.33 24.62
CA LYS D 118 47.29 -34.89 23.26
C LYS D 118 47.28 -36.08 22.29
N THR D 119 46.09 -36.65 22.12
CA THR D 119 45.93 -37.83 21.28
C THR D 119 46.44 -37.57 19.86
N CYS D 120 47.31 -38.45 19.38
CA CYS D 120 47.93 -38.24 18.09
C CYS D 120 46.97 -38.57 16.95
N LEU D 121 46.10 -39.56 17.14
CA LEU D 121 45.15 -39.91 16.09
C LEU D 121 44.18 -38.77 15.81
N MET D 122 43.72 -38.08 16.87
CA MET D 122 42.77 -36.98 16.68
C MET D 122 43.39 -35.85 15.87
N LYS D 123 44.64 -35.51 16.14
CA LYS D 123 45.32 -34.43 15.45
C LYS D 123 46.00 -34.88 14.16
N ALA D 124 45.97 -36.17 13.85
CA ALA D 124 46.56 -36.69 12.63
C ALA D 124 45.54 -36.89 11.51
N VAL D 125 44.27 -36.55 11.74
CA VAL D 125 43.24 -36.72 10.73
C VAL D 125 42.90 -35.41 10.03
N LEU D 126 43.14 -34.27 10.67
CA LEU D 126 42.78 -32.97 10.09
C LEU D 126 43.51 -32.70 8.78
N ASN D 127 44.62 -33.38 8.52
CA ASN D 127 45.33 -33.21 7.26
C ASN D 127 44.51 -33.79 6.11
N LEU D 128 45.01 -33.59 4.90
CA LEU D 128 44.29 -33.98 3.68
C LEU D 128 45.04 -35.10 2.97
N GLN D 129 44.46 -35.53 1.84
CA GLN D 129 45.02 -36.52 0.93
C GLN D 129 44.99 -37.93 1.51
N ASP D 130 44.60 -38.04 2.78
CA ASP D 130 44.47 -39.34 3.46
C ASP D 130 45.76 -40.15 3.36
N GLY D 131 46.89 -39.46 3.34
CA GLY D 131 48.18 -40.08 3.18
C GLY D 131 48.87 -40.54 4.44
N VAL D 132 48.22 -40.40 5.59
CA VAL D 132 48.80 -40.80 6.87
C VAL D 132 48.08 -41.99 7.48
N ASN D 133 46.75 -42.05 7.35
CA ASN D 133 45.99 -43.11 7.99
C ASN D 133 46.32 -44.48 7.40
N ALA D 134 46.72 -44.53 6.13
CA ALA D 134 47.09 -45.80 5.52
C ALA D 134 48.34 -46.41 6.13
N CYS D 135 49.13 -45.63 6.85
CA CYS D 135 50.39 -46.10 7.42
C CYS D 135 50.44 -45.95 8.93
N ILE D 136 49.31 -46.06 9.63
CA ILE D 136 49.29 -45.93 11.09
C ILE D 136 49.27 -47.31 11.73
N MET D 137 49.61 -48.35 10.96
CA MET D 137 49.63 -49.69 11.54
C MET D 137 50.58 -49.86 12.73
N PRO D 138 51.79 -49.29 12.75
CA PRO D 138 52.60 -49.45 13.97
C PRO D 138 51.94 -48.85 15.20
N LEU D 139 51.16 -47.78 15.02
CA LEU D 139 50.39 -47.23 16.14
C LEU D 139 49.27 -48.17 16.56
N LEU D 140 48.73 -48.93 15.61
CA LEU D 140 47.59 -49.79 15.92
C LEU D 140 48.01 -51.02 16.71
N GLN D 141 48.87 -51.86 16.15
CA GLN D 141 49.33 -53.04 16.86
C GLN D 141 50.44 -52.68 17.85
N ILE D 142 50.89 -53.70 18.58
CA ILE D 142 51.90 -53.58 19.65
C ILE D 142 51.34 -52.73 20.78
N ASP D 143 50.91 -51.51 20.47
CA ASP D 143 50.28 -50.66 21.48
C ASP D 143 48.98 -51.28 21.97
N LYS D 144 48.19 -51.84 21.05
CA LYS D 144 46.92 -52.45 21.41
C LYS D 144 47.12 -53.84 22.00
N ASP D 145 46.12 -54.29 22.76
CA ASP D 145 46.07 -55.60 23.38
C ASP D 145 47.24 -55.85 24.32
N SER D 146 47.92 -54.80 24.78
CA SER D 146 49.06 -54.93 25.68
C SER D 146 48.90 -53.94 26.82
N GLY D 147 48.21 -54.37 27.87
CA GLY D 147 48.07 -53.57 29.07
C GLY D 147 47.35 -52.26 28.90
N ASN D 148 46.28 -52.22 28.10
CA ASN D 148 45.49 -51.01 27.90
C ASN D 148 44.00 -51.34 28.07
N PRO D 149 43.55 -51.54 29.31
CA PRO D 149 42.11 -51.74 29.53
C PRO D 149 41.27 -50.52 29.15
N LYS D 150 41.88 -49.34 29.14
CA LYS D 150 41.24 -48.09 28.74
C LYS D 150 40.92 -48.14 27.24
N PRO D 151 40.23 -47.14 26.69
CA PRO D 151 40.01 -47.12 25.24
C PRO D 151 41.33 -47.23 24.48
N LEU D 152 41.30 -48.04 23.42
CA LEU D 152 42.52 -48.45 22.72
C LEU D 152 43.25 -47.26 22.14
N VAL D 153 42.65 -46.58 21.17
CA VAL D 153 43.15 -45.32 20.65
C VAL D 153 42.00 -44.33 20.59
N ASN D 154 40.79 -44.82 20.88
CA ASN D 154 39.59 -44.02 20.69
C ASN D 154 39.58 -42.81 21.62
N ALA D 155 39.83 -43.02 22.91
CA ALA D 155 39.79 -41.97 23.92
C ALA D 155 38.45 -41.23 23.91
N GLN D 156 38.37 -40.10 24.61
CA GLN D 156 37.15 -39.30 24.59
C GLN D 156 37.39 -37.81 24.47
N CYS D 157 38.60 -37.30 24.70
CA CYS D 157 38.91 -35.87 24.64
C CYS D 157 37.96 -35.08 25.55
N ILE D 158 38.06 -35.36 26.85
CA ILE D 158 37.18 -34.80 27.85
C ILE D 158 37.74 -33.45 28.28
N ASP D 159 37.11 -32.38 27.82
CA ASP D 159 37.48 -31.02 28.19
C ASP D 159 36.30 -30.11 27.87
N GLU D 160 36.50 -28.80 28.03
CA GLU D 160 35.45 -27.84 27.69
C GLU D 160 35.48 -27.50 26.19
N PHE D 161 36.61 -27.00 25.71
CA PHE D 161 36.77 -26.78 24.27
C PHE D 161 36.91 -28.12 23.55
N TYR D 162 36.17 -28.27 22.46
CA TYR D 162 36.08 -29.54 21.74
C TYR D 162 35.64 -30.66 22.68
N GLN D 163 34.60 -30.38 23.45
CA GLN D 163 34.09 -31.32 24.44
C GLN D 163 33.70 -32.64 23.79
N GLY D 164 34.14 -33.74 24.40
CA GLY D 164 33.85 -35.05 23.85
C GLY D 164 34.55 -35.26 22.52
N HIS D 165 33.78 -35.73 21.53
CA HIS D 165 34.29 -36.09 20.21
C HIS D 165 35.27 -37.25 20.29
N SER D 166 35.61 -37.81 19.14
CA SER D 166 36.52 -38.96 19.06
C SER D 166 36.99 -39.07 17.62
N ALA D 167 37.72 -40.15 17.31
CA ALA D 167 38.23 -40.34 15.97
C ALA D 167 37.12 -40.55 14.95
N LEU D 168 36.07 -41.29 15.32
CA LEU D 168 34.97 -41.55 14.39
C LEU D 168 34.27 -40.25 13.99
N HIS D 169 33.98 -39.39 14.97
CA HIS D 169 33.30 -38.13 14.66
C HIS D 169 34.18 -37.24 13.79
N ILE D 170 35.48 -37.20 14.07
CA ILE D 170 36.40 -36.40 13.25
C ILE D 170 36.43 -36.93 11.83
N ALA D 171 36.46 -38.26 11.66
CA ALA D 171 36.46 -38.84 10.33
C ALA D 171 35.18 -38.51 9.58
N ILE D 172 34.04 -38.58 10.27
CA ILE D 172 32.76 -38.26 9.63
C ILE D 172 32.69 -36.77 9.29
N GLU D 173 33.39 -35.93 10.06
CA GLU D 173 33.37 -34.49 9.81
C GLU D 173 33.81 -34.16 8.40
N LYS D 174 34.88 -34.80 7.93
CA LYS D 174 35.37 -34.56 6.58
C LYS D 174 34.74 -35.53 5.59
N ARG D 175 34.69 -35.10 4.33
CA ARG D 175 34.08 -35.89 3.26
C ARG D 175 35.02 -37.04 2.87
N SER D 176 35.22 -37.95 3.83
CA SER D 176 36.13 -39.07 3.66
C SER D 176 35.46 -40.34 4.12
N LEU D 177 35.60 -41.41 3.32
CA LEU D 177 35.02 -42.70 3.63
C LEU D 177 36.05 -43.78 3.94
N GLN D 178 37.21 -43.74 3.30
CA GLN D 178 38.23 -44.78 3.52
C GLN D 178 38.71 -44.77 4.97
N CYS D 179 38.94 -43.58 5.53
CA CYS D 179 39.34 -43.49 6.93
C CYS D 179 38.26 -44.05 7.83
N VAL D 180 36.99 -43.79 7.52
CA VAL D 180 35.89 -44.34 8.30
C VAL D 180 35.92 -45.86 8.24
N LYS D 181 36.14 -46.43 7.05
CA LYS D 181 36.24 -47.87 6.92
C LYS D 181 37.35 -48.43 7.79
N LEU D 182 38.54 -47.83 7.70
CA LEU D 182 39.68 -48.32 8.47
C LEU D 182 39.42 -48.23 9.96
N LEU D 183 38.82 -47.12 10.40
CA LEU D 183 38.52 -46.95 11.82
C LEU D 183 37.51 -47.97 12.31
N VAL D 184 36.46 -48.25 11.53
CA VAL D 184 35.43 -49.15 12.02
C VAL D 184 35.84 -50.60 11.85
N GLU D 185 36.84 -50.89 11.03
CA GLU D 185 37.26 -52.27 10.85
C GLU D 185 37.76 -52.88 12.15
N ASN D 186 38.60 -52.16 12.88
CA ASN D 186 39.20 -52.66 14.11
C ASN D 186 39.23 -51.57 15.17
N GLY D 187 38.13 -50.84 15.32
CA GLY D 187 38.13 -49.70 16.22
C GLY D 187 36.96 -49.60 17.17
N ALA D 188 36.53 -48.37 17.45
CA ALA D 188 35.56 -48.11 18.49
C ALA D 188 34.17 -48.57 18.09
N ASP D 189 33.30 -48.68 19.08
CA ASP D 189 31.90 -48.96 18.84
C ASP D 189 31.22 -47.73 18.23
N VAL D 190 30.09 -47.98 17.56
CA VAL D 190 29.34 -46.90 16.94
C VAL D 190 28.46 -46.16 17.95
N HIS D 191 28.06 -46.82 19.04
CA HIS D 191 27.19 -46.21 20.04
C HIS D 191 28.04 -45.51 21.09
N LEU D 192 28.67 -44.41 20.67
CA LEU D 192 29.52 -43.59 21.52
C LEU D 192 29.07 -42.15 21.40
N ARG D 193 28.57 -41.60 22.50
CA ARG D 193 28.03 -40.24 22.49
C ARG D 193 29.14 -39.23 22.22
N ALA D 194 28.79 -38.19 21.46
CA ALA D 194 29.78 -37.19 21.08
C ALA D 194 30.04 -36.21 22.22
N CYS D 195 29.02 -35.44 22.61
CA CYS D 195 29.18 -34.54 23.75
C CYS D 195 29.35 -35.33 25.04
N GLY D 196 28.57 -36.38 25.23
CA GLY D 196 28.69 -37.20 26.42
C GLY D 196 28.41 -36.42 27.68
N ARG D 197 29.13 -36.76 28.74
CA ARG D 197 29.07 -36.05 30.02
C ARG D 197 27.66 -36.08 30.60
N PHE D 198 27.41 -35.29 31.66
CA PHE D 198 26.09 -35.17 32.24
C PHE D 198 25.54 -33.75 32.17
N PHE D 199 26.34 -32.78 31.74
CA PHE D 199 25.91 -31.39 31.62
C PHE D 199 25.63 -31.09 30.16
N GLN D 200 24.35 -30.92 29.82
CA GLN D 200 23.97 -30.61 28.45
C GLN D 200 24.31 -29.18 28.07
N LYS D 201 24.51 -28.30 29.05
CA LYS D 201 24.83 -26.90 28.77
C LYS D 201 26.31 -26.69 28.46
N HIS D 202 27.13 -27.73 28.55
CA HIS D 202 28.57 -27.64 28.26
C HIS D 202 28.84 -28.53 27.05
N GLN D 203 29.08 -27.90 25.90
CA GLN D 203 29.39 -28.61 24.66
C GLN D 203 30.52 -27.90 23.93
N GLY D 204 31.24 -28.67 23.11
CA GLY D 204 32.39 -28.13 22.41
C GLY D 204 32.04 -27.23 21.24
N THR D 205 30.84 -27.38 20.69
CA THR D 205 30.40 -26.55 19.57
C THR D 205 28.89 -26.36 19.68
N CYS D 206 28.42 -25.18 19.28
CA CYS D 206 27.01 -24.84 19.40
C CYS D 206 26.13 -25.52 18.36
N PHE D 207 26.62 -26.51 17.62
CA PHE D 207 25.80 -27.23 16.65
C PHE D 207 25.33 -28.53 17.29
N TYR D 208 24.01 -28.71 17.36
CA TYR D 208 23.42 -29.93 17.91
C TYR D 208 23.02 -30.84 16.76
N PHE D 209 23.58 -32.06 16.74
CA PHE D 209 23.31 -33.01 15.68
C PHE D 209 22.75 -34.34 16.15
N GLY D 210 22.80 -34.63 17.44
CA GLY D 210 22.26 -35.88 17.94
C GLY D 210 23.22 -36.62 18.84
N GLU D 211 24.48 -36.17 18.87
CA GLU D 211 25.51 -36.74 19.74
C GLU D 211 25.72 -38.23 19.47
N LEU D 212 25.73 -38.60 18.18
CA LEU D 212 25.98 -39.98 17.79
C LEU D 212 26.58 -39.98 16.39
N PRO D 213 27.48 -40.93 16.10
CA PRO D 213 28.05 -40.98 14.74
C PRO D 213 27.00 -41.18 13.66
N LEU D 214 26.01 -42.02 13.90
CA LEU D 214 24.94 -42.22 12.93
C LEU D 214 24.14 -40.94 12.73
N SER D 215 23.81 -40.27 13.83
CA SER D 215 23.09 -38.99 13.74
C SER D 215 23.92 -37.94 13.02
N LEU D 216 25.24 -37.90 13.30
CA LEU D 216 26.11 -36.96 12.62
C LEU D 216 26.17 -37.23 11.13
N ALA D 217 26.26 -38.51 10.74
CA ALA D 217 26.29 -38.86 9.32
C ALA D 217 24.98 -38.49 8.63
N ALA D 218 23.85 -38.76 9.29
CA ALA D 218 22.56 -38.47 8.68
C ALA D 218 22.33 -36.96 8.55
N CYS D 219 22.70 -36.20 9.58
CA CYS D 219 22.45 -34.76 9.56
C CYS D 219 23.29 -34.04 8.52
N THR D 220 24.42 -34.63 8.12
CA THR D 220 25.36 -34.00 7.22
C THR D 220 25.22 -34.49 5.78
N LYS D 221 24.14 -35.22 5.47
CA LYS D 221 23.85 -35.66 4.10
C LYS D 221 24.98 -36.53 3.54
N GLN D 222 25.34 -37.56 4.31
CA GLN D 222 26.38 -38.50 3.89
C GLN D 222 25.71 -39.83 3.56
N TRP D 223 25.28 -39.95 2.30
CA TRP D 223 24.57 -41.15 1.86
C TRP D 223 25.45 -42.38 1.96
N ASP D 224 26.66 -42.32 1.41
CA ASP D 224 27.55 -43.48 1.44
C ASP D 224 27.98 -43.82 2.86
N VAL D 225 28.25 -42.80 3.69
CA VAL D 225 28.68 -43.06 5.06
C VAL D 225 27.58 -43.76 5.84
N VAL D 226 26.34 -43.26 5.75
CA VAL D 226 25.26 -43.88 6.50
C VAL D 226 24.95 -45.27 5.95
N THR D 227 25.05 -45.44 4.63
CA THR D 227 24.84 -46.75 4.02
C THR D 227 25.85 -47.75 4.56
N TYR D 228 27.12 -47.36 4.64
CA TYR D 228 28.14 -48.27 5.17
C TYR D 228 27.94 -48.51 6.65
N LEU D 229 27.50 -47.50 7.40
CA LEU D 229 27.33 -47.64 8.84
C LEU D 229 26.20 -48.61 9.17
N LEU D 230 25.08 -48.54 8.43
CA LEU D 230 23.94 -49.39 8.75
C LEU D 230 24.27 -50.87 8.59
N GLU D 231 24.84 -51.25 7.44
CA GLU D 231 25.20 -52.65 7.20
C GLU D 231 26.70 -52.75 6.95
N ASN D 232 27.38 -53.46 7.84
CA ASN D 232 28.79 -53.81 7.73
C ASN D 232 29.07 -54.92 8.73
N PRO D 233 29.68 -56.03 8.31
CA PRO D 233 29.80 -57.19 9.21
C PRO D 233 30.92 -57.05 10.22
N HIS D 234 31.04 -55.87 10.82
CA HIS D 234 32.01 -55.68 11.90
C HIS D 234 31.39 -55.05 13.13
N GLN D 235 30.47 -54.11 12.97
CA GLN D 235 29.79 -53.46 14.08
C GLN D 235 28.51 -52.79 13.60
N PRO D 236 27.40 -53.51 13.56
CA PRO D 236 26.15 -52.90 13.10
C PRO D 236 25.69 -51.78 14.02
N ALA D 237 25.07 -50.77 13.43
CA ALA D 237 24.57 -49.61 14.16
C ALA D 237 23.06 -49.68 14.23
N SER D 238 22.53 -49.69 15.45
CA SER D 238 21.08 -49.73 15.62
C SER D 238 20.46 -48.41 15.21
N LEU D 239 19.50 -48.48 14.28
CA LEU D 239 18.81 -47.27 13.84
C LEU D 239 17.91 -46.69 14.93
N GLU D 240 17.57 -47.49 15.94
CA GLU D 240 16.74 -47.05 17.05
C GLU D 240 17.54 -46.65 18.27
N ALA D 241 18.86 -46.52 18.14
CA ALA D 241 19.68 -46.10 19.27
C ALA D 241 19.31 -44.69 19.72
N THR D 242 19.14 -44.52 21.02
CA THR D 242 18.67 -43.26 21.58
C THR D 242 19.85 -42.32 21.81
N ASP D 243 19.59 -41.21 22.49
CA ASP D 243 20.59 -40.20 22.78
C ASP D 243 20.53 -39.86 24.26
N SER D 244 21.59 -39.23 24.78
CA SER D 244 21.63 -38.87 26.19
C SER D 244 20.43 -38.02 26.58
N LEU D 245 20.02 -37.10 25.70
CA LEU D 245 18.81 -36.31 25.93
C LEU D 245 17.55 -37.11 25.71
N GLY D 246 17.63 -38.24 25.00
CA GLY D 246 16.48 -39.07 24.71
C GLY D 246 16.08 -39.10 23.25
N ASN D 247 16.67 -38.25 22.42
CA ASN D 247 16.30 -38.17 21.02
C ASN D 247 16.83 -39.38 20.25
N THR D 248 16.48 -39.44 18.96
CA THR D 248 16.99 -40.45 18.05
C THR D 248 17.30 -39.76 16.73
N VAL D 249 17.54 -40.55 15.69
CA VAL D 249 17.93 -40.00 14.39
C VAL D 249 16.83 -39.11 13.84
N LEU D 250 15.58 -39.58 13.88
CA LEU D 250 14.46 -38.80 13.36
C LEU D 250 14.25 -37.53 14.17
N HIS D 251 14.36 -37.63 15.51
CA HIS D 251 14.27 -36.44 16.34
C HIS D 251 15.38 -35.45 15.98
N ALA D 252 16.59 -35.96 15.76
CA ALA D 252 17.71 -35.09 15.39
C ALA D 252 17.44 -34.38 14.07
N LEU D 253 16.92 -35.09 13.08
CA LEU D 253 16.53 -34.44 11.83
C LEU D 253 15.46 -33.39 12.06
N VAL D 254 14.55 -33.64 13.01
CA VAL D 254 13.50 -32.67 13.29
C VAL D 254 14.08 -31.39 13.89
N MET D 255 14.97 -31.53 14.87
CA MET D 255 15.47 -30.35 15.59
C MET D 255 16.33 -29.48 14.68
N ILE D 256 17.21 -30.09 13.88
CA ILE D 256 18.07 -29.32 12.99
C ILE D 256 17.32 -28.74 11.81
N ALA D 257 16.06 -29.10 11.64
CA ALA D 257 15.27 -28.58 10.52
C ALA D 257 14.97 -27.10 10.72
N ASP D 258 14.59 -26.44 9.63
CA ASP D 258 14.26 -25.03 9.66
C ASP D 258 13.29 -24.75 8.53
N ASN D 259 12.69 -23.56 8.57
CA ASN D 259 11.66 -23.19 7.61
C ASN D 259 12.22 -22.69 6.29
N SER D 260 13.54 -22.59 6.15
CA SER D 260 14.13 -22.20 4.88
C SER D 260 13.90 -23.30 3.85
N PRO D 261 13.57 -22.97 2.60
CA PRO D 261 13.31 -24.01 1.60
C PRO D 261 14.51 -24.88 1.29
N GLU D 262 15.72 -24.37 1.44
CA GLU D 262 16.90 -25.11 0.98
C GLU D 262 17.17 -26.34 1.84
N ASN D 263 17.17 -26.19 3.17
CA ASN D 263 17.42 -27.34 4.03
C ASN D 263 16.17 -28.17 4.28
N SER D 264 14.99 -27.64 3.95
CA SER D 264 13.77 -28.43 4.08
C SER D 264 13.82 -29.64 3.17
N ALA D 265 14.28 -29.47 1.93
CA ALA D 265 14.41 -30.60 1.01
C ALA D 265 15.41 -31.62 1.54
N LEU D 266 16.54 -31.16 2.08
CA LEU D 266 17.51 -32.07 2.66
C LEU D 266 16.90 -32.89 3.78
N VAL D 267 16.22 -32.21 4.71
CA VAL D 267 15.65 -32.90 5.87
C VAL D 267 14.58 -33.90 5.42
N ILE D 268 13.71 -33.49 4.50
CA ILE D 268 12.62 -34.36 4.08
C ILE D 268 13.17 -35.58 3.34
N HIS D 269 14.18 -35.40 2.48
CA HIS D 269 14.71 -36.52 1.72
C HIS D 269 15.47 -37.49 2.62
N MET D 270 16.25 -36.95 3.57
CA MET D 270 16.95 -37.83 4.50
C MET D 270 15.96 -38.57 5.40
N TYR D 271 14.88 -37.90 5.80
CA TYR D 271 13.84 -38.55 6.60
C TYR D 271 13.22 -39.71 5.83
N ASP D 272 12.85 -39.48 4.58
CA ASP D 272 12.26 -40.54 3.76
C ASP D 272 13.23 -41.70 3.57
N GLY D 273 14.49 -41.39 3.25
CA GLY D 273 15.47 -42.44 3.03
C GLY D 273 15.72 -43.27 4.28
N LEU D 274 15.85 -42.61 5.43
CA LEU D 274 16.05 -43.34 6.68
C LEU D 274 14.85 -44.20 7.02
N LEU D 275 13.63 -43.68 6.79
CA LEU D 275 12.44 -44.48 7.07
C LEU D 275 12.38 -45.71 6.18
N GLN D 276 12.69 -45.54 4.88
CA GLN D 276 12.68 -46.69 3.97
C GLN D 276 13.74 -47.71 4.37
N MET D 277 14.94 -47.25 4.72
CA MET D 277 15.99 -48.19 5.12
C MET D 277 15.63 -48.91 6.41
N GLY D 278 15.01 -48.21 7.35
CA GLY D 278 14.58 -48.87 8.58
C GLY D 278 13.51 -49.91 8.31
N ALA D 279 12.58 -49.61 7.41
CA ALA D 279 11.57 -50.60 7.04
C ALA D 279 12.20 -51.83 6.38
N ARG D 280 13.17 -51.60 5.49
CA ARG D 280 13.82 -52.72 4.81
C ARG D 280 14.65 -53.57 5.77
N LEU D 281 15.39 -52.94 6.68
CA LEU D 281 16.28 -53.66 7.57
C LEU D 281 15.50 -54.32 8.71
N CYS D 282 14.80 -53.53 9.51
CA CYS D 282 14.07 -54.02 10.68
C CYS D 282 12.63 -53.57 10.57
N PRO D 283 11.78 -54.32 9.85
CA PRO D 283 10.36 -53.96 9.73
C PRO D 283 9.54 -54.31 10.97
N THR D 284 10.15 -54.90 11.99
CA THR D 284 9.43 -55.29 13.20
C THR D 284 9.37 -54.20 14.25
N VAL D 285 9.92 -53.02 13.97
CA VAL D 285 9.94 -51.91 14.92
C VAL D 285 9.36 -50.68 14.25
N GLN D 286 8.55 -49.93 15.00
CA GLN D 286 7.95 -48.70 14.52
C GLN D 286 8.83 -47.54 14.94
N LEU D 287 9.60 -47.00 14.00
CA LEU D 287 10.51 -45.90 14.32
C LEU D 287 9.76 -44.63 14.69
N GLU D 288 8.62 -44.39 14.04
CA GLU D 288 7.85 -43.18 14.30
C GLU D 288 7.34 -43.13 15.74
N GLU D 289 6.92 -44.27 16.28
CA GLU D 289 6.35 -44.31 17.63
C GLU D 289 7.43 -44.56 18.69
N ILE D 290 8.46 -43.74 18.68
CA ILE D 290 9.53 -43.80 19.68
C ILE D 290 9.46 -42.53 20.51
N SER D 291 9.26 -42.68 21.82
CA SER D 291 9.03 -41.56 22.70
C SER D 291 10.33 -40.90 23.12
N ASN D 292 10.29 -39.58 23.27
CA ASN D 292 11.41 -38.82 23.79
C ASN D 292 11.44 -38.92 25.32
N HIS D 293 12.39 -38.22 25.94
CA HIS D 293 12.40 -38.11 27.39
C HIS D 293 11.29 -37.22 27.92
N GLN D 294 10.71 -36.36 27.06
CA GLN D 294 9.55 -35.57 27.41
C GLN D 294 8.24 -36.22 26.92
N GLY D 295 8.31 -37.47 26.50
CA GLY D 295 7.14 -38.15 25.96
C GLY D 295 6.67 -37.60 24.64
N LEU D 296 7.60 -37.29 23.73
CA LEU D 296 7.27 -36.74 22.43
C LEU D 296 7.76 -37.65 21.32
N THR D 297 7.09 -37.57 20.19
CA THR D 297 7.45 -38.26 18.96
C THR D 297 7.90 -37.25 17.92
N PRO D 298 8.50 -37.69 16.82
CA PRO D 298 8.93 -36.72 15.79
C PRO D 298 7.82 -35.82 15.30
N LEU D 299 6.60 -36.35 15.14
CA LEU D 299 5.48 -35.51 14.73
C LEU D 299 5.12 -34.50 15.82
N LYS D 300 4.97 -34.98 17.06
CA LYS D 300 4.65 -34.07 18.16
C LYS D 300 5.77 -33.07 18.39
N LEU D 301 7.03 -33.51 18.27
CA LEU D 301 8.15 -32.60 18.45
C LEU D 301 8.17 -31.53 17.38
N ALA D 302 7.89 -31.91 16.13
CA ALA D 302 7.82 -30.92 15.06
C ALA D 302 6.69 -29.94 15.29
N ALA D 303 5.56 -30.43 15.82
CA ALA D 303 4.45 -29.53 16.14
C ALA D 303 4.83 -28.56 17.25
N LYS D 304 5.52 -29.05 18.28
CA LYS D 304 5.83 -28.21 19.44
C LYS D 304 6.89 -27.17 19.13
N GLU D 305 7.96 -27.56 18.42
CA GLU D 305 9.06 -26.64 18.18
C GLU D 305 8.71 -25.56 17.15
N GLY D 306 7.58 -25.66 16.47
CA GLY D 306 7.20 -24.67 15.49
C GLY D 306 7.66 -24.95 14.07
N LYS D 307 8.34 -26.07 13.84
CA LYS D 307 8.74 -26.44 12.48
C LYS D 307 7.52 -26.95 11.73
N ILE D 308 7.21 -26.30 10.60
CA ILE D 308 5.97 -26.56 9.89
C ILE D 308 6.24 -27.37 8.62
N GLU D 309 7.37 -27.11 7.96
CA GLU D 309 7.63 -27.75 6.67
C GLU D 309 7.72 -29.27 6.81
N ILE D 310 8.49 -29.75 7.78
CA ILE D 310 8.53 -31.19 8.01
C ILE D 310 7.22 -31.67 8.63
N PHE D 311 6.56 -30.82 9.41
CA PHE D 311 5.29 -31.18 10.04
C PHE D 311 4.22 -31.47 8.99
N ARG D 312 4.12 -30.60 7.98
CA ARG D 312 3.14 -30.80 6.93
C ARG D 312 3.42 -32.08 6.15
N HIS D 313 4.69 -32.34 5.81
CA HIS D 313 5.01 -33.54 5.06
C HIS D 313 4.70 -34.80 5.85
N ILE D 314 5.05 -34.82 7.13
CA ILE D 314 4.73 -35.99 7.95
C ILE D 314 3.23 -36.15 8.07
N LEU D 315 2.50 -35.03 8.06
CA LEU D 315 1.05 -35.11 8.14
C LEU D 315 0.44 -35.68 6.87
N GLN D 316 1.08 -35.46 5.72
CA GLN D 316 0.58 -35.92 4.42
C GLN D 316 1.67 -36.74 3.75
N ARG D 317 1.72 -38.04 4.05
CA ARG D 317 2.74 -38.93 3.51
C ARG D 317 2.04 -40.09 2.82
N GLU D 318 2.36 -40.31 1.53
CA GLU D 318 1.61 -41.24 0.70
C GLU D 318 2.42 -42.46 0.28
N PHE D 319 3.58 -42.26 -0.36
CA PHE D 319 4.39 -43.34 -0.92
C PHE D 319 3.61 -44.20 -1.91
N SER D 320 4.24 -45.24 -2.44
CA SER D 320 3.62 -46.12 -3.41
C SER D 320 4.48 -47.36 -3.59
N GLY D 321 3.82 -48.49 -3.83
CA GLY D 321 4.51 -49.74 -4.05
C GLY D 321 4.63 -50.57 -2.78
N PRO D 322 5.82 -51.15 -2.56
CA PRO D 322 6.04 -51.93 -1.32
C PRO D 322 5.98 -51.08 -0.07
N TYR D 323 6.12 -49.75 -0.18
CA TYR D 323 6.13 -48.85 0.96
C TYR D 323 4.74 -48.33 1.30
N GLN D 324 3.69 -49.09 0.98
CA GLN D 324 2.34 -48.68 1.32
C GLN D 324 2.12 -48.54 2.82
N PRO D 325 2.51 -49.50 3.68
CA PRO D 325 2.25 -49.32 5.12
C PRO D 325 2.93 -48.12 5.74
N LEU D 326 3.99 -47.59 5.13
CA LEU D 326 4.66 -46.40 5.64
C LEU D 326 3.95 -45.14 5.17
N SER D 327 2.65 -45.05 5.40
CA SER D 327 1.88 -43.93 4.88
C SER D 327 0.79 -43.54 5.87
N ARG D 328 0.34 -42.29 5.74
CA ARG D 328 -0.72 -41.75 6.56
C ARG D 328 -1.89 -41.20 5.75
N LYS D 329 -1.76 -41.11 4.43
CA LYS D 329 -2.80 -40.54 3.57
C LYS D 329 -3.03 -41.50 2.42
N PHE D 330 -4.22 -42.07 2.34
CA PHE D 330 -4.55 -43.08 1.33
C PHE D 330 -5.66 -42.54 0.44
N THR D 331 -5.37 -42.38 -0.85
CA THR D 331 -6.40 -41.97 -1.79
C THR D 331 -7.30 -43.16 -2.11
N GLU D 332 -8.58 -43.04 -1.75
CA GLU D 332 -9.51 -44.15 -1.95
C GLU D 332 -9.90 -44.28 -3.42
N TRP D 333 -10.52 -43.25 -3.99
CA TRP D 333 -10.79 -43.21 -5.41
C TRP D 333 -10.77 -41.76 -5.88
N CYS D 334 -10.45 -41.58 -7.16
CA CYS D 334 -10.40 -40.26 -7.77
C CYS D 334 -11.37 -40.22 -8.93
N TYR D 335 -12.13 -39.12 -9.02
CA TYR D 335 -13.12 -38.96 -10.10
C TYR D 335 -13.20 -37.48 -10.44
N GLY D 336 -12.50 -37.08 -11.49
CA GLY D 336 -12.43 -35.69 -11.87
C GLY D 336 -11.79 -34.85 -10.78
N PRO D 337 -12.32 -33.64 -10.56
CA PRO D 337 -11.79 -32.80 -9.47
C PRO D 337 -11.92 -33.44 -8.10
N VAL D 338 -12.92 -34.29 -7.89
CA VAL D 338 -13.10 -34.94 -6.60
C VAL D 338 -11.94 -35.90 -6.35
N ARG D 339 -11.32 -35.77 -5.19
CA ARG D 339 -10.13 -36.55 -4.84
C ARG D 339 -10.27 -37.08 -3.42
N VAL D 340 -11.40 -37.71 -3.12
CA VAL D 340 -11.69 -38.19 -1.77
C VAL D 340 -10.55 -39.08 -1.28
N SER D 341 -10.11 -38.83 -0.06
CA SER D 341 -8.96 -39.51 0.52
C SER D 341 -9.24 -39.80 1.99
N LEU D 342 -8.31 -40.54 2.60
CA LEU D 342 -8.39 -40.94 4.00
C LEU D 342 -7.12 -40.49 4.70
N TYR D 343 -7.28 -39.84 5.84
CA TYR D 343 -6.14 -39.44 6.66
C TYR D 343 -6.09 -40.26 7.94
N ASP D 344 -4.87 -40.55 8.39
CA ASP D 344 -4.68 -41.28 9.63
C ASP D 344 -4.75 -40.31 10.81
N LEU D 345 -5.26 -40.80 11.93
CA LEU D 345 -5.49 -39.97 13.11
C LEU D 345 -4.61 -40.47 14.26
N SER D 346 -3.38 -39.96 14.32
CA SER D 346 -2.59 -39.96 15.53
C SER D 346 -2.56 -38.58 16.16
N SER D 347 -3.35 -37.65 15.65
CA SER D 347 -3.44 -36.27 16.11
C SER D 347 -4.87 -35.94 16.54
N VAL D 348 -5.51 -36.86 17.27
CA VAL D 348 -6.87 -36.66 17.76
C VAL D 348 -6.83 -36.66 19.28
N ASP D 349 -7.55 -35.71 19.88
CA ASP D 349 -7.54 -35.58 21.33
C ASP D 349 -8.36 -36.65 22.02
N SER D 350 -9.29 -37.28 21.30
CA SER D 350 -10.22 -38.21 21.91
C SER D 350 -9.52 -39.50 22.33
N TRP D 351 -9.54 -39.79 23.63
CA TRP D 351 -8.79 -40.88 24.25
C TRP D 351 -7.34 -40.91 23.80
N GLU D 352 -6.70 -39.74 23.72
CA GLU D 352 -5.28 -39.68 23.38
C GLU D 352 -4.71 -38.44 24.08
N LYS D 353 -4.15 -38.62 25.26
CA LYS D 353 -3.59 -37.50 26.01
C LYS D 353 -2.36 -36.96 25.32
N ASN D 354 -2.17 -35.64 25.43
CA ASN D 354 -1.04 -34.94 24.82
C ASN D 354 -0.99 -35.18 23.31
N SER D 355 -2.05 -34.73 22.63
CA SER D 355 -2.18 -34.89 21.20
C SER D 355 -1.54 -33.70 20.48
N VAL D 356 -1.55 -33.74 19.16
CA VAL D 356 -0.96 -32.65 18.38
C VAL D 356 -1.80 -31.39 18.50
N LEU D 357 -3.13 -31.53 18.57
CA LEU D 357 -3.99 -30.35 18.65
C LEU D 357 -3.75 -29.58 19.95
N GLU D 358 -3.66 -30.27 21.07
CA GLU D 358 -3.35 -29.60 22.34
C GLU D 358 -1.99 -28.94 22.30
N ILE D 359 -0.99 -29.63 21.74
CA ILE D 359 0.36 -29.11 21.68
C ILE D 359 0.41 -27.82 20.85
N ILE D 360 -0.28 -27.81 19.71
CA ILE D 360 -0.34 -26.60 18.90
C ILE D 360 -1.08 -25.50 19.65
N ALA D 361 -2.20 -25.84 20.30
CA ALA D 361 -3.05 -24.82 20.90
C ALA D 361 -2.45 -24.26 22.18
N PHE D 362 -1.91 -25.11 23.05
CA PHE D 362 -1.53 -24.70 24.39
C PHE D 362 -0.03 -24.65 24.61
N HIS D 363 0.70 -25.73 24.31
CA HIS D 363 2.10 -25.85 24.68
C HIS D 363 3.06 -25.30 23.63
N CYS D 364 2.56 -24.69 22.57
CA CYS D 364 3.41 -24.12 21.53
C CYS D 364 3.62 -22.64 21.79
N LYS D 365 4.82 -22.15 21.48
CA LYS D 365 5.16 -20.76 21.67
C LYS D 365 5.59 -20.05 20.38
N SER D 366 5.75 -20.79 19.29
CA SER D 366 6.19 -20.17 18.04
C SER D 366 5.10 -19.26 17.48
N PRO D 367 5.49 -18.18 16.79
CA PRO D 367 4.49 -17.33 16.15
C PRO D 367 3.82 -17.97 14.94
N ASN D 368 4.25 -19.17 14.55
CA ASN D 368 3.67 -19.89 13.42
C ASN D 368 2.53 -20.81 13.84
N ARG D 369 2.12 -20.78 15.12
CA ARG D 369 1.09 -21.68 15.60
C ARG D 369 -0.23 -21.50 14.88
N HIS D 370 -0.51 -20.29 14.38
CA HIS D 370 -1.76 -20.06 13.66
C HIS D 370 -1.72 -20.54 12.23
N ARG D 371 -0.55 -20.86 11.70
CA ARG D 371 -0.43 -21.40 10.36
C ARG D 371 -0.49 -22.93 10.32
N MET D 372 -0.48 -23.58 11.48
CA MET D 372 -0.53 -25.03 11.55
C MET D 372 -1.94 -25.56 11.80
N VAL D 373 -2.94 -24.68 11.82
CA VAL D 373 -4.33 -25.08 11.96
C VAL D 373 -5.09 -24.91 10.65
N VAL D 374 -4.38 -24.76 9.53
CA VAL D 374 -4.99 -24.64 8.22
C VAL D 374 -4.66 -25.82 7.31
N LEU D 375 -3.83 -26.75 7.77
CA LEU D 375 -3.56 -27.95 6.99
C LEU D 375 -4.82 -28.80 6.91
N GLU D 376 -4.88 -29.61 5.84
CA GLU D 376 -6.14 -30.25 5.48
C GLU D 376 -6.75 -31.10 6.59
N PRO D 377 -6.05 -32.09 7.17
CA PRO D 377 -6.71 -32.89 8.20
C PRO D 377 -7.07 -32.10 9.44
N LEU D 378 -6.17 -31.25 9.92
CA LEU D 378 -6.45 -30.47 11.12
C LEU D 378 -7.58 -29.48 10.89
N ASN D 379 -7.56 -28.76 9.76
CA ASN D 379 -8.60 -27.77 9.49
C ASN D 379 -9.96 -28.44 9.37
N LYS D 380 -10.03 -29.54 8.61
CA LYS D 380 -11.29 -30.24 8.45
C LYS D 380 -11.79 -30.82 9.78
N LEU D 381 -10.88 -31.39 10.58
CA LEU D 381 -11.27 -31.91 11.88
C LEU D 381 -11.79 -30.80 12.79
N LEU D 382 -11.14 -29.64 12.78
CA LEU D 382 -11.58 -28.52 13.62
C LEU D 382 -12.94 -28.02 13.19
N GLN D 383 -13.18 -27.92 11.87
CA GLN D 383 -14.49 -27.49 11.39
C GLN D 383 -15.57 -28.47 11.81
N GLU D 384 -15.32 -29.77 11.61
CA GLU D 384 -16.30 -30.79 11.98
C GLU D 384 -16.59 -30.78 13.48
N LYS D 385 -15.56 -30.58 14.30
CA LYS D 385 -15.76 -30.56 15.74
C LYS D 385 -16.44 -29.28 16.21
N TRP D 386 -16.19 -28.16 15.52
CA TRP D 386 -16.82 -26.90 15.91
C TRP D 386 -18.30 -26.88 15.55
N ASP D 387 -18.65 -27.45 14.38
CA ASP D 387 -20.06 -27.44 13.98
C ASP D 387 -20.95 -28.24 14.93
N ARG D 388 -20.39 -29.12 15.74
CA ARG D 388 -21.17 -29.92 16.68
C ARG D 388 -21.38 -29.23 18.03
N LEU D 389 -20.66 -28.15 18.33
CA LEU D 389 -20.73 -27.54 19.64
C LEU D 389 -21.10 -26.06 19.59
N VAL D 390 -21.70 -25.60 18.49
CA VAL D 390 -22.22 -24.24 18.45
C VAL D 390 -23.39 -24.08 19.42
N SER D 391 -24.19 -25.14 19.57
CA SER D 391 -25.36 -25.08 20.44
C SER D 391 -24.97 -24.79 21.87
N ARG D 392 -23.95 -25.47 22.38
CA ARG D 392 -23.50 -25.21 23.75
C ARG D 392 -22.94 -23.81 23.89
N PHE D 393 -22.23 -23.33 22.87
CA PHE D 393 -21.70 -21.98 22.89
C PHE D 393 -22.82 -20.95 23.04
N PHE D 394 -23.87 -21.09 22.23
CA PHE D 394 -24.96 -20.11 22.31
C PHE D 394 -25.81 -20.31 23.54
N PHE D 395 -25.89 -21.55 24.06
CA PHE D 395 -26.55 -21.78 25.33
C PHE D 395 -25.84 -21.04 26.47
N ASN D 396 -24.51 -21.11 26.50
CA ASN D 396 -23.75 -20.36 27.49
C ASN D 396 -23.93 -18.86 27.29
N PHE D 397 -23.97 -18.42 26.02
CA PHE D 397 -24.25 -17.01 25.72
C PHE D 397 -25.57 -16.57 26.34
N ALA D 398 -26.63 -17.34 26.11
CA ALA D 398 -27.95 -16.97 26.63
C ALA D 398 -27.97 -16.99 28.15
N CYS D 399 -27.32 -18.00 28.76
CA CYS D 399 -27.28 -18.06 30.22
C CYS D 399 -26.57 -16.84 30.80
N TYR D 400 -25.44 -16.45 30.19
CA TYR D 400 -24.72 -15.28 30.66
C TYR D 400 -25.56 -14.01 30.48
N LEU D 401 -26.28 -13.91 29.36
CA LEU D 401 -27.10 -12.72 29.11
C LEU D 401 -28.23 -12.61 30.13
N VAL D 402 -28.90 -13.72 30.44
CA VAL D 402 -29.98 -13.64 31.42
C VAL D 402 -29.42 -13.39 32.81
N TYR D 403 -28.24 -13.95 33.13
CA TYR D 403 -27.62 -13.64 34.41
C TYR D 403 -27.31 -12.16 34.53
N MET D 404 -26.80 -11.55 33.45
CA MET D 404 -26.57 -10.11 33.48
C MET D 404 -27.85 -9.30 33.58
N PHE D 405 -28.92 -9.73 32.93
CA PHE D 405 -30.18 -9.00 33.09
C PHE D 405 -30.67 -9.06 34.52
N ILE D 406 -30.53 -10.23 35.17
CA ILE D 406 -30.89 -10.36 36.57
C ILE D 406 -30.03 -9.45 37.43
N PHE D 407 -28.73 -9.41 37.17
CA PHE D 407 -27.82 -8.55 37.93
C PHE D 407 -28.20 -7.08 37.76
N THR D 408 -28.50 -6.66 36.53
CA THR D 408 -28.88 -5.28 36.28
C THR D 408 -30.18 -4.92 36.98
N VAL D 409 -31.18 -5.80 36.93
CA VAL D 409 -32.45 -5.53 37.62
C VAL D 409 -32.23 -5.42 39.12
N VAL D 410 -31.43 -6.32 39.69
CA VAL D 410 -31.18 -6.28 41.12
C VAL D 410 -30.43 -5.00 41.51
N ALA D 411 -29.47 -4.59 40.69
CA ALA D 411 -28.77 -3.34 40.95
C ALA D 411 -29.71 -2.15 40.84
N TYR D 412 -30.76 -2.27 40.01
CA TYR D 412 -31.75 -1.21 39.93
C TYR D 412 -32.63 -1.18 41.17
N HIS D 413 -32.85 -2.32 41.80
CA HIS D 413 -33.68 -2.38 43.00
C HIS D 413 -32.84 -2.41 44.27
N GLN D 414 -32.12 -1.32 44.54
CA GLN D 414 -31.35 -1.20 45.78
C GLN D 414 -31.92 -0.07 46.61
N PRO D 415 -32.27 -0.30 47.89
CA PRO D 415 -32.84 0.79 48.70
C PRO D 415 -31.91 1.98 48.87
N SER D 416 -30.60 1.75 48.93
CA SER D 416 -29.60 2.81 49.11
C SER D 416 -29.90 3.66 50.33
N PHE D 429 -44.13 -7.02 47.81
CA PHE D 429 -43.12 -7.92 48.37
C PHE D 429 -41.77 -7.70 47.69
N GLY D 430 -41.34 -6.43 47.65
CA GLY D 430 -40.06 -6.11 47.03
C GLY D 430 -38.87 -6.67 47.78
N GLU D 431 -38.94 -6.73 49.10
CA GLU D 431 -37.80 -7.20 49.89
C GLU D 431 -37.49 -8.66 49.59
N SER D 432 -38.51 -9.50 49.42
CA SER D 432 -38.27 -10.90 49.09
C SER D 432 -37.60 -11.03 47.74
N MET D 433 -38.05 -10.26 46.75
CA MET D 433 -37.42 -10.31 45.43
C MET D 433 -35.98 -9.83 45.50
N LEU D 434 -35.72 -8.80 46.30
CA LEU D 434 -34.34 -8.34 46.50
C LEU D 434 -33.48 -9.42 47.11
N LEU D 435 -33.99 -10.11 48.14
CA LEU D 435 -33.22 -11.16 48.79
C LEU D 435 -32.91 -12.30 47.83
N LEU D 436 -33.92 -12.75 47.08
CA LEU D 436 -33.70 -13.83 46.11
C LEU D 436 -32.73 -13.41 45.02
N GLY D 437 -32.83 -12.16 44.54
CA GLY D 437 -31.89 -11.68 43.54
C GLY D 437 -30.46 -11.64 44.06
N HIS D 438 -30.28 -11.18 45.29
CA HIS D 438 -28.94 -11.15 45.87
C HIS D 438 -28.39 -12.57 46.05
N ILE D 439 -29.24 -13.50 46.47
CA ILE D 439 -28.79 -14.89 46.61
C ILE D 439 -28.37 -15.45 45.25
N LEU D 440 -29.16 -15.18 44.21
CA LEU D 440 -28.81 -15.64 42.87
C LEU D 440 -27.50 -15.03 42.41
N ILE D 441 -27.29 -13.75 42.68
CA ILE D 441 -26.06 -13.09 42.27
C ILE D 441 -24.86 -13.70 42.96
N LEU D 442 -24.97 -13.95 44.27
CA LEU D 442 -23.84 -14.53 44.99
C LEU D 442 -23.56 -15.95 44.53
N LEU D 443 -24.62 -16.73 44.26
CA LEU D 443 -24.42 -18.09 43.76
C LEU D 443 -23.75 -18.08 42.40
N GLY D 444 -24.15 -17.18 41.51
CA GLY D 444 -23.49 -17.08 40.22
C GLY D 444 -22.04 -16.65 40.33
N GLY D 445 -21.76 -15.71 41.23
CA GLY D 445 -20.38 -15.32 41.45
C GLY D 445 -19.53 -16.48 41.95
N ILE D 446 -20.08 -17.27 42.88
CA ILE D 446 -19.37 -18.45 43.37
C ILE D 446 -19.13 -19.44 42.24
N TYR D 447 -20.14 -19.64 41.39
CA TYR D 447 -20.00 -20.56 40.26
C TYR D 447 -18.88 -20.14 39.32
N LEU D 448 -18.87 -18.86 38.93
CA LEU D 448 -17.82 -18.38 38.04
C LEU D 448 -16.45 -18.44 38.71
N LEU D 449 -16.38 -18.08 40.00
CA LEU D 449 -15.10 -18.15 40.71
C LEU D 449 -14.54 -19.56 40.72
N LEU D 450 -15.38 -20.54 41.05
CA LEU D 450 -14.92 -21.92 41.11
C LEU D 450 -14.54 -22.43 39.73
N GLY D 451 -15.33 -22.09 38.71
CA GLY D 451 -14.98 -22.51 37.36
C GLY D 451 -13.64 -21.95 36.90
N GLN D 452 -13.41 -20.66 37.15
CA GLN D 452 -12.16 -20.05 36.74
C GLN D 452 -10.98 -20.63 37.52
N LEU D 453 -11.12 -20.84 38.83
CA LEU D 453 -10.00 -21.39 39.59
C LEU D 453 -9.70 -22.81 39.12
N TRP D 454 -10.73 -23.60 38.81
CA TRP D 454 -10.51 -24.94 38.27
C TRP D 454 -9.78 -24.86 36.93
N TYR D 455 -10.18 -23.91 36.08
CA TYR D 455 -9.53 -23.77 34.78
C TYR D 455 -8.05 -23.45 34.92
N PHE D 456 -7.71 -22.50 35.81
CA PHE D 456 -6.30 -22.17 36.00
C PHE D 456 -5.54 -23.31 36.67
N TRP D 457 -6.17 -24.04 37.58
CA TRP D 457 -5.52 -25.19 38.21
C TRP D 457 -5.19 -26.25 37.18
N ARG D 458 -6.12 -26.50 36.25
CA ARG D 458 -5.88 -27.48 35.19
C ARG D 458 -4.74 -27.04 34.28
N ARG D 459 -4.73 -25.77 33.88
CA ARG D 459 -3.68 -25.25 33.02
C ARG D 459 -2.61 -24.53 33.84
N ARG D 460 -1.94 -25.30 34.70
CA ARG D 460 -0.92 -24.74 35.57
C ARG D 460 0.32 -24.32 34.80
N LEU D 461 0.63 -25.01 33.70
CA LEU D 461 1.80 -24.67 32.90
C LEU D 461 1.58 -23.48 31.97
N PHE D 462 0.33 -22.99 31.87
CA PHE D 462 -0.01 -21.86 31.01
C PHE D 462 0.36 -22.14 29.57
N ILE D 463 0.52 -21.09 28.77
CA ILE D 463 1.00 -21.24 27.40
C ILE D 463 2.49 -20.91 27.39
N TRP D 464 2.81 -19.65 27.69
CA TRP D 464 4.15 -19.26 28.08
C TRP D 464 4.14 -18.67 29.49
N ILE D 465 3.36 -17.61 29.70
CA ILE D 465 2.97 -17.17 31.02
C ILE D 465 1.47 -16.91 31.12
N SER D 466 0.72 -17.15 30.04
CA SER D 466 -0.71 -16.90 29.97
C SER D 466 -1.03 -15.42 30.21
N PHE D 467 -0.45 -14.57 29.36
CA PHE D 467 -0.59 -13.14 29.47
C PHE D 467 -1.23 -12.50 28.24
N MET D 468 -0.75 -12.83 27.04
CA MET D 468 -1.18 -12.17 25.82
C MET D 468 -2.50 -12.71 25.28
N ASP D 469 -2.74 -14.02 25.40
CA ASP D 469 -3.86 -14.66 24.73
C ASP D 469 -4.98 -15.12 25.65
N SER D 470 -4.77 -15.12 26.97
CA SER D 470 -5.69 -15.74 27.91
C SER D 470 -6.13 -14.75 28.98
N TYR D 471 -6.55 -13.54 28.56
CA TYR D 471 -6.89 -12.50 29.53
C TYR D 471 -8.38 -12.40 29.80
N PHE D 472 -9.23 -12.94 28.91
CA PHE D 472 -10.65 -12.99 29.21
C PHE D 472 -10.95 -13.79 30.47
N GLU D 473 -10.28 -14.93 30.68
CA GLU D 473 -10.51 -15.67 31.91
C GLU D 473 -9.96 -14.93 33.12
N ILE D 474 -8.89 -14.14 32.92
CA ILE D 474 -8.42 -13.26 34.00
C ILE D 474 -9.51 -12.27 34.39
N LEU D 475 -10.13 -11.62 33.40
CA LEU D 475 -11.19 -10.67 33.68
C LEU D 475 -12.38 -11.34 34.35
N PHE D 476 -12.75 -12.54 33.88
CA PHE D 476 -13.86 -13.27 34.47
C PHE D 476 -13.58 -13.59 35.93
N LEU D 477 -12.38 -14.09 36.23
CA LEU D 477 -12.04 -14.43 37.61
C LEU D 477 -12.03 -13.19 38.49
N LEU D 478 -11.47 -12.08 38.00
CA LEU D 478 -11.41 -10.87 38.81
C LEU D 478 -12.81 -10.33 39.07
N GLN D 479 -13.68 -10.36 38.05
CA GLN D 479 -15.05 -9.89 38.22
C GLN D 479 -15.82 -10.75 39.20
N ALA D 480 -15.65 -12.07 39.12
CA ALA D 480 -16.33 -12.96 40.07
C ALA D 480 -15.84 -12.71 41.49
N LEU D 481 -14.53 -12.56 41.67
CA LEU D 481 -14.00 -12.26 42.99
C LEU D 481 -14.55 -10.93 43.51
N LEU D 482 -14.58 -9.91 42.65
CA LEU D 482 -15.09 -8.61 43.06
C LEU D 482 -16.53 -8.68 43.51
N THR D 483 -17.39 -9.35 42.72
CA THR D 483 -18.80 -9.38 43.06
C THR D 483 -19.04 -10.21 44.32
N VAL D 484 -18.33 -11.33 44.49
CA VAL D 484 -18.51 -12.13 45.70
C VAL D 484 -18.04 -11.36 46.93
N LEU D 485 -16.88 -10.71 46.84
CA LEU D 485 -16.36 -9.94 47.98
C LEU D 485 -17.30 -8.79 48.33
N SER D 486 -17.80 -8.07 47.31
CA SER D 486 -18.70 -6.96 47.58
C SER D 486 -20.01 -7.44 48.22
N GLN D 487 -20.56 -8.54 47.71
CA GLN D 487 -21.81 -9.04 48.29
C GLN D 487 -21.62 -9.53 49.72
N VAL D 488 -20.50 -10.21 50.00
CA VAL D 488 -20.29 -10.68 51.36
C VAL D 488 -19.94 -9.53 52.30
N LEU D 489 -19.37 -8.44 51.78
CA LEU D 489 -19.11 -7.28 52.61
C LEU D 489 -20.39 -6.49 52.89
N ARG D 490 -21.33 -6.49 51.94
CA ARG D 490 -22.62 -5.85 52.17
C ARG D 490 -23.38 -6.47 53.33
N PHE D 491 -23.09 -7.73 53.67
CA PHE D 491 -23.75 -8.38 54.80
C PHE D 491 -23.44 -7.66 56.10
N MET D 492 -22.24 -7.09 56.22
CA MET D 492 -21.83 -6.38 57.42
C MET D 492 -22.38 -4.97 57.50
N GLU D 493 -23.11 -4.51 56.47
CA GLU D 493 -23.69 -3.17 56.42
C GLU D 493 -22.61 -2.10 56.54
N THR D 494 -21.58 -2.25 55.72
CA THR D 494 -20.44 -1.34 55.67
C THR D 494 -20.57 -0.43 54.47
N GLU D 495 -20.08 0.81 54.61
CA GLU D 495 -20.18 1.80 53.54
C GLU D 495 -19.36 1.43 52.30
N TRP D 496 -18.48 0.44 52.41
CA TRP D 496 -17.57 0.12 51.31
C TRP D 496 -18.12 -0.92 50.33
N TYR D 497 -19.36 -1.40 50.54
CA TYR D 497 -19.87 -2.42 49.64
C TYR D 497 -20.27 -1.84 48.28
N LEU D 498 -20.75 -0.60 48.26
CA LEU D 498 -21.29 -0.03 47.02
C LEU D 498 -20.29 0.04 45.89
N PRO D 499 -19.04 0.52 46.08
CA PRO D 499 -18.13 0.64 44.93
C PRO D 499 -17.90 -0.69 44.20
N LEU D 500 -17.32 -1.65 44.92
CA LEU D 500 -16.94 -2.92 44.29
C LEU D 500 -18.10 -3.52 43.51
N LEU D 501 -19.27 -3.58 44.15
CA LEU D 501 -20.48 -4.08 43.49
C LEU D 501 -20.63 -3.47 42.11
N VAL D 502 -20.78 -2.15 42.03
CA VAL D 502 -21.04 -1.54 40.73
C VAL D 502 -19.84 -1.75 39.81
N LEU D 503 -18.63 -1.75 40.38
CA LEU D 503 -17.46 -2.05 39.58
C LEU D 503 -17.61 -3.39 38.90
N SER D 504 -17.99 -4.42 39.67
CA SER D 504 -18.24 -5.72 39.08
C SER D 504 -19.17 -5.59 37.88
N LEU D 505 -20.26 -4.84 38.05
CA LEU D 505 -21.23 -4.68 36.97
C LEU D 505 -20.54 -4.20 35.70
N VAL D 506 -19.78 -3.12 35.77
CA VAL D 506 -19.20 -2.60 34.53
C VAL D 506 -18.24 -3.62 33.95
N LEU D 507 -17.44 -4.28 34.80
CA LEU D 507 -16.53 -5.29 34.30
C LEU D 507 -17.28 -6.38 33.58
N GLY D 508 -18.45 -6.77 34.10
CA GLY D 508 -19.22 -7.80 33.46
C GLY D 508 -19.63 -7.42 32.05
N TRP D 509 -20.02 -6.15 31.84
CA TRP D 509 -20.41 -5.75 30.50
C TRP D 509 -19.22 -5.65 29.56
N LEU D 510 -18.00 -5.64 30.11
CA LEU D 510 -16.84 -5.86 29.26
C LEU D 510 -16.72 -7.34 28.90
N ASN D 511 -16.93 -8.22 29.89
CA ASN D 511 -16.80 -9.65 29.66
C ASN D 511 -17.81 -10.16 28.66
N LEU D 512 -18.93 -9.45 28.47
CA LEU D 512 -19.90 -9.85 27.47
C LEU D 512 -19.34 -9.79 26.05
N LEU D 513 -18.26 -9.03 25.84
CA LEU D 513 -17.71 -8.93 24.49
C LEU D 513 -17.06 -10.23 24.04
N TYR D 514 -16.73 -11.14 24.97
CA TYR D 514 -16.07 -12.39 24.58
C TYR D 514 -17.01 -13.32 23.84
N TYR D 515 -18.22 -13.52 24.37
CA TYR D 515 -19.15 -14.47 23.76
C TYR D 515 -19.50 -14.04 22.34
N THR D 516 -19.77 -12.76 22.14
CA THR D 516 -19.97 -12.24 20.80
C THR D 516 -18.62 -11.97 20.14
N ARG D 517 -18.67 -11.43 18.92
CA ARG D 517 -17.53 -10.88 18.20
C ARG D 517 -16.56 -11.98 17.76
N GLY D 518 -16.79 -13.22 18.16
CA GLY D 518 -15.96 -14.34 17.73
C GLY D 518 -16.78 -15.59 17.49
N PHE D 519 -18.05 -15.43 17.15
CA PHE D 519 -18.98 -16.54 17.03
C PHE D 519 -19.22 -17.00 15.59
N GLN D 520 -19.29 -16.09 14.64
CA GLN D 520 -19.51 -16.48 13.24
C GLN D 520 -19.13 -15.32 12.34
N HIS D 521 -18.22 -15.58 11.39
CA HIS D 521 -17.76 -14.63 10.38
C HIS D 521 -17.54 -13.23 10.95
N THR D 522 -17.04 -13.17 12.19
CA THR D 522 -16.86 -11.88 12.85
C THR D 522 -15.56 -11.79 13.63
N GLY D 523 -14.71 -12.82 13.55
CA GLY D 523 -13.40 -12.74 14.18
C GLY D 523 -12.43 -11.81 13.51
N ILE D 524 -12.64 -11.53 12.22
CA ILE D 524 -11.83 -10.54 11.53
C ILE D 524 -11.99 -9.18 12.18
N TYR D 525 -13.24 -8.79 12.48
CA TYR D 525 -13.45 -7.52 13.17
C TYR D 525 -12.92 -7.57 14.60
N SER D 526 -12.80 -8.77 15.17
CA SER D 526 -12.26 -8.89 16.53
C SER D 526 -10.76 -8.61 16.55
N VAL D 527 -10.01 -9.20 15.61
CA VAL D 527 -8.56 -9.17 15.69
C VAL D 527 -8.03 -7.74 15.50
N MET D 528 -8.44 -7.06 14.43
CA MET D 528 -7.97 -5.70 14.14
C MET D 528 -6.49 -5.46 14.44
N ILE D 529 -6.21 -4.71 15.50
CA ILE D 529 -4.87 -4.22 15.78
C ILE D 529 -4.13 -5.11 16.78
N GLN D 530 -4.63 -5.22 18.02
CA GLN D 530 -4.24 -6.32 18.91
C GLN D 530 -5.46 -6.69 19.73
N LYS D 531 -6.28 -7.60 19.17
CA LYS D 531 -7.58 -7.96 19.73
C LYS D 531 -8.36 -6.73 20.18
N VAL D 532 -8.15 -5.62 19.48
CA VAL D 532 -8.78 -4.34 19.77
C VAL D 532 -8.46 -3.86 21.17
N ILE D 533 -9.02 -4.51 22.19
CA ILE D 533 -8.97 -4.03 23.56
C ILE D 533 -7.55 -4.09 24.13
N LEU D 534 -6.79 -5.13 23.78
CA LEU D 534 -5.44 -5.27 24.29
C LEU D 534 -4.54 -4.11 23.87
N ARG D 535 -4.78 -3.52 22.70
CA ARG D 535 -3.98 -2.39 22.27
C ARG D 535 -4.65 -1.07 22.61
N ASP D 536 -5.96 -1.07 22.82
CA ASP D 536 -6.71 0.13 23.18
C ASP D 536 -6.68 0.43 24.66
N LEU D 537 -6.19 -0.50 25.49
CA LEU D 537 -6.11 -0.25 26.92
C LEU D 537 -5.04 0.76 27.28
N LEU D 538 -4.22 1.20 26.33
CA LEU D 538 -3.15 2.15 26.59
C LEU D 538 -3.69 3.56 26.92
N ARG D 539 -4.99 3.78 26.76
CA ARG D 539 -5.61 5.01 27.21
C ARG D 539 -6.11 4.95 28.64
N PHE D 540 -6.44 3.77 29.17
CA PHE D 540 -7.01 3.68 30.51
C PHE D 540 -5.93 3.76 31.59
N LEU D 541 -4.91 2.91 31.50
CA LEU D 541 -3.93 2.75 32.57
C LEU D 541 -2.69 3.61 32.36
N LEU D 542 -2.70 4.51 31.37
CA LEU D 542 -1.55 5.37 31.14
C LEU D 542 -1.89 6.84 31.29
N VAL D 543 -3.00 7.28 30.69
CA VAL D 543 -3.30 8.70 30.60
C VAL D 543 -4.63 9.02 31.28
N TYR D 544 -5.31 8.01 31.81
CA TYR D 544 -6.59 8.26 32.45
C TYR D 544 -6.62 7.87 33.93
N LEU D 545 -6.22 6.65 34.26
CA LEU D 545 -6.27 6.23 35.66
C LEU D 545 -5.11 6.79 36.46
N VAL D 546 -3.88 6.37 36.14
CA VAL D 546 -2.71 6.81 36.87
C VAL D 546 -2.45 8.29 36.63
N PHE D 547 -2.97 8.85 35.54
CA PHE D 547 -2.73 10.25 35.24
C PHE D 547 -3.73 11.14 35.99
N LEU D 548 -5.02 10.80 35.94
CA LEU D 548 -5.99 11.54 36.74
C LEU D 548 -5.82 11.31 38.23
N PHE D 549 -5.04 10.30 38.63
CA PHE D 549 -4.62 10.24 40.04
C PHE D 549 -3.90 11.53 40.42
N GLY D 550 -3.05 12.04 39.52
CA GLY D 550 -2.35 13.29 39.74
C GLY D 550 -3.27 14.49 39.87
N PHE D 551 -4.28 14.60 39.00
CA PHE D 551 -5.22 15.72 39.11
C PHE D 551 -6.13 15.57 40.33
N ALA D 552 -6.39 14.34 40.76
CA ALA D 552 -7.08 14.14 42.02
C ALA D 552 -6.26 14.70 43.17
N VAL D 553 -4.97 14.36 43.21
CA VAL D 553 -4.08 14.94 44.21
C VAL D 553 -4.08 16.46 44.10
N ALA D 554 -4.08 16.97 42.88
CA ALA D 554 -4.13 18.42 42.65
C ALA D 554 -5.34 19.04 43.33
N LEU D 555 -6.54 18.65 42.90
CA LEU D 555 -7.75 19.27 43.42
C LEU D 555 -7.92 18.98 44.91
N VAL D 556 -7.23 17.97 45.43
CA VAL D 556 -7.11 17.83 46.87
C VAL D 556 -6.31 19.00 47.44
N SER D 557 -5.18 19.29 46.82
CA SER D 557 -4.29 20.35 47.28
C SER D 557 -4.57 21.69 46.62
N LEU D 558 -5.73 21.87 46.00
CA LEU D 558 -6.06 23.13 45.35
C LEU D 558 -7.25 23.82 46.02
N SER D 559 -7.24 23.83 47.35
CA SER D 559 -8.30 24.45 48.15
C SER D 559 -8.68 25.85 47.65
N ALA D 588 -12.57 17.50 58.47
CA ALA D 588 -12.34 18.19 57.20
C ALA D 588 -12.81 17.32 56.02
N PRO D 589 -13.40 17.97 55.01
CA PRO D 589 -13.83 17.22 53.82
C PRO D 589 -12.68 16.52 53.12
N TYR D 590 -11.47 17.07 53.18
CA TYR D 590 -10.32 16.49 52.53
C TYR D 590 -9.81 15.29 53.33
N ARG D 591 -10.32 14.09 53.08
CA ARG D 591 -9.94 12.98 53.95
C ARG D 591 -9.12 11.89 53.26
N SER D 592 -9.68 11.17 52.28
CA SER D 592 -8.87 10.15 51.64
C SER D 592 -8.74 10.33 50.13
N ILE D 593 -9.85 10.17 49.40
CA ILE D 593 -9.90 10.45 47.98
C ILE D 593 -11.23 11.12 47.63
N LEU D 594 -12.19 11.05 48.56
CA LEU D 594 -13.57 11.42 48.28
C LEU D 594 -13.75 12.92 48.08
N ASP D 595 -12.79 13.72 48.56
CA ASP D 595 -12.92 15.17 48.51
C ASP D 595 -12.88 15.72 47.08
N ALA D 596 -11.91 15.28 46.27
CA ALA D 596 -11.65 15.93 44.99
C ALA D 596 -12.08 15.10 43.78
N SER D 597 -12.57 13.88 43.99
CA SER D 597 -13.07 13.10 42.85
C SER D 597 -14.25 13.81 42.20
N LEU D 598 -15.18 14.32 43.01
CA LEU D 598 -16.32 15.07 42.46
C LEU D 598 -15.86 16.40 41.88
N GLU D 599 -14.83 17.00 42.46
CA GLU D 599 -14.28 18.23 41.90
C GLU D 599 -13.74 17.98 40.48
N LEU D 600 -12.99 16.90 40.31
CA LEU D 600 -12.56 16.50 38.97
C LEU D 600 -13.77 16.26 38.07
N PHE D 601 -14.76 15.55 38.59
CA PHE D 601 -15.89 15.09 37.79
C PHE D 601 -16.77 16.25 37.36
N LYS D 602 -16.71 17.37 38.09
CA LYS D 602 -17.50 18.56 37.75
C LYS D 602 -16.63 19.66 37.12
N PHE D 603 -15.32 19.44 37.07
CA PHE D 603 -14.48 20.48 36.50
C PHE D 603 -14.08 20.22 35.05
N THR D 604 -13.60 19.00 34.75
CA THR D 604 -13.09 18.74 33.40
C THR D 604 -14.21 18.76 32.37
N ILE D 605 -15.37 18.20 32.69
CA ILE D 605 -16.49 18.19 31.76
C ILE D 605 -17.74 18.73 32.45
N GLY D 606 -17.55 19.67 33.38
CA GLY D 606 -18.67 20.32 34.02
C GLY D 606 -18.56 21.83 33.99
N MET D 607 -18.94 22.48 35.08
CA MET D 607 -18.86 23.92 35.21
C MET D 607 -17.55 24.30 35.90
N GLY D 608 -17.39 25.61 36.15
CA GLY D 608 -16.20 26.11 36.82
C GLY D 608 -16.46 27.35 37.63
N GLU D 609 -16.07 27.32 38.90
CA GLU D 609 -16.27 28.44 39.82
C GLU D 609 -15.05 28.53 40.74
N LEU D 610 -14.18 29.50 40.48
CA LEU D 610 -13.01 29.72 41.32
C LEU D 610 -12.58 31.18 41.16
N ALA D 611 -12.78 31.97 42.20
CA ALA D 611 -12.42 33.39 42.20
C ALA D 611 -11.24 33.63 43.11
N PHE D 612 -10.88 34.90 43.28
CA PHE D 612 -9.76 35.26 44.13
C PHE D 612 -10.19 35.24 45.60
N GLN D 613 -9.47 34.45 46.40
CA GLN D 613 -9.76 34.34 47.82
C GLN D 613 -8.52 34.66 48.65
N GLU D 614 -8.58 34.42 49.95
CA GLU D 614 -7.47 34.73 50.85
C GLU D 614 -6.32 33.77 50.59
N GLN D 615 -5.29 34.24 49.90
CA GLN D 615 -4.09 33.46 49.59
C GLN D 615 -4.42 32.19 48.82
N LEU D 616 -4.97 32.37 47.62
CA LEU D 616 -5.30 31.22 46.79
C LEU D 616 -4.65 31.26 45.40
N ARG D 617 -4.65 32.42 44.74
CA ARG D 617 -4.12 32.55 43.37
C ARG D 617 -4.80 31.57 42.42
N PHE D 618 -6.10 31.82 42.17
CA PHE D 618 -6.83 31.01 41.20
C PHE D 618 -6.20 31.08 39.82
N ARG D 619 -5.37 32.08 39.56
CA ARG D 619 -4.67 32.19 38.29
C ARG D 619 -3.67 31.04 38.15
N GLY D 620 -4.02 30.04 37.35
CA GLY D 620 -3.19 28.88 37.17
C GLY D 620 -3.93 27.58 37.43
N VAL D 621 -4.81 27.60 38.44
CA VAL D 621 -5.62 26.43 38.73
C VAL D 621 -6.66 26.23 37.63
N VAL D 622 -7.30 27.32 37.21
CA VAL D 622 -8.29 27.27 36.14
C VAL D 622 -7.78 27.92 34.85
N LEU D 623 -6.60 28.53 34.86
CA LEU D 623 -6.06 29.23 33.71
C LEU D 623 -4.84 28.52 33.16
N LEU D 624 -4.24 27.63 33.96
CA LEU D 624 -3.07 26.89 33.50
C LEU D 624 -3.26 25.39 33.66
N LEU D 625 -3.94 24.98 34.74
CA LEU D 625 -4.14 23.54 34.97
C LEU D 625 -5.27 23.00 34.11
N LEU D 626 -6.44 23.62 34.18
CA LEU D 626 -7.56 23.18 33.36
C LEU D 626 -7.32 23.44 31.88
N LEU D 627 -6.41 24.35 31.55
CA LEU D 627 -6.08 24.67 30.17
C LEU D 627 -4.86 23.91 29.67
N ALA D 628 -4.35 22.96 30.44
CA ALA D 628 -3.26 22.10 29.99
C ALA D 628 -3.72 20.64 30.00
N TYR D 629 -4.59 20.29 30.96
CA TYR D 629 -5.13 18.94 31.06
C TYR D 629 -5.76 18.51 29.74
N VAL D 630 -6.83 19.19 29.33
CA VAL D 630 -7.56 18.80 28.13
C VAL D 630 -6.67 18.89 26.90
N LEU D 631 -5.82 19.91 26.84
CA LEU D 631 -4.93 20.07 25.69
C LEU D 631 -4.01 18.86 25.54
N LEU D 632 -3.31 18.48 26.62
CA LEU D 632 -2.37 17.38 26.51
C LEU D 632 -3.08 16.06 26.26
N THR D 633 -4.27 15.88 26.85
CA THR D 633 -5.01 14.65 26.63
C THR D 633 -5.40 14.52 25.16
N TYR D 634 -5.91 15.61 24.58
CA TYR D 634 -6.25 15.57 23.16
C TYR D 634 -5.02 15.30 22.29
N VAL D 635 -3.90 15.96 22.62
CA VAL D 635 -2.68 15.79 21.82
C VAL D 635 -2.21 14.33 21.88
N LEU D 636 -2.23 13.74 23.08
CA LEU D 636 -1.75 12.37 23.21
C LEU D 636 -2.69 11.39 22.53
N LEU D 637 -4.01 11.61 22.64
CA LEU D 637 -4.94 10.67 22.03
C LEU D 637 -4.90 10.74 20.52
N LEU D 638 -4.66 11.93 19.95
CA LEU D 638 -4.53 12.04 18.50
C LEU D 638 -3.34 11.24 17.99
N ASN D 639 -2.17 11.39 18.61
CA ASN D 639 -0.99 10.70 18.13
C ASN D 639 -1.04 9.20 18.41
N MET D 640 -1.59 8.82 19.55
CA MET D 640 -1.83 7.40 19.76
C MET D 640 -3.26 7.07 19.30
N LEU D 641 -3.55 7.56 18.09
CA LEU D 641 -4.62 7.13 17.19
C LEU D 641 -3.95 7.00 15.83
N ILE D 642 -3.06 7.95 15.57
CA ILE D 642 -2.13 7.85 14.45
C ILE D 642 -1.39 6.53 14.54
N ALA D 643 -0.97 6.17 15.76
CA ALA D 643 -0.35 4.87 16.02
C ALA D 643 -1.22 3.72 15.56
N LEU D 644 -2.49 3.73 15.97
CA LEU D 644 -3.38 2.62 15.68
C LEU D 644 -3.58 2.45 14.19
N MET D 645 -3.79 3.56 13.46
CA MET D 645 -3.94 3.40 12.02
C MET D 645 -2.64 2.95 11.37
N SER D 646 -1.49 3.45 11.83
CA SER D 646 -0.21 3.05 11.25
C SER D 646 0.04 1.55 11.44
N GLU D 647 -0.28 1.02 12.61
CA GLU D 647 -0.11 -0.42 12.80
C GLU D 647 -1.16 -1.23 12.05
N THR D 648 -2.36 -0.66 11.82
CA THR D 648 -3.39 -1.44 11.17
C THR D 648 -3.37 -1.35 9.65
N VAL D 649 -2.55 -0.48 9.05
CA VAL D 649 -2.43 -0.51 7.59
C VAL D 649 -1.76 -1.81 7.14
N ASN D 650 -0.94 -2.35 8.04
CA ASN D 650 -0.25 -3.64 7.77
C ASN D 650 -0.82 -4.65 8.75
N HIS D 651 -0.20 -5.83 8.87
CA HIS D 651 -0.66 -6.89 9.81
C HIS D 651 -1.93 -7.57 9.30
N VAL D 652 -2.85 -6.82 8.70
CA VAL D 652 -4.12 -7.38 8.15
C VAL D 652 -3.76 -8.60 7.30
N ALA D 653 -2.87 -8.41 6.31
CA ALA D 653 -2.34 -9.51 5.46
C ALA D 653 -3.47 -10.47 5.14
N ASP D 654 -3.43 -11.66 5.74
CA ASP D 654 -4.54 -12.62 5.58
C ASP D 654 -4.54 -13.43 6.89
N ASN D 655 -3.56 -13.13 7.74
CA ASN D 655 -3.44 -13.92 8.96
C ASN D 655 -4.66 -13.83 9.86
N SER D 656 -5.58 -12.90 9.57
CA SER D 656 -6.77 -12.76 10.41
C SER D 656 -7.63 -14.02 10.39
N TRP D 657 -7.80 -14.61 9.20
CA TRP D 657 -8.53 -15.87 9.10
C TRP D 657 -7.86 -16.96 9.93
N SER D 658 -6.53 -17.04 9.86
CA SER D 658 -5.81 -18.07 10.58
C SER D 658 -5.95 -17.89 12.09
N ILE D 659 -5.80 -16.67 12.59
CA ILE D 659 -5.88 -16.47 14.03
C ILE D 659 -7.31 -16.65 14.53
N TRP D 660 -8.30 -16.25 13.72
CA TRP D 660 -9.69 -16.50 14.08
C TRP D 660 -9.96 -18.00 14.17
N LYS D 661 -9.45 -18.77 13.20
CA LYS D 661 -9.58 -20.22 13.28
C LYS D 661 -8.88 -20.78 14.50
N LEU D 662 -7.73 -20.20 14.86
CA LEU D 662 -7.00 -20.65 16.04
C LEU D 662 -7.79 -20.45 17.31
N GLN D 663 -8.42 -19.29 17.48
CA GLN D 663 -9.19 -19.05 18.69
C GLN D 663 -10.47 -19.87 18.70
N LYS D 664 -11.05 -20.11 17.52
CA LYS D 664 -12.17 -21.05 17.43
C LYS D 664 -11.74 -22.44 17.89
N ALA D 665 -10.54 -22.87 17.49
CA ALA D 665 -10.03 -24.17 17.92
C ALA D 665 -9.81 -24.21 19.42
N ILE D 666 -9.28 -23.12 19.99
CA ILE D 666 -9.09 -23.05 21.44
C ILE D 666 -10.43 -23.21 22.16
N SER D 667 -11.45 -22.49 21.68
CA SER D 667 -12.78 -22.61 22.26
C SER D 667 -13.32 -24.03 22.12
N VAL D 668 -13.09 -24.66 20.97
CA VAL D 668 -13.60 -26.00 20.73
C VAL D 668 -12.98 -26.99 21.71
N LEU D 669 -11.66 -26.94 21.86
CA LEU D 669 -10.99 -27.82 22.82
C LEU D 669 -11.49 -27.55 24.24
N GLU D 670 -11.63 -26.28 24.61
CA GLU D 670 -12.06 -25.96 25.96
C GLU D 670 -13.47 -26.48 26.24
N MET D 671 -14.38 -26.30 25.29
CA MET D 671 -15.74 -26.80 25.49
C MET D 671 -15.78 -28.32 25.51
N GLU D 672 -15.02 -28.98 24.61
CA GLU D 672 -15.02 -30.43 24.59
C GLU D 672 -14.43 -31.00 25.87
N ASN D 673 -13.56 -30.24 26.55
CA ASN D 673 -13.04 -30.70 27.83
C ASN D 673 -14.17 -30.95 28.82
N GLY D 674 -15.18 -30.07 28.83
CA GLY D 674 -16.35 -30.24 29.67
C GLY D 674 -16.37 -29.26 30.82
N TYR D 675 -17.47 -29.31 31.57
CA TYR D 675 -17.65 -28.44 32.73
C TYR D 675 -16.86 -28.96 33.92
N TRP D 676 -16.79 -28.14 34.96
CA TRP D 676 -16.11 -28.53 36.19
C TRP D 676 -16.94 -29.52 36.99
N TRP D 677 -18.26 -29.31 37.06
CA TRP D 677 -19.09 -30.12 37.95
C TRP D 677 -19.36 -31.50 37.36
N CYS D 678 -19.48 -31.59 36.03
CA CYS D 678 -19.69 -32.85 35.35
C CYS D 678 -18.60 -33.07 34.31
N ARG D 679 -18.18 -34.32 34.17
CA ARG D 679 -17.19 -34.70 33.17
C ARG D 679 -17.92 -35.29 31.96
N ARG D 680 -17.80 -34.62 30.82
CA ARG D 680 -18.50 -35.05 29.63
C ARG D 680 -17.79 -36.25 29.01
N LYS D 681 -18.52 -36.97 28.17
CA LYS D 681 -17.98 -38.11 27.45
C LYS D 681 -17.27 -37.59 26.19
N LYS D 682 -16.68 -38.50 25.42
CA LYS D 682 -15.95 -38.13 24.22
C LYS D 682 -16.51 -38.90 23.03
N HIS D 683 -16.26 -38.37 21.84
CA HIS D 683 -16.75 -38.96 20.60
C HIS D 683 -15.60 -39.00 19.60
N ARG D 684 -15.28 -40.20 19.13
CA ARG D 684 -14.15 -40.39 18.23
C ARG D 684 -14.57 -40.13 16.79
N GLU D 685 -13.70 -39.48 16.03
CA GLU D 685 -13.94 -39.25 14.60
C GLU D 685 -13.44 -40.44 13.79
N GLY D 686 -14.25 -40.86 12.83
CA GLY D 686 -13.86 -41.93 11.93
C GLY D 686 -14.08 -43.31 12.55
N ARG D 687 -13.86 -44.34 11.74
CA ARG D 687 -13.99 -45.71 12.17
C ARG D 687 -12.82 -46.53 11.60
N LEU D 688 -12.75 -47.79 12.01
CA LEU D 688 -11.61 -48.64 11.72
C LEU D 688 -11.58 -49.15 10.28
N LEU D 689 -11.18 -48.30 9.33
CA LEU D 689 -11.02 -48.74 7.95
C LEU D 689 -9.64 -49.36 7.79
N LYS D 690 -9.56 -50.69 7.79
CA LYS D 690 -8.29 -51.38 7.59
C LYS D 690 -7.86 -51.25 6.14
N VAL D 691 -6.66 -50.70 5.92
CA VAL D 691 -6.15 -50.49 4.58
C VAL D 691 -4.80 -51.16 4.43
N GLY D 692 -4.55 -52.19 5.23
CA GLY D 692 -3.29 -52.90 5.18
C GLY D 692 -3.26 -54.02 6.20
N THR D 693 -2.12 -54.69 6.25
CA THR D 693 -1.93 -55.80 7.18
C THR D 693 -1.94 -55.34 8.63
N ARG D 702 -6.71 -49.63 12.12
CA ARG D 702 -6.10 -48.32 11.88
C ARG D 702 -7.19 -47.25 11.76
N TRP D 703 -7.30 -46.41 12.77
CA TRP D 703 -8.27 -45.32 12.80
C TRP D 703 -7.99 -44.35 11.66
N CYS D 704 -8.97 -44.15 10.79
CA CYS D 704 -8.84 -43.25 9.66
C CYS D 704 -10.09 -42.39 9.56
N PHE D 705 -9.93 -41.21 8.98
CA PHE D 705 -11.02 -40.25 8.85
C PHE D 705 -11.03 -39.73 7.42
N ARG D 706 -12.22 -39.72 6.82
CA ARG D 706 -12.36 -39.43 5.39
C ARG D 706 -12.40 -37.94 5.12
N VAL D 707 -12.13 -37.57 3.87
CA VAL D 707 -12.25 -36.19 3.43
C VAL D 707 -12.51 -36.18 1.93
N GLU D 708 -13.32 -35.23 1.49
CA GLU D 708 -13.54 -35.00 0.06
C GLU D 708 -12.76 -33.76 -0.36
N GLU D 709 -11.86 -33.92 -1.31
CA GLU D 709 -10.99 -32.87 -1.77
C GLU D 709 -11.33 -32.50 -3.21
N VAL D 710 -11.41 -31.20 -3.47
CA VAL D 710 -11.67 -30.69 -4.82
C VAL D 710 -10.58 -29.69 -5.18
N ASN D 711 -9.98 -29.87 -6.36
CA ASN D 711 -8.97 -28.94 -6.85
C ASN D 711 -8.95 -29.07 -8.38
N TRP D 712 -9.61 -28.13 -9.05
CA TRP D 712 -9.63 -28.15 -10.51
C TRP D 712 -8.23 -27.96 -11.10
N ALA D 713 -7.45 -27.05 -10.52
CA ALA D 713 -6.12 -26.74 -11.05
C ALA D 713 -5.10 -27.82 -10.75
N ALA D 714 -5.40 -28.76 -9.86
CA ALA D 714 -4.42 -29.81 -9.53
C ALA D 714 -4.13 -30.69 -10.73
N TRP D 715 -5.14 -31.05 -11.50
CA TRP D 715 -5.01 -31.96 -12.63
C TRP D 715 -5.26 -31.19 -13.92
N GLU D 716 -4.40 -31.40 -14.91
CA GLU D 716 -4.53 -30.73 -16.20
C GLU D 716 -4.05 -31.64 -17.32
#